data_8D65
#
_entry.id   8D65
#
_cell.length_a   1.00
_cell.length_b   1.00
_cell.length_c   1.00
_cell.angle_alpha   90.00
_cell.angle_beta   90.00
_cell.angle_gamma   90.00
#
_symmetry.space_group_name_H-M   'P 1'
#
loop_
_entity.id
_entity.type
_entity.pdbx_description
1 polymer 'Erwinia ligand-gated ion channel'
2 non-polymer '(1R)-2-{[(S)-{[(2S)-2,3-dihydroxypropyl]oxy}(hydroxy)phosphoryl]oxy}-1-[(hexadecanoyloxy)methyl]ethyl (9Z)-octadec-9-enoate'
#
_entity_poly.entity_id   1
_entity_poly.type   'polypeptide(L)'
_entity_poly.pdbx_seq_one_letter_code
;APADNAADARPVDVSVSIFINKIYGVNTLEQTYKVDGYIVAQWTGKPRKTPGDKPLIVENTQIERWINNGLWVPALEFIN
VVGSPDTGNKRLMLFPDGRVIYNARFLGSFSNDMDFRLFPFDRQQFVLELEPFSYNNQQLRFSDIQVYTENIDNEEIDEW
WIRGKASTHISDIRYDHLSSVQPNQNEFSRITVRIDAVRNPSYYLWSFILPLGLIIAASWSVFWLESFSERLQTSFTLML
TVVAYAFYTSNILPRLPYTTVIDQMIIAGYGSIFAAILLIIFAHHRQANGVEDDLLIQRCRLAFPLGFLAIGCVLVIRGI
TL
;
_entity_poly.pdbx_strand_id   A,B,C,D,E
#
# COMPACT_ATOMS: atom_id res chain seq x y z
N PRO A 11 -8.31 -29.92 -38.01
CA PRO A 11 -7.95 -28.67 -37.31
C PRO A 11 -8.99 -27.58 -37.47
N VAL A 12 -9.40 -26.99 -36.37
CA VAL A 12 -10.38 -25.92 -36.37
C VAL A 12 -9.66 -24.58 -36.52
N ASP A 13 -10.18 -23.73 -37.38
CA ASP A 13 -9.56 -22.44 -37.67
C ASP A 13 -10.23 -21.37 -36.81
N VAL A 14 -9.53 -20.91 -35.79
CA VAL A 14 -10.05 -19.92 -34.87
C VAL A 14 -9.58 -18.54 -35.29
N SER A 15 -10.50 -17.57 -35.32
CA SER A 15 -10.18 -16.22 -35.78
C SER A 15 -10.33 -15.23 -34.64
N VAL A 16 -9.22 -14.76 -34.10
CA VAL A 16 -9.22 -13.93 -32.91
C VAL A 16 -9.26 -12.45 -33.28
N SER A 17 -9.80 -11.63 -32.39
CA SER A 17 -9.75 -10.18 -32.53
C SER A 17 -9.68 -9.59 -31.13
N ILE A 18 -8.71 -8.73 -30.87
CA ILE A 18 -8.46 -8.19 -29.54
C ILE A 18 -8.65 -6.69 -29.57
N PHE A 19 -9.55 -6.19 -28.73
CA PHE A 19 -9.77 -4.76 -28.57
C PHE A 19 -9.09 -4.32 -27.28
N ILE A 20 -8.06 -3.48 -27.40
CA ILE A 20 -7.34 -3.00 -26.22
C ILE A 20 -7.98 -1.70 -25.78
N ASN A 21 -8.68 -1.73 -24.65
CA ASN A 21 -9.29 -0.51 -24.14
C ASN A 21 -8.25 0.39 -23.50
N LYS A 22 -7.52 -0.12 -22.50
CA LYS A 22 -6.53 0.76 -21.89
C LYS A 22 -5.35 -0.04 -21.32
N ILE A 23 -4.19 0.59 -21.34
CA ILE A 23 -2.94 0.04 -20.83
C ILE A 23 -2.40 1.00 -19.77
N TYR A 24 -2.12 0.48 -18.58
CA TYR A 24 -1.73 1.37 -17.49
C TYR A 24 -0.98 0.57 -16.44
N GLY A 25 -0.68 1.23 -15.32
CA GLY A 25 -0.19 0.57 -14.12
C GLY A 25 1.14 -0.13 -14.27
N VAL A 26 2.10 0.50 -14.97
CA VAL A 26 3.37 -0.16 -15.24
C VAL A 26 4.17 -0.27 -13.96
N ASN A 27 4.39 -1.51 -13.51
CA ASN A 27 5.17 -1.78 -12.31
C ASN A 27 6.58 -2.08 -12.74
N THR A 28 7.53 -1.25 -12.30
CA THR A 28 8.89 -1.35 -12.83
C THR A 28 9.68 -2.45 -12.14
N LEU A 29 9.30 -2.81 -10.92
CA LEU A 29 10.08 -3.79 -10.17
C LEU A 29 9.65 -5.22 -10.49
N GLU A 30 8.34 -5.44 -10.66
CA GLU A 30 7.83 -6.74 -11.06
C GLU A 30 7.81 -6.91 -12.56
N GLN A 31 8.05 -5.83 -13.32
CA GLN A 31 8.03 -5.82 -14.78
C GLN A 31 6.67 -6.23 -15.34
N THR A 32 5.60 -5.83 -14.68
CA THR A 32 4.24 -6.10 -15.11
C THR A 32 3.56 -4.80 -15.54
N TYR A 33 2.39 -4.96 -16.16
CA TYR A 33 1.58 -3.84 -16.60
C TYR A 33 0.17 -4.35 -16.80
N LYS A 34 -0.84 -3.52 -16.53
CA LYS A 34 -2.20 -3.96 -16.60
C LYS A 34 -2.82 -3.57 -17.93
N VAL A 35 -3.50 -4.53 -18.56
CA VAL A 35 -4.20 -4.33 -19.81
C VAL A 35 -5.68 -4.64 -19.57
N ASP A 36 -6.55 -3.81 -20.15
CA ASP A 36 -7.98 -3.99 -20.01
C ASP A 36 -8.58 -3.93 -21.40
N GLY A 37 -9.43 -4.89 -21.73
CA GLY A 37 -10.01 -4.91 -23.06
C GLY A 37 -10.86 -6.13 -23.30
N TYR A 38 -11.23 -6.34 -24.56
CA TYR A 38 -12.07 -7.45 -24.98
C TYR A 38 -11.25 -8.47 -25.76
N ILE A 39 -11.88 -9.63 -26.02
CA ILE A 39 -11.30 -10.64 -26.88
C ILE A 39 -12.41 -11.45 -27.54
N VAL A 40 -12.38 -11.56 -28.86
CA VAL A 40 -13.46 -12.14 -29.64
C VAL A 40 -12.88 -13.26 -30.48
N ALA A 41 -13.16 -14.51 -30.11
CA ALA A 41 -12.77 -15.65 -30.93
C ALA A 41 -13.96 -16.12 -31.74
N GLN A 42 -13.71 -16.79 -32.86
CA GLN A 42 -14.78 -17.16 -33.76
C GLN A 42 -14.37 -18.37 -34.56
N TRP A 43 -15.22 -19.39 -34.59
CA TRP A 43 -14.92 -20.58 -35.38
C TRP A 43 -16.20 -21.13 -35.98
N THR A 44 -16.07 -22.25 -36.67
CA THR A 44 -17.19 -22.88 -37.37
C THR A 44 -17.30 -24.33 -36.96
N GLY A 45 -18.46 -24.71 -36.42
CA GLY A 45 -18.66 -26.07 -35.96
C GLY A 45 -19.69 -26.83 -36.75
N LYS A 46 -20.63 -27.45 -36.05
CA LYS A 46 -21.71 -28.16 -36.72
C LYS A 46 -22.94 -27.26 -36.85
N PRO A 47 -23.76 -27.44 -37.88
CA PRO A 47 -25.01 -26.69 -37.95
C PRO A 47 -25.97 -27.14 -36.85
N ARG A 48 -26.87 -26.25 -36.47
CA ARG A 48 -27.79 -26.54 -35.39
C ARG A 48 -29.10 -25.81 -35.62
N LYS A 49 -30.12 -26.22 -34.88
CA LYS A 49 -31.45 -25.61 -34.96
C LYS A 49 -31.66 -24.75 -33.73
N THR A 50 -31.82 -23.45 -33.95
CA THR A 50 -32.02 -22.49 -32.87
C THR A 50 -33.49 -22.09 -32.84
N PRO A 51 -33.97 -21.42 -31.78
CA PRO A 51 -35.32 -20.85 -31.82
C PRO A 51 -35.51 -19.87 -32.97
N GLY A 52 -36.36 -20.25 -33.93
CA GLY A 52 -36.49 -19.47 -35.14
C GLY A 52 -35.29 -19.66 -36.06
N ASP A 53 -34.97 -18.62 -36.80
CA ASP A 53 -33.77 -18.58 -37.62
C ASP A 53 -32.71 -17.68 -37.03
N LYS A 54 -33.08 -16.79 -36.12
CA LYS A 54 -32.17 -15.81 -35.57
C LYS A 54 -31.10 -16.48 -34.70
N PRO A 55 -29.92 -15.88 -34.58
CA PRO A 55 -28.85 -16.46 -33.76
C PRO A 55 -29.22 -16.43 -32.29
N LEU A 56 -28.90 -17.53 -31.60
CA LEU A 56 -29.15 -17.64 -30.17
C LEU A 56 -27.98 -17.05 -29.41
N ILE A 57 -28.29 -16.24 -28.38
CA ILE A 57 -27.22 -15.58 -27.56
C ILE A 57 -27.25 -16.17 -26.14
N VAL A 58 -26.11 -16.70 -25.69
CA VAL A 58 -25.96 -17.29 -24.33
C VAL A 58 -25.05 -16.35 -23.55
N GLU A 59 -25.48 -15.90 -22.37
CA GLU A 59 -24.64 -14.91 -21.63
C GLU A 59 -24.28 -15.38 -20.22
N ASN A 60 -23.01 -15.16 -19.85
CA ASN A 60 -22.45 -15.46 -18.54
C ASN A 60 -22.55 -16.89 -18.04
N THR A 61 -23.40 -17.11 -17.03
CA THR A 61 -23.60 -18.40 -16.38
C THR A 61 -24.31 -19.43 -17.23
N GLN A 62 -24.94 -18.97 -18.30
CA GLN A 62 -25.64 -19.89 -19.20
C GLN A 62 -24.68 -20.85 -19.86
N ILE A 63 -23.51 -20.34 -20.23
CA ILE A 63 -22.48 -21.15 -20.86
C ILE A 63 -22.20 -22.46 -20.15
N GLU A 64 -21.92 -22.43 -18.84
CA GLU A 64 -21.64 -23.69 -18.16
C GLU A 64 -22.80 -24.67 -18.21
N ARG A 65 -23.99 -24.24 -18.60
CA ARG A 65 -25.07 -25.16 -18.88
C ARG A 65 -25.01 -25.71 -20.29
N TRP A 66 -24.25 -25.07 -21.19
CA TRP A 66 -24.10 -25.57 -22.54
C TRP A 66 -22.89 -26.46 -22.69
N ILE A 67 -21.84 -26.24 -21.91
CA ILE A 67 -20.65 -27.09 -21.98
C ILE A 67 -20.93 -28.45 -21.35
N ASN A 68 -21.79 -28.50 -20.34
CA ASN A 68 -22.21 -29.78 -19.79
C ASN A 68 -23.00 -30.59 -20.79
N ASN A 69 -23.70 -29.93 -21.71
CA ASN A 69 -24.43 -30.59 -22.77
C ASN A 69 -23.58 -30.85 -24.00
N GLY A 70 -22.26 -30.79 -23.86
CA GLY A 70 -21.37 -31.21 -24.92
C GLY A 70 -20.93 -30.17 -25.91
N LEU A 71 -21.18 -28.89 -25.64
CA LEU A 71 -20.68 -27.85 -26.54
C LEU A 71 -19.17 -27.74 -26.41
N TRP A 72 -18.50 -27.57 -27.54
CA TRP A 72 -17.05 -27.49 -27.59
C TRP A 72 -16.64 -26.03 -27.59
N VAL A 73 -16.13 -25.57 -26.45
CA VAL A 73 -15.59 -24.21 -26.34
C VAL A 73 -14.17 -24.33 -25.83
N PRO A 74 -13.15 -23.93 -26.60
CA PRO A 74 -11.78 -24.05 -26.12
C PRO A 74 -11.46 -22.99 -25.10
N ALA A 75 -10.39 -23.21 -24.37
CA ALA A 75 -9.92 -22.27 -23.36
C ALA A 75 -8.63 -21.66 -23.88
N LEU A 76 -8.72 -20.42 -24.35
CA LEU A 76 -7.56 -19.68 -24.81
C LEU A 76 -6.95 -18.94 -23.64
N GLU A 77 -5.72 -19.27 -23.29
CA GLU A 77 -5.06 -18.65 -22.17
C GLU A 77 -4.03 -17.65 -22.65
N PHE A 78 -3.75 -16.68 -21.79
CA PHE A 78 -2.68 -15.72 -22.05
C PHE A 78 -1.40 -16.29 -21.45
N ILE A 79 -0.36 -16.41 -22.29
CA ILE A 79 0.85 -17.08 -21.85
C ILE A 79 1.59 -16.27 -20.79
N ASN A 80 1.66 -14.96 -20.98
CA ASN A 80 2.47 -14.11 -20.11
C ASN A 80 1.66 -13.40 -19.04
N VAL A 81 0.43 -13.83 -18.79
CA VAL A 81 -0.34 -13.24 -17.71
C VAL A 81 0.24 -13.68 -16.37
N VAL A 82 -0.04 -12.91 -15.34
CA VAL A 82 0.39 -13.22 -13.98
C VAL A 82 -0.88 -13.45 -13.17
N GLY A 83 -1.11 -14.70 -12.77
CA GLY A 83 -2.31 -15.01 -12.02
C GLY A 83 -3.41 -15.51 -12.90
N SER A 84 -4.57 -14.83 -12.86
CA SER A 84 -5.69 -15.14 -13.72
C SER A 84 -6.41 -13.84 -14.01
N PRO A 85 -6.83 -13.61 -15.25
CA PRO A 85 -7.54 -12.36 -15.57
C PRO A 85 -8.89 -12.29 -14.89
N ASP A 86 -9.28 -11.07 -14.52
CA ASP A 86 -10.57 -10.83 -13.88
C ASP A 86 -11.63 -10.73 -14.97
N THR A 87 -12.06 -11.90 -15.44
CA THR A 87 -13.04 -11.99 -16.53
C THR A 87 -14.37 -11.43 -16.07
N GLY A 88 -14.84 -10.40 -16.77
CA GLY A 88 -16.13 -9.80 -16.47
C GLY A 88 -17.22 -10.54 -17.21
N ASN A 89 -17.96 -9.84 -18.06
CA ASN A 89 -19.00 -10.52 -18.83
C ASN A 89 -18.36 -11.37 -19.93
N LYS A 90 -19.16 -12.30 -20.46
CA LYS A 90 -18.76 -13.15 -21.57
C LYS A 90 -20.02 -13.73 -22.18
N ARG A 91 -19.93 -14.12 -23.44
CA ARG A 91 -21.12 -14.59 -24.14
C ARG A 91 -20.76 -15.42 -25.35
N LEU A 92 -21.72 -16.20 -25.81
CA LEU A 92 -21.56 -17.06 -26.96
C LEU A 92 -22.70 -16.81 -27.91
N MET A 93 -22.40 -16.50 -29.16
CA MET A 93 -23.47 -16.29 -30.11
C MET A 93 -23.40 -17.45 -31.09
N LEU A 94 -24.50 -18.18 -31.22
CA LEU A 94 -24.54 -19.34 -32.09
C LEU A 94 -25.46 -19.09 -33.27
N PHE A 95 -24.96 -19.33 -34.47
CA PHE A 95 -25.74 -19.12 -35.68
C PHE A 95 -26.19 -20.45 -36.26
N PRO A 96 -27.42 -20.50 -36.78
CA PRO A 96 -28.01 -21.71 -37.39
C PRO A 96 -27.04 -22.33 -38.37
N ASP A 97 -26.31 -21.49 -39.10
CA ASP A 97 -25.29 -21.95 -40.08
C ASP A 97 -24.35 -22.95 -39.39
N GLY A 98 -23.89 -22.61 -38.18
CA GLY A 98 -22.97 -23.50 -37.43
C GLY A 98 -21.75 -22.75 -36.92
N ARG A 99 -21.71 -21.44 -37.14
CA ARG A 99 -20.57 -20.59 -36.71
C ARG A 99 -20.84 -20.04 -35.29
N VAL A 100 -19.85 -20.17 -34.39
CA VAL A 100 -19.98 -19.72 -32.98
C VAL A 100 -19.03 -18.55 -32.74
N ILE A 101 -19.45 -17.57 -31.94
CA ILE A 101 -18.60 -16.38 -31.61
C ILE A 101 -18.50 -16.26 -30.09
N TYR A 102 -17.28 -16.34 -29.53
CA TYR A 102 -17.09 -16.24 -28.09
C TYR A 102 -16.44 -14.89 -27.79
N ASN A 103 -17.19 -14.01 -27.15
CA ASN A 103 -16.74 -12.65 -26.87
C ASN A 103 -16.65 -12.48 -25.36
N ALA A 104 -15.45 -12.18 -24.86
CA ALA A 104 -15.24 -12.04 -23.44
C ALA A 104 -14.49 -10.74 -23.15
N ARG A 105 -14.48 -10.35 -21.88
CA ARG A 105 -13.85 -9.13 -21.45
C ARG A 105 -12.86 -9.44 -20.33
N PHE A 106 -11.62 -8.97 -20.47
CA PHE A 106 -10.56 -9.31 -19.55
C PHE A 106 -9.89 -8.06 -18.99
N LEU A 107 -9.37 -8.23 -17.77
CA LEU A 107 -8.44 -7.26 -17.17
C LEU A 107 -7.29 -8.08 -16.59
N GLY A 108 -6.11 -7.94 -17.18
CA GLY A 108 -5.01 -8.78 -16.78
C GLY A 108 -3.74 -8.05 -16.40
N SER A 109 -2.94 -8.67 -15.52
CA SER A 109 -1.68 -8.10 -15.07
C SER A 109 -0.55 -8.81 -15.81
N PHE A 110 -0.29 -8.36 -17.02
CA PHE A 110 0.61 -9.05 -17.92
C PHE A 110 2.06 -8.76 -17.56
N SER A 111 2.98 -9.59 -18.04
CA SER A 111 4.39 -9.42 -17.71
C SER A 111 5.23 -9.51 -18.97
N ASN A 112 6.33 -8.74 -18.99
CA ASN A 112 7.23 -8.68 -20.12
C ASN A 112 8.64 -8.44 -19.60
N ASP A 113 9.59 -8.37 -20.52
CA ASP A 113 11.00 -8.12 -20.19
C ASP A 113 11.33 -6.68 -20.54
N MET A 114 11.23 -5.80 -19.56
CA MET A 114 11.38 -4.37 -19.76
C MET A 114 12.77 -3.90 -19.35
N ASP A 115 13.21 -2.81 -19.96
CA ASP A 115 14.58 -2.31 -19.81
C ASP A 115 14.48 -0.81 -19.55
N PHE A 116 14.50 -0.43 -18.28
CA PHE A 116 14.37 0.96 -17.88
C PHE A 116 15.70 1.67 -17.76
N ARG A 117 16.72 1.25 -18.51
CA ARG A 117 18.06 1.76 -18.29
C ARG A 117 18.27 3.18 -18.80
N LEU A 118 17.32 3.74 -19.54
CA LEU A 118 17.32 5.16 -19.88
C LEU A 118 15.96 5.67 -19.44
N PHE A 119 15.84 6.01 -18.16
CA PHE A 119 14.51 6.00 -17.56
C PHE A 119 13.56 7.10 -18.04
N PRO A 120 13.88 8.39 -17.97
CA PRO A 120 12.87 9.37 -18.40
C PRO A 120 12.65 9.37 -19.89
N PHE A 121 13.64 8.95 -20.67
CA PHE A 121 13.59 8.94 -22.12
C PHE A 121 13.39 7.51 -22.63
N ASP A 122 12.54 6.77 -21.92
CA ASP A 122 12.34 5.36 -22.10
C ASP A 122 11.68 5.05 -23.43
N ARG A 123 11.67 3.76 -23.78
CA ARG A 123 10.97 3.28 -24.97
C ARG A 123 10.65 1.81 -24.76
N GLN A 124 9.42 1.49 -24.40
CA GLN A 124 9.04 0.13 -24.10
C GLN A 124 8.12 -0.43 -25.18
N GLN A 125 7.90 -1.73 -25.11
CA GLN A 125 6.86 -2.35 -25.91
C GLN A 125 6.09 -3.32 -25.04
N PHE A 126 4.78 -3.35 -25.24
CA PHE A 126 3.86 -4.13 -24.45
C PHE A 126 3.41 -5.33 -25.27
N VAL A 127 3.57 -6.53 -24.71
CA VAL A 127 3.35 -7.77 -25.42
C VAL A 127 2.18 -8.52 -24.80
N LEU A 128 1.28 -9.00 -25.64
CA LEU A 128 0.22 -9.91 -25.26
C LEU A 128 0.40 -11.20 -26.06
N GLU A 129 0.57 -12.31 -25.36
CA GLU A 129 0.71 -13.60 -26.01
C GLU A 129 -0.49 -14.45 -25.67
N LEU A 130 -0.97 -15.22 -26.63
CA LEU A 130 -2.21 -15.96 -26.52
C LEU A 130 -2.05 -17.33 -27.13
N GLU A 131 -2.62 -18.34 -26.50
CA GLU A 131 -2.37 -19.71 -26.94
C GLU A 131 -3.46 -20.63 -26.41
N PRO A 132 -3.88 -21.64 -27.16
CA PRO A 132 -4.79 -22.64 -26.60
C PRO A 132 -4.15 -23.37 -25.44
N PHE A 133 -4.96 -23.70 -24.44
CA PHE A 133 -4.39 -24.32 -23.27
C PHE A 133 -4.10 -25.80 -23.49
N SER A 134 -4.86 -26.47 -24.33
CA SER A 134 -4.76 -27.92 -24.45
C SER A 134 -4.64 -28.45 -25.87
N TYR A 135 -5.15 -27.76 -26.87
CA TYR A 135 -5.24 -28.30 -28.21
C TYR A 135 -4.03 -27.84 -29.03
N ASN A 136 -3.30 -28.78 -29.59
CA ASN A 136 -2.14 -28.44 -30.40
C ASN A 136 -2.59 -28.01 -31.80
N ASN A 137 -1.64 -27.68 -32.65
CA ASN A 137 -1.96 -27.09 -33.94
C ASN A 137 -2.44 -28.10 -34.96
N GLN A 138 -2.60 -29.36 -34.58
CA GLN A 138 -3.32 -30.33 -35.41
C GLN A 138 -4.79 -30.44 -35.04
N GLN A 139 -5.21 -29.79 -33.95
CA GLN A 139 -6.61 -29.78 -33.56
C GLN A 139 -7.20 -28.38 -33.45
N LEU A 140 -6.37 -27.34 -33.38
CA LEU A 140 -6.87 -25.97 -33.28
C LEU A 140 -5.74 -25.05 -33.72
N ARG A 141 -5.91 -24.37 -34.85
CA ARG A 141 -4.93 -23.42 -35.30
C ARG A 141 -5.59 -22.07 -35.50
N PHE A 142 -4.83 -21.01 -35.26
CA PHE A 142 -5.35 -19.67 -35.45
C PHE A 142 -5.22 -19.28 -36.91
N SER A 143 -6.21 -18.54 -37.41
CA SER A 143 -6.25 -18.15 -38.82
C SER A 143 -5.78 -16.74 -39.06
N ASP A 144 -6.19 -15.77 -38.24
CA ASP A 144 -5.70 -14.42 -38.34
C ASP A 144 -5.87 -13.75 -36.98
N ILE A 145 -5.54 -12.47 -36.92
CA ILE A 145 -5.83 -11.65 -35.75
C ILE A 145 -5.84 -10.19 -36.18
N GLN A 146 -6.88 -9.47 -35.73
CA GLN A 146 -6.94 -8.02 -35.85
C GLN A 146 -6.88 -7.42 -34.46
N VAL A 147 -6.09 -6.36 -34.30
CA VAL A 147 -5.99 -5.64 -33.04
C VAL A 147 -6.53 -4.24 -33.25
N TYR A 148 -7.51 -3.85 -32.44
CA TYR A 148 -8.12 -2.50 -32.53
C TYR A 148 -7.74 -1.68 -31.31
N THR A 149 -6.92 -0.64 -31.50
CA THR A 149 -6.44 0.23 -30.38
C THR A 149 -6.90 1.68 -30.61
N GLU A 150 -8.10 1.87 -31.16
CA GLU A 150 -8.62 3.23 -31.45
C GLU A 150 -8.74 4.04 -30.16
N ASN A 151 -9.19 3.40 -29.07
CA ASN A 151 -9.45 4.12 -27.78
C ASN A 151 -8.19 4.77 -27.21
N ILE A 152 -7.05 4.10 -27.21
CA ILE A 152 -5.81 4.66 -26.63
C ILE A 152 -5.21 5.90 -27.34
N ASP A 153 -5.34 7.06 -26.70
CA ASP A 153 -4.83 8.35 -27.20
C ASP A 153 -3.35 8.71 -26.99
N ASN A 154 -2.86 9.66 -27.80
CA ASN A 154 -1.48 10.15 -27.81
C ASN A 154 -1.20 11.51 -27.10
N GLU A 155 -2.22 12.09 -26.47
CA GLU A 155 -2.06 13.41 -25.82
C GLU A 155 -1.04 13.57 -24.67
N GLU A 156 -0.77 14.82 -24.31
CA GLU A 156 0.14 15.19 -23.17
C GLU A 156 -0.32 14.57 -21.86
N ILE A 157 -1.64 14.47 -21.63
CA ILE A 157 -2.18 13.95 -20.34
C ILE A 157 -1.72 12.50 -20.08
N ASP A 158 -1.74 11.63 -21.10
CA ASP A 158 -1.36 10.21 -20.92
C ASP A 158 0.14 10.11 -20.58
N GLU A 159 0.54 9.13 -19.75
CA GLU A 159 1.98 8.99 -19.44
C GLU A 159 2.73 8.29 -20.56
N TRP A 160 2.04 7.49 -21.39
CA TRP A 160 2.67 6.77 -22.48
C TRP A 160 2.07 7.19 -23.80
N TRP A 161 2.92 7.53 -24.76
CA TRP A 161 2.50 7.81 -26.13
C TRP A 161 2.62 6.52 -26.92
N ILE A 162 1.50 6.08 -27.48
CA ILE A 162 1.50 4.88 -28.32
C ILE A 162 1.88 5.27 -29.73
N ARG A 163 2.94 4.66 -30.26
CA ARG A 163 3.50 5.04 -31.55
C ARG A 163 3.11 4.00 -32.59
N GLY A 164 2.07 4.31 -33.37
CA GLY A 164 1.64 3.44 -34.44
C GLY A 164 0.77 2.29 -33.96
N LYS A 165 0.25 1.54 -34.92
CA LYS A 165 -0.65 0.46 -34.62
C LYS A 165 0.13 -0.74 -34.07
N ALA A 166 -0.61 -1.77 -33.66
CA ALA A 166 -0.01 -2.95 -33.07
C ALA A 166 0.58 -3.85 -34.15
N SER A 167 1.53 -4.68 -33.76
CA SER A 167 2.14 -5.65 -34.65
C SER A 167 1.77 -7.05 -34.17
N THR A 168 1.11 -7.80 -35.03
CA THR A 168 0.62 -9.12 -34.69
C THR A 168 1.45 -10.19 -35.38
N HIS A 169 1.35 -11.41 -34.87
CA HIS A 169 2.22 -12.49 -35.32
C HIS A 169 1.58 -13.82 -34.94
N ILE A 170 1.65 -14.79 -35.84
CA ILE A 170 1.10 -16.13 -35.59
C ILE A 170 2.21 -17.14 -35.85
N SER A 171 2.75 -17.71 -34.79
CA SER A 171 3.86 -18.64 -34.89
C SER A 171 3.45 -20.01 -34.34
N ASP A 172 4.38 -20.96 -34.35
CA ASP A 172 4.11 -22.32 -33.90
C ASP A 172 5.19 -22.72 -32.90
N ILE A 173 4.85 -22.64 -31.61
CA ILE A 173 5.79 -22.98 -30.57
C ILE A 173 5.93 -24.49 -30.46
N ARG A 174 7.13 -24.97 -30.14
CA ARG A 174 7.38 -26.39 -29.95
C ARG A 174 7.76 -26.66 -28.50
N TYR A 175 7.12 -27.66 -27.91
CA TYR A 175 7.41 -28.10 -26.54
C TYR A 175 7.96 -29.51 -26.59
N ASP A 176 9.22 -29.67 -26.17
CA ASP A 176 9.85 -30.99 -26.23
C ASP A 176 9.40 -31.90 -25.10
N HIS A 177 8.93 -31.34 -23.98
CA HIS A 177 8.56 -32.13 -22.82
C HIS A 177 7.33 -33.00 -23.04
N LEU A 178 6.52 -32.71 -24.06
CA LEU A 178 5.41 -33.58 -24.43
C LEU A 178 5.83 -34.67 -25.40
N SER A 179 7.14 -34.85 -25.62
CA SER A 179 7.61 -35.91 -26.50
C SER A 179 7.40 -37.29 -25.93
N SER A 180 7.28 -37.39 -24.60
CA SER A 180 7.11 -38.68 -23.95
C SER A 180 5.67 -39.18 -23.96
N VAL A 181 4.70 -38.28 -23.94
CA VAL A 181 3.30 -38.68 -23.89
C VAL A 181 2.56 -38.44 -25.19
N GLN A 182 3.06 -37.57 -26.08
CA GLN A 182 2.40 -37.28 -27.35
C GLN A 182 3.45 -37.02 -28.41
N PRO A 183 3.92 -38.07 -29.08
CA PRO A 183 4.87 -37.88 -30.17
C PRO A 183 4.18 -37.33 -31.41
N ASN A 184 4.98 -36.62 -32.22
CA ASN A 184 4.64 -36.10 -33.55
C ASN A 184 3.60 -34.97 -33.53
N GLN A 185 3.04 -34.66 -32.37
CA GLN A 185 2.03 -33.60 -32.24
C GLN A 185 2.33 -32.85 -30.95
N ASN A 186 3.19 -31.84 -31.04
CA ASN A 186 3.47 -31.01 -29.87
C ASN A 186 3.61 -29.54 -30.22
N GLU A 187 3.32 -29.15 -31.46
CA GLU A 187 3.40 -27.77 -31.89
C GLU A 187 2.09 -27.07 -31.55
N PHE A 188 2.18 -25.94 -30.85
CA PHE A 188 1.02 -25.17 -30.42
C PHE A 188 0.99 -23.85 -31.16
N SER A 189 -0.18 -23.47 -31.65
CA SER A 189 -0.28 -22.24 -32.43
C SER A 189 -0.43 -21.05 -31.51
N ARG A 190 0.52 -20.11 -31.58
CA ARG A 190 0.51 -18.93 -30.67
C ARG A 190 0.33 -17.62 -31.45
N ILE A 191 -0.46 -16.69 -30.91
CA ILE A 191 -0.70 -15.34 -31.52
C ILE A 191 -0.02 -14.30 -30.63
N THR A 192 0.86 -13.47 -31.20
CA THR A 192 1.59 -12.45 -30.40
C THR A 192 1.14 -11.04 -30.80
N VAL A 193 1.17 -10.10 -29.86
CA VAL A 193 0.74 -8.73 -30.13
C VAL A 193 1.72 -7.78 -29.45
N ARG A 194 2.30 -6.86 -30.20
CA ARG A 194 3.26 -5.90 -29.66
C ARG A 194 2.74 -4.48 -29.90
N ILE A 195 2.78 -3.67 -28.86
CA ILE A 195 2.32 -2.28 -28.91
C ILE A 195 3.45 -1.41 -28.39
N ASP A 196 4.04 -0.60 -29.25
CA ASP A 196 5.17 0.23 -28.84
C ASP A 196 4.69 1.44 -28.07
N ALA A 197 5.54 1.94 -27.16
CA ALA A 197 5.16 3.07 -26.36
C ALA A 197 6.40 3.84 -25.93
N VAL A 198 6.27 5.15 -25.82
CA VAL A 198 7.34 6.04 -25.38
C VAL A 198 6.85 6.78 -24.14
N ARG A 199 7.73 6.92 -23.16
CA ARG A 199 7.36 7.61 -21.93
C ARG A 199 7.24 9.11 -22.17
N ASN A 200 6.42 9.77 -21.36
CA ASN A 200 6.27 11.21 -21.38
C ASN A 200 7.31 11.85 -20.48
N PRO A 201 8.36 12.44 -21.03
CA PRO A 201 9.49 12.89 -20.20
C PRO A 201 9.38 14.31 -19.69
N SER A 202 8.19 14.91 -19.72
CA SER A 202 8.06 16.33 -19.36
C SER A 202 8.25 16.56 -17.87
N TYR A 203 7.58 15.76 -17.05
CA TYR A 203 7.67 15.93 -15.61
C TYR A 203 9.08 15.62 -15.11
N TYR A 204 9.75 14.67 -15.74
CA TYR A 204 11.09 14.31 -15.33
C TYR A 204 12.15 15.19 -15.98
N LEU A 205 11.77 16.07 -16.89
CA LEU A 205 12.72 17.04 -17.42
C LEU A 205 12.61 18.37 -16.70
N TRP A 206 11.42 18.76 -16.26
CA TRP A 206 11.31 20.07 -15.63
C TRP A 206 11.58 20.05 -14.15
N SER A 207 11.31 18.94 -13.46
CA SER A 207 11.44 18.90 -12.01
C SER A 207 12.64 18.12 -11.52
N PHE A 208 13.35 17.43 -12.38
CA PHE A 208 14.46 16.64 -11.87
C PHE A 208 15.79 16.95 -12.56
N ILE A 209 15.77 17.23 -13.85
CA ILE A 209 17.02 17.50 -14.56
C ILE A 209 17.44 18.95 -14.41
N LEU A 210 16.52 19.89 -14.54
CA LEU A 210 16.85 21.31 -14.48
C LEU A 210 17.30 21.80 -13.11
N PRO A 211 16.61 21.51 -12.00
CA PRO A 211 17.15 21.96 -10.71
C PRO A 211 18.42 21.25 -10.30
N LEU A 212 18.62 20.01 -10.70
CA LEU A 212 19.90 19.36 -10.42
C LEU A 212 21.02 19.98 -11.22
N GLY A 213 20.75 20.35 -12.47
CA GLY A 213 21.73 21.09 -13.23
C GLY A 213 22.06 22.43 -12.61
N LEU A 214 21.05 23.11 -12.08
CA LEU A 214 21.29 24.39 -11.44
C LEU A 214 22.09 24.23 -10.15
N ILE A 215 21.85 23.15 -9.41
CA ILE A 215 22.60 22.93 -8.17
C ILE A 215 24.05 22.61 -8.46
N ILE A 216 24.30 21.77 -9.46
CA ILE A 216 25.68 21.45 -9.84
C ILE A 216 26.38 22.69 -10.39
N ALA A 217 25.66 23.53 -11.15
CA ALA A 217 26.29 24.71 -11.71
C ALA A 217 26.55 25.78 -10.67
N ALA A 218 25.74 25.83 -9.62
CA ALA A 218 25.98 26.81 -8.56
C ALA A 218 26.96 26.31 -7.54
N SER A 219 27.20 25.00 -7.49
CA SER A 219 28.20 24.47 -6.58
C SER A 219 29.62 24.82 -7.02
N TRP A 220 29.79 25.18 -8.29
CA TRP A 220 31.12 25.50 -8.79
C TRP A 220 31.58 26.86 -8.31
N SER A 221 30.66 27.71 -7.90
CA SER A 221 31.02 29.07 -7.50
C SER A 221 31.30 29.16 -6.02
N VAL A 222 32.14 28.25 -5.51
CA VAL A 222 32.71 28.40 -4.18
C VAL A 222 34.17 28.79 -4.24
N PHE A 223 34.78 28.75 -5.42
CA PHE A 223 36.14 29.24 -5.57
C PHE A 223 36.20 30.75 -5.74
N TRP A 224 35.06 31.43 -5.66
CA TRP A 224 35.09 32.88 -5.62
C TRP A 224 35.26 33.42 -4.22
N LEU A 225 35.03 32.59 -3.19
CA LEU A 225 35.24 33.03 -1.82
C LEU A 225 36.73 33.23 -1.55
N GLU A 226 37.02 34.13 -0.62
CA GLU A 226 38.40 34.57 -0.41
C GLU A 226 39.18 33.65 0.51
N SER A 227 38.65 33.35 1.69
CA SER A 227 39.39 32.59 2.69
C SER A 227 39.32 31.11 2.37
N PHE A 228 39.72 30.28 3.33
CA PHE A 228 39.71 28.84 3.16
C PHE A 228 38.63 28.14 3.98
N SER A 229 38.34 28.63 5.19
CA SER A 229 37.32 27.99 6.01
C SER A 229 35.93 28.20 5.41
N GLU A 230 35.71 29.33 4.76
CA GLU A 230 34.43 29.59 4.13
C GLU A 230 34.18 28.63 2.98
N ARG A 231 35.22 28.33 2.21
CA ARG A 231 35.10 27.37 1.12
C ARG A 231 34.71 25.99 1.63
N LEU A 232 35.32 25.55 2.72
CA LEU A 232 35.02 24.22 3.25
C LEU A 232 33.61 24.16 3.82
N GLN A 233 33.22 25.15 4.63
CA GLN A 233 31.89 25.13 5.21
C GLN A 233 30.80 25.21 4.15
N THR A 234 31.05 26.02 3.10
CA THR A 234 30.10 26.09 2.01
C THR A 234 30.03 24.79 1.23
N SER A 235 31.15 24.10 1.07
CA SER A 235 31.15 22.81 0.38
C SER A 235 30.37 21.77 1.16
N PHE A 236 30.46 21.80 2.49
CA PHE A 236 29.71 20.83 3.28
C PHE A 236 28.21 21.13 3.24
N THR A 237 27.84 22.41 3.21
CA THR A 237 26.43 22.76 3.00
C THR A 237 25.93 22.27 1.64
N LEU A 238 26.77 22.38 0.61
CA LEU A 238 26.35 21.91 -0.71
C LEU A 238 26.25 20.40 -0.76
N MET A 239 27.10 19.69 -0.01
CA MET A 239 26.99 18.23 0.02
C MET A 239 25.72 17.79 0.70
N LEU A 240 25.31 18.50 1.76
CA LEU A 240 24.01 18.21 2.37
C LEU A 240 22.87 18.53 1.40
N THR A 241 23.03 19.57 0.58
CA THR A 241 22.02 19.85 -0.45
C THR A 241 21.89 18.71 -1.44
N VAL A 242 23.01 18.14 -1.87
CA VAL A 242 22.96 17.06 -2.85
C VAL A 242 22.38 15.79 -2.23
N VAL A 243 22.64 15.55 -0.94
CA VAL A 243 22.02 14.40 -0.28
C VAL A 243 20.51 14.57 -0.17
N ALA A 244 20.06 15.78 0.18
CA ALA A 244 18.62 16.04 0.24
C ALA A 244 17.98 15.94 -1.13
N TYR A 245 18.71 16.30 -2.17
CA TYR A 245 18.15 16.17 -3.52
C TYR A 245 18.07 14.71 -3.96
N ALA A 246 19.07 13.90 -3.60
CA ALA A 246 19.02 12.49 -3.91
C ALA A 246 17.86 11.82 -3.21
N PHE A 247 17.55 12.26 -1.99
CA PHE A 247 16.37 11.79 -1.29
C PHE A 247 15.09 12.21 -2.02
N TYR A 248 14.99 13.48 -2.40
CA TYR A 248 13.78 13.97 -3.07
C TYR A 248 13.52 13.22 -4.38
N THR A 249 14.58 12.84 -5.10
CA THR A 249 14.36 12.03 -6.30
C THR A 249 14.07 10.58 -5.94
N SER A 250 14.54 10.11 -4.78
CA SER A 250 14.32 8.71 -4.42
C SER A 250 12.90 8.46 -3.94
N ASN A 251 12.21 9.52 -3.53
CA ASN A 251 10.82 9.40 -3.04
C ASN A 251 9.86 9.31 -4.24
N ILE A 252 9.84 10.35 -5.08
CA ILE A 252 8.94 10.41 -6.26
C ILE A 252 9.60 9.73 -7.48
N LEU A 253 9.87 8.42 -7.41
CA LEU A 253 10.50 7.70 -8.55
C LEU A 253 10.17 6.20 -8.47
N PRO A 254 10.31 5.43 -9.56
CA PRO A 254 10.02 3.99 -9.56
C PRO A 254 11.27 3.18 -9.18
N ARG A 255 11.13 2.22 -8.28
CA ARG A 255 12.26 1.41 -7.86
C ARG A 255 12.79 0.57 -9.00
N LEU A 256 14.11 0.39 -9.03
CA LEU A 256 14.78 -0.41 -10.09
C LEU A 256 15.99 -1.11 -9.47
N PRO A 257 16.50 -2.22 -10.05
CA PRO A 257 17.69 -2.89 -9.53
C PRO A 257 18.95 -2.36 -10.22
N TYR A 258 18.79 -1.47 -11.20
CA TYR A 258 19.91 -0.85 -11.95
C TYR A 258 19.74 0.67 -11.95
N THR A 259 20.82 1.41 -12.21
CA THR A 259 20.76 2.89 -12.18
C THR A 259 20.17 3.48 -13.46
N THR A 260 19.38 4.56 -13.32
CA THR A 260 18.75 5.34 -14.36
C THR A 260 19.72 6.40 -14.86
N VAL A 261 19.21 7.32 -15.66
CA VAL A 261 19.99 8.48 -16.09
C VAL A 261 20.10 9.47 -14.94
N ILE A 262 19.00 9.68 -14.23
CA ILE A 262 19.00 10.61 -13.09
C ILE A 262 19.89 10.10 -11.97
N ASP A 263 20.01 8.80 -11.82
CA ASP A 263 20.95 8.28 -10.84
C ASP A 263 22.39 8.31 -11.32
N GLN A 264 22.64 8.55 -12.60
CA GLN A 264 24.00 8.92 -12.99
C GLN A 264 24.24 10.40 -12.68
N MET A 265 23.20 11.23 -12.84
CA MET A 265 23.39 12.66 -12.58
C MET A 265 23.60 12.95 -11.11
N ILE A 266 22.97 12.17 -10.22
CA ILE A 266 23.19 12.37 -8.79
C ILE A 266 24.62 12.01 -8.40
N ILE A 267 25.14 10.92 -8.95
CA ILE A 267 26.53 10.55 -8.68
C ILE A 267 27.48 11.55 -9.33
N ALA A 268 27.09 12.16 -10.45
CA ALA A 268 27.89 13.25 -11.01
C ALA A 268 27.90 14.45 -10.09
N GLY A 269 26.78 14.74 -9.42
CA GLY A 269 26.77 15.81 -8.44
C GLY A 269 27.66 15.52 -7.25
N TYR A 270 27.64 14.28 -6.76
CA TYR A 270 28.54 13.88 -5.69
C TYR A 270 30.00 14.01 -6.12
N GLY A 271 30.29 13.61 -7.36
CA GLY A 271 31.65 13.72 -7.85
C GLY A 271 32.11 15.16 -8.00
N SER A 272 31.21 16.04 -8.41
CA SER A 272 31.56 17.46 -8.50
C SER A 272 31.83 18.06 -7.13
N ILE A 273 31.00 17.71 -6.13
CA ILE A 273 31.20 18.21 -4.77
C ILE A 273 32.53 17.72 -4.22
N PHE A 274 32.82 16.43 -4.40
CA PHE A 274 34.05 15.89 -3.82
C PHE A 274 35.28 16.37 -4.57
N ALA A 275 35.18 16.58 -5.88
CA ALA A 275 36.31 17.16 -6.59
C ALA A 275 36.53 18.61 -6.19
N ALA A 276 35.47 19.33 -5.87
CA ALA A 276 35.64 20.69 -5.35
C ALA A 276 36.32 20.69 -4.00
N ILE A 277 35.96 19.73 -3.13
CA ILE A 277 36.61 19.67 -1.82
C ILE A 277 38.07 19.28 -1.96
N LEU A 278 38.37 18.35 -2.86
CA LEU A 278 39.76 17.95 -3.11
C LEU A 278 40.58 19.11 -3.65
N LEU A 279 40.02 19.87 -4.60
CA LEU A 279 40.73 21.00 -5.16
C LEU A 279 40.93 22.10 -4.13
N ILE A 280 39.97 22.27 -3.21
CA ILE A 280 40.10 23.28 -2.17
C ILE A 280 41.22 22.91 -1.21
N ILE A 281 41.28 21.64 -0.79
CA ILE A 281 42.32 21.22 0.13
C ILE A 281 43.69 21.27 -0.55
N PHE A 282 43.75 20.93 -1.83
CA PHE A 282 45.03 20.97 -2.53
C PHE A 282 45.50 22.40 -2.77
N ALA A 283 44.56 23.31 -3.10
CA ALA A 283 44.96 24.68 -3.37
C ALA A 283 45.32 25.43 -2.09
N HIS A 284 44.71 25.07 -0.96
CA HIS A 284 45.17 25.63 0.30
C HIS A 284 46.50 25.03 0.70
N HIS A 285 46.66 23.72 0.47
CA HIS A 285 47.79 22.98 1.03
C HIS A 285 49.10 23.23 0.28
N ARG A 286 49.10 24.06 -0.76
CA ARG A 286 50.35 24.44 -1.41
C ARG A 286 50.97 25.55 -0.57
N GLN A 287 51.69 25.16 0.48
CA GLN A 287 52.41 26.07 1.36
C GLN A 287 53.80 25.52 1.61
N ALA A 288 54.76 26.42 1.84
CA ALA A 288 56.12 25.99 2.12
C ALA A 288 56.25 25.44 3.52
N ASN A 289 55.69 26.13 4.51
CA ASN A 289 55.57 25.62 5.87
C ASN A 289 54.20 25.82 6.50
N GLY A 290 53.34 26.65 5.93
CA GLY A 290 52.01 26.85 6.49
C GLY A 290 51.49 28.27 6.41
N VAL A 291 52.31 29.19 5.90
CA VAL A 291 51.93 30.59 5.82
C VAL A 291 51.79 31.08 4.38
N GLU A 292 52.29 30.36 3.39
CA GLU A 292 52.27 30.83 2.01
C GLU A 292 50.90 30.64 1.39
N ASP A 293 50.34 31.72 0.87
CA ASP A 293 49.03 31.69 0.22
C ASP A 293 49.18 31.14 -1.19
N ASP A 294 48.09 31.02 -1.93
CA ASP A 294 48.14 30.47 -3.26
C ASP A 294 47.02 31.03 -4.11
N LEU A 295 47.29 31.17 -5.41
CA LEU A 295 46.28 31.56 -6.40
C LEU A 295 46.33 30.72 -7.66
N LEU A 296 47.40 29.96 -7.90
CA LEU A 296 47.67 29.37 -9.21
C LEU A 296 46.63 28.32 -9.58
N ILE A 297 46.42 27.32 -8.72
CA ILE A 297 45.43 26.29 -9.01
C ILE A 297 44.00 26.82 -8.88
N GLN A 298 43.82 28.03 -8.35
CA GLN A 298 42.50 28.65 -8.26
C GLN A 298 42.12 29.39 -9.54
N ARG A 299 42.80 29.12 -10.65
CA ARG A 299 42.32 29.51 -11.97
C ARG A 299 41.28 28.55 -12.51
N CYS A 300 40.88 27.55 -11.72
CA CYS A 300 39.89 26.55 -12.10
C CYS A 300 38.45 26.99 -11.80
N ARG A 301 38.22 28.29 -11.63
CA ARG A 301 36.86 28.81 -11.55
C ARG A 301 36.20 28.86 -12.92
N LEU A 302 36.97 28.76 -14.00
CA LEU A 302 36.43 28.77 -15.35
C LEU A 302 36.78 27.51 -16.15
N ALA A 303 37.65 26.65 -15.65
CA ALA A 303 38.11 25.47 -16.38
C ALA A 303 37.63 24.16 -15.79
N PHE A 304 37.66 24.02 -14.46
CA PHE A 304 37.09 22.84 -13.82
C PHE A 304 35.57 22.70 -14.03
N PRO A 305 34.77 23.79 -14.09
CA PRO A 305 33.44 23.67 -14.70
C PRO A 305 33.46 23.06 -16.09
N LEU A 306 34.32 23.55 -16.99
CA LEU A 306 34.39 23.01 -18.34
C LEU A 306 34.94 21.59 -18.33
N GLY A 307 35.83 21.29 -17.38
CA GLY A 307 36.36 19.93 -17.28
C GLY A 307 35.30 18.91 -16.91
N PHE A 308 34.54 19.18 -15.84
CA PHE A 308 33.51 18.22 -15.46
C PHE A 308 32.32 18.26 -16.43
N LEU A 309 32.10 19.38 -17.11
CA LEU A 309 31.08 19.41 -18.16
C LEU A 309 31.51 18.58 -19.36
N ALA A 310 32.81 18.57 -19.67
CA ALA A 310 33.31 17.69 -20.73
C ALA A 310 33.20 16.24 -20.33
N ILE A 311 33.46 15.92 -19.05
CA ILE A 311 33.29 14.56 -18.57
C ILE A 311 31.82 14.13 -18.68
N GLY A 312 30.90 15.03 -18.32
CA GLY A 312 29.48 14.70 -18.43
C GLY A 312 29.01 14.56 -19.86
N CYS A 313 29.47 15.44 -20.75
CA CYS A 313 29.07 15.36 -22.15
C CYS A 313 29.71 14.15 -22.86
N VAL A 314 30.87 13.71 -22.39
CA VAL A 314 31.43 12.44 -22.88
C VAL A 314 30.62 11.27 -22.36
N LEU A 315 30.19 11.33 -21.10
CA LEU A 315 29.38 10.26 -20.53
C LEU A 315 27.99 10.19 -21.18
N VAL A 316 27.51 11.30 -21.75
CA VAL A 316 26.30 11.24 -22.56
C VAL A 316 26.56 10.43 -23.83
N ILE A 317 27.63 10.76 -24.55
CA ILE A 317 27.97 10.06 -25.78
C ILE A 317 28.53 8.67 -25.47
N PRO B 11 0.28 -48.92 -3.98
CA PRO B 11 0.78 -47.55 -4.11
C PRO B 11 0.84 -47.07 -5.55
N VAL B 12 0.29 -45.90 -5.80
CA VAL B 12 0.28 -45.32 -7.14
C VAL B 12 1.53 -44.48 -7.32
N ASP B 13 2.18 -44.63 -8.46
CA ASP B 13 3.43 -43.92 -8.75
C ASP B 13 3.12 -42.66 -9.53
N VAL B 14 3.21 -41.52 -8.88
CA VAL B 14 2.91 -40.24 -9.50
C VAL B 14 4.20 -39.60 -9.99
N SER B 15 4.20 -39.09 -11.23
CA SER B 15 5.40 -38.51 -11.83
C SER B 15 5.19 -37.03 -12.08
N VAL B 16 5.82 -36.19 -11.28
CA VAL B 16 5.59 -34.76 -11.30
C VAL B 16 6.59 -34.08 -12.23
N SER B 17 6.21 -32.94 -12.79
CA SER B 17 7.11 -32.09 -13.55
C SER B 17 6.67 -30.65 -13.32
N ILE B 18 7.60 -29.78 -12.93
CA ILE B 18 7.28 -28.41 -12.56
C ILE B 18 8.00 -27.46 -13.50
N PHE B 19 7.26 -26.62 -14.20
CA PHE B 19 7.82 -25.59 -15.06
C PHE B 19 7.74 -24.26 -14.32
N ILE B 20 8.88 -23.68 -13.99
CA ILE B 20 8.91 -22.41 -13.28
C ILE B 20 8.99 -21.30 -14.32
N ASN B 21 7.90 -20.55 -14.47
CA ASN B 21 7.91 -19.44 -15.42
C ASN B 21 8.67 -18.25 -14.85
N LYS B 22 8.27 -17.75 -13.68
CA LYS B 22 8.99 -16.60 -13.14
C LYS B 22 8.95 -16.57 -11.62
N ILE B 23 10.01 -16.03 -11.03
CA ILE B 23 10.17 -15.88 -9.60
C ILE B 23 10.42 -14.41 -9.33
N TYR B 24 9.63 -13.82 -8.43
CA TYR B 24 9.72 -12.37 -8.22
C TYR B 24 9.14 -12.03 -6.87
N GLY B 25 9.04 -10.72 -6.61
CA GLY B 25 8.30 -10.20 -5.47
C GLY B 25 8.80 -10.62 -4.11
N VAL B 26 10.12 -10.62 -3.92
CA VAL B 26 10.69 -11.11 -2.67
C VAL B 26 10.38 -10.12 -1.55
N ASN B 27 9.58 -10.57 -0.59
CA ASN B 27 9.21 -9.77 0.57
C ASN B 27 10.16 -10.13 1.70
N THR B 28 10.94 -9.15 2.15
CA THR B 28 12.01 -9.44 3.09
C THR B 28 11.50 -9.56 4.52
N LEU B 29 10.36 -8.92 4.82
CA LEU B 29 9.87 -8.92 6.20
C LEU B 29 9.01 -10.14 6.49
N GLU B 30 8.19 -10.56 5.53
CA GLU B 30 7.39 -11.77 5.66
C GLU B 30 8.14 -13.01 5.23
N GLN B 31 9.32 -12.84 4.62
CA GLN B 31 10.16 -13.93 4.09
C GLN B 31 9.42 -14.77 3.05
N THR B 32 8.61 -14.13 2.22
CA THR B 32 7.89 -14.79 1.15
C THR B 32 8.42 -14.33 -0.20
N TYR B 33 7.99 -15.04 -1.25
CA TYR B 33 8.36 -14.72 -2.62
C TYR B 33 7.34 -15.37 -3.53
N LYS B 34 7.03 -14.74 -4.65
CA LYS B 34 5.99 -15.24 -5.53
C LYS B 34 6.60 -16.05 -6.66
N VAL B 35 6.01 -17.23 -6.90
CA VAL B 35 6.42 -18.11 -7.99
C VAL B 35 5.22 -18.31 -8.90
N ASP B 36 5.47 -18.30 -10.21
CA ASP B 36 4.42 -18.46 -11.20
C ASP B 36 4.89 -19.54 -12.15
N GLY B 37 4.04 -20.52 -12.44
CA GLY B 37 4.44 -21.59 -13.33
C GLY B 37 3.37 -22.67 -13.44
N TYR B 38 3.76 -23.78 -14.05
CA TYR B 38 2.88 -24.92 -14.27
C TYR B 38 3.26 -26.08 -13.35
N ILE B 39 2.39 -27.09 -13.33
CA ILE B 39 2.68 -28.34 -12.64
C ILE B 39 1.94 -29.48 -13.31
N VAL B 40 2.66 -30.54 -13.67
CA VAL B 40 2.13 -31.63 -14.48
C VAL B 40 2.34 -32.93 -13.72
N ALA B 41 1.29 -33.50 -13.17
CA ALA B 41 1.36 -34.81 -12.54
C ALA B 41 0.84 -35.86 -13.51
N GLN B 42 1.26 -37.10 -13.32
CA GLN B 42 0.93 -38.14 -14.28
C GLN B 42 0.97 -39.50 -13.60
N TRP B 43 -0.10 -40.28 -13.75
CA TRP B 43 -0.10 -41.61 -13.15
C TRP B 43 -0.84 -42.56 -14.08
N THR B 44 -1.00 -43.80 -13.62
CA THR B 44 -1.61 -44.86 -14.41
C THR B 44 -2.72 -45.51 -13.60
N GLY B 45 -3.94 -45.49 -14.13
CA GLY B 45 -5.07 -46.06 -13.43
C GLY B 45 -5.67 -47.27 -14.12
N LYS B 46 -6.97 -47.25 -14.30
CA LYS B 46 -7.65 -48.34 -15.00
C LYS B 46 -7.83 -47.98 -16.47
N PRO B 47 -7.83 -48.97 -17.37
CA PRO B 47 -8.15 -48.67 -18.77
C PRO B 47 -9.59 -48.25 -18.91
N ARG B 48 -9.87 -47.49 -19.96
CA ARG B 48 -11.20 -46.98 -20.17
C ARG B 48 -11.46 -46.82 -21.66
N LYS B 49 -12.73 -46.65 -22.00
CA LYS B 49 -13.16 -46.47 -23.38
C LYS B 49 -13.52 -45.01 -23.60
N THR B 50 -12.78 -44.35 -24.47
CA THR B 50 -13.00 -42.93 -24.76
C THR B 50 -13.68 -42.81 -26.12
N PRO B 51 -14.21 -41.64 -26.49
CA PRO B 51 -14.70 -41.45 -27.86
C PRO B 51 -13.61 -41.69 -28.91
N GLY B 52 -13.79 -42.74 -29.69
CA GLY B 52 -12.75 -43.17 -30.61
C GLY B 52 -11.60 -43.84 -29.87
N ASP B 53 -10.40 -43.67 -30.41
CA ASP B 53 -9.19 -44.13 -29.76
C ASP B 53 -8.38 -42.97 -29.20
N LYS B 54 -8.64 -41.75 -29.66
CA LYS B 54 -7.87 -40.59 -29.25
C LYS B 54 -8.08 -40.27 -27.78
N PRO B 55 -7.10 -39.65 -27.12
CA PRO B 55 -7.25 -39.29 -25.71
C PRO B 55 -8.29 -38.21 -25.52
N LEU B 56 -9.10 -38.38 -24.47
CA LEU B 56 -10.13 -37.41 -24.14
C LEU B 56 -9.54 -36.32 -23.26
N ILE B 57 -9.86 -35.06 -23.58
CA ILE B 57 -9.32 -33.90 -22.81
C ILE B 57 -10.47 -33.22 -22.05
N VAL B 58 -10.32 -33.11 -20.73
CA VAL B 58 -11.34 -32.45 -19.86
C VAL B 58 -10.72 -31.14 -19.36
N GLU B 59 -11.41 -30.01 -19.54
CA GLU B 59 -10.78 -28.71 -19.14
C GLU B 59 -11.63 -27.92 -18.14
N ASN B 60 -10.95 -27.38 -17.14
CA ASN B 60 -11.52 -26.52 -16.10
C ASN B 60 -12.66 -27.09 -15.28
N THR B 61 -13.87 -26.57 -15.49
CA THR B 61 -15.07 -26.96 -14.75
C THR B 61 -15.59 -28.34 -15.06
N GLN B 62 -15.11 -28.93 -16.15
CA GLN B 62 -15.51 -30.27 -16.54
C GLN B 62 -15.08 -31.28 -15.50
N ILE B 63 -13.88 -31.10 -14.96
CA ILE B 63 -13.34 -31.98 -13.95
C ILE B 63 -14.31 -32.27 -12.80
N GLU B 64 -14.85 -31.24 -12.16
CA GLU B 64 -15.77 -31.53 -11.05
C GLU B 64 -16.99 -32.34 -11.48
N ARG B 65 -17.25 -32.48 -12.76
CA ARG B 65 -18.26 -33.42 -13.23
C ARG B 65 -17.71 -34.82 -13.37
N TRP B 66 -16.39 -34.98 -13.41
CA TRP B 66 -15.79 -36.30 -13.49
C TRP B 66 -15.46 -36.87 -12.12
N ILE B 67 -15.14 -36.01 -11.15
CA ILE B 67 -14.85 -36.49 -9.80
C ILE B 67 -16.13 -36.94 -9.10
N ASN B 68 -17.26 -36.31 -9.41
CA ASN B 68 -18.53 -36.78 -8.88
C ASN B 68 -18.89 -38.16 -9.42
N ASN B 69 -18.43 -38.48 -10.63
CA ASN B 69 -18.62 -39.80 -11.21
C ASN B 69 -17.54 -40.79 -10.82
N GLY B 70 -16.79 -40.49 -9.77
CA GLY B 70 -15.87 -41.46 -9.19
C GLY B 70 -14.46 -41.48 -9.73
N LEU B 71 -14.07 -40.46 -10.49
CA LEU B 71 -12.68 -40.40 -10.95
C LEU B 71 -11.78 -40.06 -9.77
N TRP B 72 -10.63 -40.72 -9.72
CA TRP B 72 -9.67 -40.53 -8.63
C TRP B 72 -8.62 -39.53 -9.07
N VAL B 73 -8.69 -38.32 -8.53
CA VAL B 73 -7.70 -37.29 -8.78
C VAL B 73 -7.19 -36.82 -7.42
N PRO B 74 -5.92 -37.03 -7.08
CA PRO B 74 -5.41 -36.60 -5.79
C PRO B 74 -5.23 -35.10 -5.76
N ALA B 75 -5.12 -34.57 -4.55
CA ALA B 75 -4.89 -33.15 -4.32
C ALA B 75 -3.48 -32.98 -3.81
N LEU B 76 -2.59 -32.54 -4.68
CA LEU B 76 -1.20 -32.28 -4.31
C LEU B 76 -1.10 -30.84 -3.83
N GLU B 77 -0.73 -30.66 -2.56
CA GLU B 77 -0.63 -29.33 -2.00
C GLU B 77 0.83 -28.92 -1.86
N PHE B 78 1.05 -27.62 -1.86
CA PHE B 78 2.36 -27.06 -1.60
C PHE B 78 2.49 -26.85 -0.10
N ILE B 79 3.53 -27.41 0.49
CA ILE B 79 3.64 -27.40 1.95
C ILE B 79 3.94 -25.99 2.45
N ASN B 80 4.80 -25.26 1.77
CA ASN B 80 5.27 -23.97 2.25
C ASN B 80 4.54 -22.80 1.61
N VAL B 81 3.41 -23.03 0.94
CA VAL B 81 2.66 -21.93 0.39
C VAL B 81 2.00 -21.15 1.52
N VAL B 82 1.66 -19.90 1.25
CA VAL B 82 0.98 -19.03 2.20
C VAL B 82 -0.39 -18.72 1.60
N GLY B 83 -1.44 -19.27 2.20
CA GLY B 83 -2.77 -19.06 1.68
C GLY B 83 -3.22 -20.17 0.75
N SER B 84 -3.56 -19.82 -0.48
CA SER B 84 -3.92 -20.78 -1.48
C SER B 84 -3.47 -20.24 -2.83
N PRO B 85 -2.90 -21.07 -3.70
CA PRO B 85 -2.45 -20.58 -5.00
C PRO B 85 -3.63 -20.17 -5.87
N ASP B 86 -3.41 -19.13 -6.68
CA ASP B 86 -4.43 -18.66 -7.61
C ASP B 86 -4.40 -19.52 -8.87
N THR B 87 -5.03 -20.70 -8.75
CA THR B 87 -5.05 -21.66 -9.84
C THR B 87 -5.81 -21.11 -11.04
N GLY B 88 -5.12 -21.02 -12.17
CA GLY B 88 -5.75 -20.56 -13.39
C GLY B 88 -6.40 -21.71 -14.11
N ASN B 89 -5.98 -21.98 -15.34
CA ASN B 89 -6.54 -23.11 -16.06
C ASN B 89 -6.00 -24.42 -15.48
N LYS B 90 -6.68 -25.51 -15.81
CA LYS B 90 -6.27 -26.85 -15.42
C LYS B 90 -7.01 -27.83 -16.31
N ARG B 91 -6.44 -29.03 -16.46
CA ARG B 91 -7.03 -29.98 -17.38
C ARG B 91 -6.57 -31.39 -17.07
N LEU B 92 -7.32 -32.36 -17.57
CA LEU B 92 -7.03 -33.76 -17.39
C LEU B 92 -7.05 -34.44 -18.74
N MET B 93 -5.98 -35.14 -19.08
CA MET B 93 -5.97 -35.84 -20.34
C MET B 93 -6.00 -37.32 -20.02
N LEU B 94 -7.00 -38.02 -20.54
CA LEU B 94 -7.16 -39.44 -20.25
C LEU B 94 -6.90 -40.25 -21.51
N PHE B 95 -6.05 -41.27 -21.39
CA PHE B 95 -5.71 -42.12 -22.52
C PHE B 95 -6.39 -43.47 -22.38
N PRO B 96 -6.86 -44.04 -23.49
CA PRO B 96 -7.53 -45.34 -23.52
C PRO B 96 -6.72 -46.37 -22.77
N ASP B 97 -5.40 -46.29 -22.88
CA ASP B 97 -4.47 -47.21 -22.16
C ASP B 97 -4.84 -47.23 -20.68
N GLY B 98 -5.08 -46.06 -20.08
CA GLY B 98 -5.44 -45.97 -18.65
C GLY B 98 -4.58 -44.96 -17.91
N ARG B 99 -3.70 -44.26 -18.64
CA ARG B 99 -2.79 -43.25 -18.03
C ARG B 99 -3.46 -41.87 -18.05
N VAL B 100 -3.45 -41.16 -16.92
CA VAL B 100 -4.09 -39.83 -16.77
C VAL B 100 -3.01 -38.77 -16.55
N ILE B 101 -3.18 -37.58 -17.13
CA ILE B 101 -2.20 -36.46 -16.97
C ILE B 101 -2.95 -35.23 -16.45
N TYR B 102 -2.57 -34.73 -15.26
CA TYR B 102 -3.22 -33.56 -14.68
C TYR B 102 -2.26 -32.39 -14.77
N ASN B 103 -2.59 -31.41 -15.60
CA ASN B 103 -1.74 -30.27 -15.86
C ASN B 103 -2.45 -29.02 -15.38
N ALA B 104 -1.85 -28.31 -14.43
CA ALA B 104 -2.45 -27.12 -13.85
C ALA B 104 -1.46 -25.98 -13.85
N ARG B 105 -1.95 -24.77 -13.61
CA ARG B 105 -1.14 -23.57 -13.61
C ARG B 105 -1.35 -22.83 -12.29
N PHE B 106 -0.26 -22.49 -11.62
CA PHE B 106 -0.33 -21.90 -10.29
C PHE B 106 0.43 -20.59 -10.24
N LEU B 107 -0.03 -19.72 -9.33
CA LEU B 107 0.71 -18.54 -8.91
C LEU B 107 0.64 -18.51 -7.38
N GLY B 108 1.76 -18.72 -6.72
CA GLY B 108 1.74 -18.85 -5.28
C GLY B 108 2.69 -17.93 -4.54
N SER B 109 2.34 -17.60 -3.30
CA SER B 109 3.17 -16.75 -2.46
C SER B 109 3.87 -17.63 -1.44
N PHE B 110 4.98 -18.22 -1.87
CA PHE B 110 5.66 -19.23 -1.10
C PHE B 110 6.49 -18.60 0.00
N SER B 111 6.89 -19.40 0.98
CA SER B 111 7.64 -18.89 2.12
C SER B 111 8.82 -19.79 2.41
N ASN B 112 9.91 -19.18 2.86
CA ASN B 112 11.14 -19.89 3.16
C ASN B 112 11.84 -19.17 4.32
N ASP B 113 12.98 -19.71 4.73
CA ASP B 113 13.78 -19.14 5.82
C ASP B 113 14.98 -18.42 5.20
N MET B 114 14.84 -17.12 5.00
CA MET B 114 15.84 -16.32 4.31
C MET B 114 16.69 -15.55 5.29
N ASP B 115 17.92 -15.24 4.87
CA ASP B 115 18.95 -14.65 5.74
C ASP B 115 19.55 -13.49 4.96
N PHE B 116 19.05 -12.28 5.20
CA PHE B 116 19.51 -11.09 4.51
C PHE B 116 20.63 -10.38 5.24
N ARG B 117 21.45 -11.10 5.99
CA ARG B 117 22.43 -10.45 6.86
C ARG B 117 23.62 -9.88 6.12
N LEU B 118 23.78 -10.17 4.83
CA LEU B 118 24.76 -9.51 3.98
C LEU B 118 23.95 -9.00 2.79
N PHE B 119 23.34 -7.84 2.94
CA PHE B 119 22.18 -7.55 2.10
C PHE B 119 22.48 -7.29 0.63
N PRO B 120 23.35 -6.36 0.23
CA PRO B 120 23.52 -6.15 -1.22
C PRO B 120 24.24 -7.30 -1.88
N PHE B 121 25.06 -8.03 -1.15
CA PHE B 121 25.85 -9.14 -1.67
C PHE B 121 25.24 -10.47 -1.25
N ASP B 122 23.91 -10.52 -1.30
CA ASP B 122 23.12 -11.61 -0.78
C ASP B 122 23.29 -12.89 -1.59
N ARG B 123 22.78 -13.99 -1.04
CA ARG B 123 22.77 -15.27 -1.74
C ARG B 123 21.65 -16.12 -1.15
N GLN B 124 20.53 -16.19 -1.84
CA GLN B 124 19.37 -16.90 -1.32
C GLN B 124 19.12 -18.17 -2.11
N GLN B 125 18.24 -19.00 -1.59
CA GLN B 125 17.72 -20.11 -2.35
C GLN B 125 16.23 -20.20 -2.17
N PHE B 126 15.53 -20.51 -3.24
CA PHE B 126 14.08 -20.54 -3.30
C PHE B 126 13.62 -21.98 -3.29
N VAL B 127 12.73 -22.33 -2.37
CA VAL B 127 12.34 -23.70 -2.13
C VAL B 127 10.85 -23.86 -2.45
N LEU B 128 10.52 -24.90 -3.19
CA LEU B 128 9.16 -25.34 -3.42
C LEU B 128 9.01 -26.75 -2.88
N GLU B 129 8.11 -26.94 -1.94
CA GLU B 129 7.85 -28.25 -1.35
C GLU B 129 6.46 -28.69 -1.75
N LEU B 130 6.30 -29.97 -2.05
CA LEU B 130 5.07 -30.51 -2.61
C LEU B 130 4.78 -31.84 -1.97
N GLU B 131 3.51 -32.10 -1.68
CA GLU B 131 3.16 -33.29 -0.92
C GLU B 131 1.69 -33.62 -1.12
N PRO B 132 1.30 -34.90 -1.17
CA PRO B 132 -0.12 -35.23 -1.19
C PRO B 132 -0.79 -34.77 0.09
N PHE B 133 -2.04 -34.32 -0.05
CA PHE B 133 -2.70 -33.78 1.13
C PHE B 133 -3.22 -34.88 2.05
N SER B 134 -3.57 -36.04 1.51
CA SER B 134 -4.23 -37.06 2.30
C SER B 134 -3.64 -38.45 2.21
N TYR B 135 -3.00 -38.82 1.10
CA TYR B 135 -2.58 -40.19 0.87
C TYR B 135 -1.14 -40.35 1.30
N ASN B 136 -0.88 -41.31 2.18
CA ASN B 136 0.47 -41.56 2.64
C ASN B 136 1.24 -42.36 1.59
N ASN B 137 2.49 -42.70 1.90
CA ASN B 137 3.36 -43.30 0.90
C ASN B 137 3.09 -44.79 0.70
N GLN B 138 2.09 -45.35 1.36
CA GLN B 138 1.59 -46.68 1.02
C GLN B 138 0.42 -46.64 0.06
N GLN B 139 -0.11 -45.45 -0.25
CA GLN B 139 -1.17 -45.30 -1.22
C GLN B 139 -0.82 -44.38 -2.38
N LEU B 140 0.22 -43.55 -2.25
CA LEU B 140 0.61 -42.63 -3.31
C LEU B 140 2.05 -42.23 -3.06
N ARG B 141 2.97 -42.66 -3.92
CA ARG B 141 4.35 -42.26 -3.80
C ARG B 141 4.80 -41.61 -5.09
N PHE B 142 5.72 -40.64 -4.96
CA PHE B 142 6.24 -39.97 -6.13
C PHE B 142 7.38 -40.80 -6.72
N SER B 143 7.47 -40.80 -8.05
CA SER B 143 8.45 -41.61 -8.75
C SER B 143 9.66 -40.81 -9.20
N ASP B 144 9.47 -39.62 -9.75
CA ASP B 144 10.58 -38.74 -10.10
C ASP B 144 10.05 -37.31 -10.14
N ILE B 145 10.94 -36.39 -10.52
CA ILE B 145 10.54 -35.01 -10.78
C ILE B 145 11.58 -34.37 -11.69
N GLN B 146 11.09 -33.70 -12.73
CA GLN B 146 11.91 -32.85 -13.57
C GLN B 146 11.49 -31.40 -13.38
N VAL B 147 12.45 -30.51 -13.25
CA VAL B 147 12.18 -29.08 -13.12
C VAL B 147 12.75 -28.39 -14.34
N TYR B 148 11.90 -27.63 -15.06
CA TYR B 148 12.33 -26.89 -16.27
C TYR B 148 12.32 -25.38 -15.98
N THR B 149 13.49 -24.76 -15.94
CA THR B 149 13.62 -23.31 -15.65
C THR B 149 14.27 -22.58 -16.83
N GLU B 150 13.96 -23.00 -18.06
CA GLU B 150 14.56 -22.39 -19.28
C GLU B 150 14.19 -20.91 -19.37
N ASN B 151 12.95 -20.56 -19.02
CA ASN B 151 12.45 -19.17 -19.17
C ASN B 151 13.25 -18.16 -18.32
N ILE B 152 13.56 -18.46 -17.07
CA ILE B 152 14.29 -17.52 -16.20
C ILE B 152 15.74 -17.17 -16.60
N ASP B 153 15.94 -15.95 -17.10
CA ASP B 153 17.24 -15.42 -17.54
C ASP B 153 18.22 -14.87 -16.49
N ASN B 154 19.49 -14.80 -16.87
CA ASN B 154 20.61 -14.33 -16.03
C ASN B 154 21.12 -12.88 -16.29
N GLU B 155 20.47 -12.13 -17.19
CA GLU B 155 20.92 -10.78 -17.54
C GLU B 155 20.96 -9.69 -16.44
N GLU B 156 21.62 -8.57 -16.75
CA GLU B 156 21.71 -7.39 -15.84
C GLU B 156 20.34 -6.85 -15.44
N ILE B 157 19.36 -6.90 -16.34
CA ILE B 157 18.00 -6.34 -16.07
C ILE B 157 17.33 -7.04 -14.87
N ASP B 158 17.43 -8.37 -14.78
CA ASP B 158 16.77 -9.12 -13.67
C ASP B 158 17.44 -8.77 -12.33
N GLU B 159 16.66 -8.74 -11.23
CA GLU B 159 17.28 -8.43 -9.92
C GLU B 159 18.00 -9.64 -9.34
N TRP B 160 17.61 -10.86 -9.76
CA TRP B 160 18.23 -12.07 -9.24
C TRP B 160 18.85 -12.86 -10.37
N TRP B 161 20.11 -13.25 -10.21
CA TRP B 161 20.78 -14.14 -11.13
C TRP B 161 20.60 -15.56 -10.64
N ILE B 162 20.00 -16.41 -11.47
CA ILE B 162 19.82 -17.81 -11.13
C ILE B 162 21.08 -18.57 -11.50
N ARG B 163 21.69 -19.24 -10.53
CA ARG B 163 22.98 -19.90 -10.72
C ARG B 163 22.76 -21.40 -10.84
N GLY B 164 22.75 -21.90 -12.07
CA GLY B 164 22.62 -23.32 -12.32
C GLY B 164 21.20 -23.80 -12.24
N LYS B 165 21.01 -25.08 -12.58
CA LYS B 165 19.70 -25.66 -12.63
C LYS B 165 19.19 -25.95 -11.20
N ALA B 166 17.95 -26.40 -11.12
CA ALA B 166 17.33 -26.66 -9.83
C ALA B 166 17.80 -27.99 -9.27
N SER B 167 17.69 -28.13 -7.95
CA SER B 167 18.05 -29.36 -7.26
C SER B 167 16.78 -29.95 -6.67
N THR B 168 16.46 -31.16 -7.08
CA THR B 168 15.24 -31.83 -6.67
C THR B 168 15.55 -32.95 -5.69
N HIS B 169 14.52 -33.38 -4.96
CA HIS B 169 14.71 -34.32 -3.87
C HIS B 169 13.38 -34.98 -3.56
N ILE B 170 13.41 -36.28 -3.29
CA ILE B 170 12.20 -37.02 -2.95
C ILE B 170 12.46 -37.76 -1.64
N SER B 171 11.86 -37.28 -0.56
CA SER B 171 12.08 -37.84 0.77
C SER B 171 10.77 -38.35 1.33
N ASP B 172 10.82 -38.87 2.55
CA ASP B 172 9.65 -39.47 3.21
C ASP B 172 9.51 -38.86 4.59
N ILE B 173 8.62 -37.88 4.72
CA ILE B 173 8.40 -37.20 5.98
C ILE B 173 7.58 -38.10 6.91
N ARG B 174 7.87 -38.03 8.21
CA ARG B 174 7.13 -38.79 9.21
C ARG B 174 6.39 -37.85 10.13
N TYR B 175 5.10 -38.13 10.36
CA TYR B 175 4.25 -37.36 11.25
C TYR B 175 3.85 -38.25 12.42
N ASP B 176 4.28 -37.90 13.62
CA ASP B 176 3.97 -38.73 14.78
C ASP B 176 2.55 -38.54 15.29
N HIS B 177 1.94 -37.39 15.00
CA HIS B 177 0.61 -37.08 15.51
C HIS B 177 -0.50 -37.95 14.91
N LEU B 178 -0.24 -38.61 13.79
CA LEU B 178 -1.18 -39.59 13.25
C LEU B 178 -0.96 -40.97 13.82
N SER B 179 -0.15 -41.11 14.87
CA SER B 179 0.07 -42.41 15.49
C SER B 179 -1.16 -42.90 16.25
N SER B 180 -2.06 -41.99 16.63
CA SER B 180 -3.23 -42.36 17.40
C SER B 180 -4.37 -42.87 16.52
N VAL B 181 -4.48 -42.38 15.29
CA VAL B 181 -5.58 -42.75 14.41
C VAL B 181 -5.15 -43.66 13.27
N GLN B 182 -3.86 -43.70 12.92
CA GLN B 182 -3.37 -44.53 11.83
C GLN B 182 -1.98 -45.04 12.18
N PRO B 183 -1.89 -46.17 12.86
CA PRO B 183 -0.58 -46.75 13.14
C PRO B 183 0.01 -47.41 11.89
N ASN B 184 1.35 -47.46 11.88
CA ASN B 184 2.19 -48.15 10.90
C ASN B 184 2.17 -47.52 9.51
N GLN B 185 1.33 -46.51 9.29
CA GLN B 185 1.23 -45.83 7.99
C GLN B 185 1.08 -44.34 8.27
N ASN B 186 2.21 -43.65 8.39
CA ASN B 186 2.17 -42.21 8.57
C ASN B 186 3.27 -41.49 7.79
N GLU B 187 4.00 -42.20 6.94
CA GLU B 187 5.06 -41.60 6.15
C GLU B 187 4.46 -41.04 4.86
N PHE B 188 4.73 -39.78 4.59
CA PHE B 188 4.20 -39.08 3.42
C PHE B 188 5.34 -38.77 2.47
N SER B 189 5.13 -39.02 1.19
CA SER B 189 6.18 -38.82 0.20
C SER B 189 6.22 -37.36 -0.23
N ARG B 190 7.36 -36.70 0.00
CA ARG B 190 7.47 -35.24 -0.32
C ARG B 190 8.53 -34.99 -1.39
N ILE B 191 8.25 -34.07 -2.31
CA ILE B 191 9.19 -33.68 -3.41
C ILE B 191 9.67 -32.25 -3.12
N THR B 192 10.99 -32.03 -3.06
CA THR B 192 11.55 -30.69 -2.74
C THR B 192 12.27 -30.12 -3.96
N VAL B 193 12.27 -28.79 -4.12
CA VAL B 193 12.91 -28.14 -5.25
C VAL B 193 13.64 -26.91 -4.74
N ARG B 194 14.93 -26.80 -5.02
CA ARG B 194 15.74 -25.67 -4.60
C ARG B 194 16.33 -24.97 -5.81
N ILE B 195 16.21 -23.66 -5.86
CA ILE B 195 16.72 -22.84 -6.96
C ILE B 195 17.59 -21.75 -6.35
N ASP B 196 18.88 -21.80 -6.60
CA ASP B 196 19.79 -20.83 -6.00
C ASP B 196 19.73 -19.51 -6.75
N ALA B 197 19.99 -18.41 -6.04
CA ALA B 197 19.93 -17.10 -6.66
C ALA B 197 20.86 -16.15 -5.93
N VAL B 198 21.44 -15.23 -6.69
CA VAL B 198 22.32 -14.19 -6.16
C VAL B 198 21.73 -12.83 -6.51
N ARG B 199 21.78 -11.90 -5.57
CA ARG B 199 21.23 -10.58 -5.81
C ARG B 199 22.11 -9.80 -6.76
N ASN B 200 21.51 -8.85 -7.48
CA ASN B 200 22.22 -7.94 -8.36
C ASN B 200 22.69 -6.73 -7.56
N PRO B 201 23.99 -6.63 -7.24
CA PRO B 201 24.44 -5.59 -6.30
C PRO B 201 24.85 -4.29 -6.97
N SER B 202 24.47 -4.06 -8.22
CA SER B 202 24.98 -2.89 -8.94
C SER B 202 24.36 -1.59 -8.41
N TYR B 203 23.05 -1.57 -8.24
CA TYR B 203 22.37 -0.38 -7.77
C TYR B 203 22.76 -0.05 -6.34
N TYR B 204 23.01 -1.06 -5.53
CA TYR B 204 23.40 -0.84 -4.16
C TYR B 204 24.89 -0.62 -3.99
N LEU B 205 25.67 -0.78 -5.06
CA LEU B 205 27.08 -0.43 -4.99
C LEU B 205 27.34 0.97 -5.53
N TRP B 206 26.58 1.41 -6.51
CA TRP B 206 26.87 2.72 -7.09
C TRP B 206 26.17 3.86 -6.35
N SER B 207 25.01 3.61 -5.77
CA SER B 207 24.23 4.69 -5.17
C SER B 207 24.24 4.68 -3.65
N PHE B 208 24.78 3.67 -3.02
CA PHE B 208 24.75 3.66 -1.56
C PHE B 208 26.11 3.50 -0.91
N ILE B 209 27.00 2.71 -1.51
CA ILE B 209 28.31 2.50 -0.90
C ILE B 209 29.27 3.62 -1.27
N LEU B 210 29.30 4.03 -2.52
CA LEU B 210 30.26 5.02 -2.99
C LEU B 210 30.01 6.43 -2.44
N PRO B 211 28.80 6.99 -2.45
CA PRO B 211 28.64 8.32 -1.83
C PRO B 211 28.78 8.31 -0.32
N LEU B 212 28.46 7.21 0.34
CA LEU B 212 28.71 7.14 1.78
C LEU B 212 30.20 7.09 2.07
N GLY B 213 30.95 6.36 1.26
CA GLY B 213 32.39 6.38 1.38
C GLY B 213 32.96 7.75 1.15
N LEU B 214 32.42 8.49 0.17
CA LEU B 214 32.91 9.83 -0.08
C LEU B 214 32.57 10.78 1.06
N ILE B 215 31.39 10.60 1.68
CA ILE B 215 31.02 11.47 2.80
C ILE B 215 31.90 11.21 4.01
N ILE B 216 32.17 9.94 4.30
CA ILE B 216 33.04 9.61 5.43
C ILE B 216 34.47 10.08 5.15
N ALA B 217 34.92 9.97 3.90
CA ALA B 217 36.28 10.40 3.59
C ALA B 217 36.42 11.91 3.59
N ALA B 218 35.36 12.65 3.27
CA ALA B 218 35.44 14.10 3.30
C ALA B 218 35.17 14.65 4.68
N SER B 219 34.57 13.86 5.56
CA SER B 219 34.37 14.31 6.93
C SER B 219 35.67 14.37 7.71
N TRP B 220 36.70 13.67 7.25
CA TRP B 220 37.97 13.66 7.96
C TRP B 220 38.73 14.96 7.77
N SER B 221 38.40 15.72 6.74
CA SER B 221 39.14 16.95 6.45
C SER B 221 38.50 18.15 7.12
N VAL B 222 38.22 18.03 8.42
CA VAL B 222 37.89 19.19 9.24
C VAL B 222 39.03 19.56 10.16
N PHE B 223 40.05 18.72 10.27
CA PHE B 223 41.24 19.07 11.03
C PHE B 223 42.20 19.95 10.24
N TRP B 224 41.84 20.33 9.02
CA TRP B 224 42.64 21.30 8.29
C TRP B 224 42.22 22.73 8.62
N LEU B 225 41.05 22.92 9.21
CA LEU B 225 40.63 24.26 9.60
C LEU B 225 41.48 24.76 10.76
N GLU B 226 41.62 26.08 10.83
CA GLU B 226 42.58 26.69 11.76
C GLU B 226 42.02 26.85 13.17
N SER B 227 40.86 27.49 13.29
CA SER B 227 40.32 27.82 14.60
C SER B 227 39.65 26.60 15.21
N PHE B 228 38.88 26.83 16.27
CA PHE B 228 38.18 25.76 16.96
C PHE B 228 36.68 25.80 16.75
N SER B 229 36.08 26.99 16.67
CA SER B 229 34.63 27.06 16.47
C SER B 229 34.24 26.59 15.08
N GLU B 230 35.11 26.83 14.09
CA GLU B 230 34.83 26.38 12.73
C GLU B 230 34.81 24.86 12.66
N ARG B 231 35.72 24.20 13.38
CA ARG B 231 35.74 22.75 13.43
C ARG B 231 34.45 22.19 14.00
N LEU B 232 33.96 22.79 15.07
CA LEU B 232 32.74 22.28 15.70
C LEU B 232 31.53 22.50 14.82
N GLN B 233 31.37 23.70 14.27
CA GLN B 233 30.21 23.98 13.44
C GLN B 233 30.21 23.11 12.18
N THR B 234 31.40 22.88 11.61
CA THR B 234 31.49 22.01 10.45
C THR B 234 31.17 20.56 10.81
N SER B 235 31.57 20.12 12.01
CA SER B 235 31.26 18.76 12.44
C SER B 235 29.77 18.58 12.63
N PHE B 236 29.08 19.61 13.13
CA PHE B 236 27.64 19.48 13.30
C PHE B 236 26.90 19.46 11.96
N THR B 237 27.41 20.25 10.99
CA THR B 237 26.86 20.15 9.63
C THR B 237 27.07 18.76 9.04
N LEU B 238 28.23 18.16 9.30
CA LEU B 238 28.48 16.81 8.78
C LEU B 238 27.61 15.77 9.47
N MET B 239 27.31 15.97 10.74
CA MET B 239 26.43 15.02 11.43
C MET B 239 25.01 15.11 10.89
N LEU B 240 24.56 16.32 10.56
CA LEU B 240 23.25 16.44 9.89
C LEU B 240 23.29 15.78 8.50
N THR B 241 24.42 15.87 7.81
CA THR B 241 24.56 15.18 6.53
C THR B 241 24.42 13.67 6.69
N VAL B 242 25.04 13.10 7.72
CA VAL B 242 24.97 11.66 7.91
C VAL B 242 23.57 11.22 8.32
N VAL B 243 22.85 12.07 9.08
CA VAL B 243 21.46 11.73 9.42
C VAL B 243 20.58 11.75 8.17
N ALA B 244 20.77 12.76 7.31
CA ALA B 244 19.99 12.81 6.07
C ALA B 244 20.33 11.64 5.15
N TYR B 245 21.58 11.17 5.19
CA TYR B 245 21.94 10.02 4.37
C TYR B 245 21.33 8.73 4.93
N ALA B 246 21.30 8.59 6.25
CA ALA B 246 20.67 7.42 6.85
C ALA B 246 19.19 7.38 6.51
N PHE B 247 18.55 8.55 6.46
CA PHE B 247 17.18 8.62 6.00
C PHE B 247 17.04 8.21 4.53
N TYR B 248 17.91 8.74 3.66
CA TYR B 248 17.82 8.42 2.23
C TYR B 248 17.99 6.93 2.00
N THR B 249 18.84 6.26 2.77
CA THR B 249 18.94 4.81 2.62
C THR B 249 17.77 4.09 3.27
N SER B 250 17.13 4.71 4.27
CA SER B 250 16.03 4.04 4.94
C SER B 250 14.75 4.07 4.13
N ASN B 251 14.68 4.99 3.15
CA ASN B 251 13.48 5.12 2.29
C ASN B 251 13.55 4.06 1.19
N ILE B 252 14.58 4.10 0.35
CA ILE B 252 14.75 3.15 -0.78
C ILE B 252 15.47 1.89 -0.32
N LEU B 253 14.87 1.11 0.60
CA LEU B 253 15.50 -0.15 1.09
C LEU B 253 14.44 -1.10 1.63
N PRO B 254 14.73 -2.41 1.78
CA PRO B 254 13.77 -3.38 2.30
C PRO B 254 13.85 -3.49 3.82
N ARG B 255 12.73 -3.45 4.52
CA ARG B 255 12.72 -3.53 5.97
C ARG B 255 13.24 -4.88 6.44
N LEU B 256 13.97 -4.87 7.55
CA LEU B 256 14.53 -6.12 8.14
C LEU B 256 14.54 -5.97 9.67
N PRO B 257 14.56 -7.07 10.46
CA PRO B 257 14.63 -6.98 11.91
C PRO B 257 16.07 -7.01 12.41
N TYR B 258 17.03 -7.17 11.48
CA TYR B 258 18.48 -7.20 11.80
C TYR B 258 19.21 -6.23 10.86
N THR B 259 20.42 -5.81 11.24
CA THR B 259 21.19 -4.83 10.43
C THR B 259 21.89 -5.49 9.23
N THR B 260 21.92 -4.76 8.11
CA THR B 260 22.56 -5.10 6.85
C THR B 260 24.02 -4.68 6.90
N VAL B 261 24.68 -4.72 5.75
CA VAL B 261 26.04 -4.20 5.62
C VAL B 261 25.99 -2.68 5.58
N ILE B 262 25.02 -2.13 4.84
CA ILE B 262 24.89 -0.68 4.73
C ILE B 262 24.50 -0.07 6.07
N ASP B 263 23.77 -0.80 6.90
CA ASP B 263 23.49 -0.29 8.23
C ASP B 263 24.67 -0.47 9.19
N GLN B 264 25.69 -1.25 8.83
CA GLN B 264 26.93 -1.13 9.57
C GLN B 264 27.72 0.09 9.10
N MET B 265 27.63 0.40 7.80
CA MET B 265 28.38 1.54 7.29
C MET B 265 27.82 2.86 7.80
N ILE B 266 26.51 2.94 8.00
CA ILE B 266 25.92 4.17 8.55
C ILE B 266 26.38 4.39 9.98
N ILE B 267 26.42 3.33 10.79
CA ILE B 267 26.91 3.45 12.15
C ILE B 267 28.40 3.73 12.17
N ALA B 268 29.14 3.24 11.16
CA ALA B 268 30.54 3.61 11.04
C ALA B 268 30.69 5.10 10.74
N GLY B 269 29.77 5.66 9.94
CA GLY B 269 29.80 7.09 9.69
C GLY B 269 29.50 7.90 10.95
N TYR B 270 28.52 7.45 11.73
CA TYR B 270 28.24 8.09 13.01
C TYR B 270 29.43 8.01 13.94
N GLY B 271 30.12 6.87 13.96
CA GLY B 271 31.28 6.73 14.81
C GLY B 271 32.43 7.61 14.38
N SER B 272 32.60 7.77 13.07
CA SER B 272 33.65 8.67 12.58
C SER B 272 33.35 10.12 12.94
N ILE B 273 32.09 10.54 12.79
CA ILE B 273 31.72 11.91 13.14
C ILE B 273 31.92 12.15 14.64
N PHE B 274 31.50 11.21 15.47
CA PHE B 274 31.62 11.43 16.91
C PHE B 274 33.06 11.32 17.38
N ALA B 275 33.88 10.47 16.76
CA ALA B 275 35.29 10.44 17.11
C ALA B 275 35.99 11.72 16.66
N ALA B 276 35.55 12.32 15.55
CA ALA B 276 36.11 13.61 15.15
C ALA B 276 35.74 14.70 16.14
N ILE B 277 34.50 14.68 16.65
CA ILE B 277 34.10 15.69 17.63
C ILE B 277 34.86 15.50 18.93
N LEU B 278 35.05 14.24 19.35
CA LEU B 278 35.81 13.96 20.57
C LEU B 278 37.26 14.41 20.42
N LEU B 279 37.88 14.13 19.27
CA LEU B 279 39.26 14.53 19.07
C LEU B 279 39.39 16.04 18.99
N ILE B 280 38.38 16.72 18.46
CA ILE B 280 38.42 18.18 18.38
C ILE B 280 38.35 18.80 19.78
N ILE B 281 37.44 18.29 20.60
CA ILE B 281 37.31 18.81 21.97
C ILE B 281 38.56 18.49 22.79
N PHE B 282 39.14 17.32 22.58
CA PHE B 282 40.34 16.96 23.34
C PHE B 282 41.55 17.78 22.87
N ALA B 283 41.68 18.02 21.57
CA ALA B 283 42.83 18.76 21.07
C ALA B 283 42.73 20.24 21.38
N HIS B 284 41.51 20.78 21.46
CA HIS B 284 41.38 22.14 21.96
C HIS B 284 41.62 22.21 23.47
N HIS B 285 41.14 21.20 24.19
CA HIS B 285 41.10 21.26 25.64
C HIS B 285 42.45 21.01 26.29
N ARG B 286 43.50 20.77 25.52
CA ARG B 286 44.85 20.69 26.08
C ARG B 286 45.36 22.11 26.27
N GLN B 287 44.97 22.72 27.40
CA GLN B 287 45.41 24.06 27.78
C GLN B 287 45.81 24.05 29.24
N ALA B 288 46.76 24.91 29.61
CA ALA B 288 47.19 24.99 31.00
C ALA B 288 46.15 25.70 31.86
N ASN B 289 45.62 26.83 31.38
CA ASN B 289 44.50 27.49 32.01
C ASN B 289 43.42 27.94 31.05
N GLY B 290 43.67 27.95 29.74
CA GLY B 290 42.65 28.35 28.78
C GLY B 290 43.17 29.16 27.61
N VAL B 291 44.47 29.47 27.60
CA VAL B 291 45.05 30.29 26.54
C VAL B 291 46.05 29.52 25.70
N GLU B 292 46.53 28.36 26.15
CA GLU B 292 47.56 27.64 25.42
C GLU B 292 46.98 26.90 24.22
N ASP B 293 47.53 27.15 23.05
CA ASP B 293 47.09 26.49 21.83
C ASP B 293 47.70 25.09 21.76
N ASP B 294 47.38 24.34 20.71
CA ASP B 294 47.89 22.98 20.60
C ASP B 294 48.00 22.58 19.13
N LEU B 295 48.98 21.73 18.84
CA LEU B 295 49.15 21.14 17.52
C LEU B 295 49.43 19.64 17.57
N LEU B 296 49.81 19.10 18.73
CA LEU B 296 50.40 17.76 18.81
C LEU B 296 49.40 16.67 18.42
N ILE B 297 48.23 16.64 19.06
CA ILE B 297 47.22 15.65 18.72
C ILE B 297 46.58 15.92 17.36
N GLN B 298 46.83 17.08 16.76
CA GLN B 298 46.32 17.41 15.44
C GLN B 298 47.23 16.89 14.33
N ARG B 299 48.12 15.96 14.63
CA ARG B 299 48.81 15.18 13.61
C ARG B 299 47.95 14.02 13.11
N CYS B 300 46.70 13.92 13.58
CA CYS B 300 45.78 12.86 13.19
C CYS B 300 44.98 13.21 11.94
N ARG B 301 45.45 14.17 11.13
CA ARG B 301 44.87 14.40 9.82
C ARG B 301 45.27 13.34 8.81
N LEU B 302 46.31 12.55 9.11
CA LEU B 302 46.76 11.49 8.23
C LEU B 302 46.73 10.11 8.88
N ALA B 303 46.50 10.02 10.19
CA ALA B 303 46.56 8.76 10.92
C ALA B 303 45.20 8.29 11.42
N PHE B 304 44.38 9.19 11.96
CA PHE B 304 43.01 8.84 12.34
C PHE B 304 42.15 8.42 11.15
N PRO B 305 42.29 8.98 9.95
CA PRO B 305 41.76 8.30 8.76
C PRO B 305 42.23 6.87 8.62
N LEU B 306 43.54 6.62 8.74
CA LEU B 306 44.06 5.27 8.62
C LEU B 306 43.61 4.41 9.80
N GLY B 307 43.44 5.02 10.98
CA GLY B 307 42.96 4.26 12.13
C GLY B 307 41.54 3.75 11.96
N PHE B 308 40.61 4.63 11.58
CA PHE B 308 39.24 4.18 11.38
C PHE B 308 39.11 3.35 10.11
N LEU B 309 39.98 3.54 9.12
CA LEU B 309 39.97 2.66 7.96
C LEU B 309 40.46 1.27 8.32
N ALA B 310 41.42 1.17 9.25
CA ALA B 310 41.85 -0.13 9.74
C ALA B 310 40.76 -0.80 10.55
N ILE B 311 40.01 -0.01 11.34
CA ILE B 311 38.87 -0.56 12.07
C ILE B 311 37.81 -1.09 11.11
N GLY B 312 37.53 -0.34 10.04
CA GLY B 312 36.55 -0.80 9.05
C GLY B 312 37.01 -2.03 8.28
N CYS B 313 38.29 -2.06 7.89
CA CYS B 313 38.82 -3.21 7.16
C CYS B 313 38.93 -4.45 8.04
N VAL B 314 39.13 -4.26 9.35
CA VAL B 314 39.05 -5.38 10.27
C VAL B 314 37.61 -5.86 10.42
N LEU B 315 36.67 -4.92 10.48
CA LEU B 315 35.26 -5.28 10.58
C LEU B 315 34.75 -5.98 9.32
N VAL B 316 35.39 -5.73 8.17
CA VAL B 316 35.10 -6.52 6.97
C VAL B 316 35.53 -7.97 7.18
N ILE B 317 36.77 -8.17 7.61
CA ILE B 317 37.30 -9.51 7.83
C ILE B 317 36.71 -10.12 9.09
N PRO C 11 -24.05 -35.29 24.23
CA PRO C 11 -22.92 -34.42 23.86
C PRO C 11 -21.81 -35.16 23.16
N VAL C 12 -21.37 -34.63 22.03
CA VAL C 12 -20.30 -35.24 21.24
C VAL C 12 -18.97 -34.68 21.73
N ASP C 13 -17.99 -35.55 21.90
CA ASP C 13 -16.68 -35.16 22.42
C ASP C 13 -15.75 -34.94 21.24
N VAL C 14 -15.45 -33.68 20.96
CA VAL C 14 -14.59 -33.32 19.83
C VAL C 14 -13.17 -33.13 20.33
N SER C 15 -12.19 -33.70 19.63
CA SER C 15 -10.80 -33.64 20.05
C SER C 15 -9.97 -32.86 19.03
N VAL C 16 -9.59 -31.64 19.37
CA VAL C 16 -8.95 -30.74 18.44
C VAL C 16 -7.44 -30.87 18.55
N SER C 17 -6.74 -30.56 17.46
CA SER C 17 -5.28 -30.46 17.45
C SER C 17 -4.90 -29.38 16.44
N ILE C 18 -4.09 -28.42 16.85
CA ILE C 18 -3.76 -27.27 16.02
C ILE C 18 -2.27 -27.26 15.77
N PHE C 19 -1.87 -27.29 14.50
CA PHE C 19 -0.48 -27.18 14.10
C PHE C 19 -0.24 -25.76 13.61
N ILE C 20 0.59 -25.02 14.31
CA ILE C 20 0.89 -23.64 13.94
C ILE C 20 2.12 -23.66 13.05
N ASN C 21 1.95 -23.39 11.76
CA ASN C 21 3.09 -23.35 10.86
C ASN C 21 3.88 -22.06 11.04
N LYS C 22 3.23 -20.90 10.88
CA LYS C 22 3.99 -19.67 11.04
C LYS C 22 3.11 -18.53 11.52
N ILE C 23 3.72 -17.63 12.29
CA ILE C 23 3.08 -16.44 12.84
C ILE C 23 3.87 -15.24 12.36
N TYR C 24 3.19 -14.27 11.76
CA TYR C 24 3.90 -13.14 11.16
C TYR C 24 2.96 -11.97 11.01
N GLY C 25 3.44 -10.93 10.34
CA GLY C 25 2.61 -9.81 9.90
C GLY C 25 1.94 -9.03 10.98
N VAL C 26 2.64 -8.75 12.09
CA VAL C 26 2.01 -8.09 13.23
C VAL C 26 1.70 -6.65 12.87
N ASN C 27 0.42 -6.31 12.82
CA ASN C 27 -0.04 -4.97 12.52
C ASN C 27 -0.29 -4.26 13.85
N THR C 28 0.46 -3.20 14.11
CA THR C 28 0.42 -2.59 15.43
C THR C 28 -0.77 -1.66 15.59
N LEU C 29 -1.31 -1.14 14.49
CA LEU C 29 -2.39 -0.16 14.59
C LEU C 29 -3.75 -0.85 14.65
N GLU C 30 -3.93 -1.92 13.88
CA GLU C 30 -5.15 -2.71 13.95
C GLU C 30 -5.11 -3.79 15.03
N GLN C 31 -3.94 -4.00 15.63
CA GLN C 31 -3.71 -5.02 16.66
C GLN C 31 -4.02 -6.43 16.16
N THR C 32 -3.70 -6.70 14.90
CA THR C 32 -3.90 -8.01 14.30
C THR C 32 -2.55 -8.65 14.01
N TYR C 33 -2.60 -9.94 13.66
CA TYR C 33 -1.41 -10.70 13.30
C TYR C 33 -1.88 -11.92 12.52
N LYS C 34 -1.08 -12.36 11.55
CA LYS C 34 -1.49 -13.45 10.69
C LYS C 34 -0.91 -14.76 11.18
N VAL C 35 -1.76 -15.78 11.26
CA VAL C 35 -1.37 -17.13 11.64
C VAL C 35 -1.69 -18.07 10.49
N ASP C 36 -0.78 -18.99 10.21
CA ASP C 36 -0.96 -19.96 9.14
C ASP C 36 -0.69 -21.33 9.72
N GLY C 37 -1.59 -22.28 9.46
CA GLY C 37 -1.40 -23.61 10.00
C GLY C 37 -2.59 -24.51 9.69
N TYR C 38 -2.60 -25.66 10.37
CA TYR C 38 -3.63 -26.68 10.19
C TYR C 38 -4.54 -26.73 11.41
N ILE C 39 -5.64 -27.48 11.27
CA ILE C 39 -6.53 -27.76 12.38
C ILE C 39 -7.22 -29.10 12.16
N VAL C 40 -7.14 -29.99 13.13
CA VAL C 40 -7.59 -31.37 13.00
C VAL C 40 -8.59 -31.65 14.11
N ALA C 41 -9.87 -31.72 13.77
CA ALA C 41 -10.88 -32.13 14.73
C ALA C 41 -11.22 -33.60 14.53
N GLN C 42 -11.73 -34.24 15.57
CA GLN C 42 -11.94 -35.68 15.51
C GLN C 42 -13.05 -36.06 16.49
N TRP C 43 -14.04 -36.81 16.01
CA TRP C 43 -15.10 -37.26 16.89
C TRP C 43 -15.54 -38.65 16.48
N THR C 44 -16.56 -39.16 17.18
CA THR C 44 -17.06 -40.50 16.96
C THR C 44 -18.56 -40.46 16.72
N GLY C 45 -19.00 -40.97 15.58
CA GLY C 45 -20.41 -40.94 15.24
C GLY C 45 -21.04 -42.31 15.16
N LYS C 46 -21.73 -42.58 14.07
CA LYS C 46 -22.33 -43.89 13.86
C LYS C 46 -21.41 -44.76 13.01
N PRO C 47 -21.43 -46.08 13.20
CA PRO C 47 -20.67 -46.96 12.31
C PRO C 47 -21.25 -46.93 10.92
N ARG C 48 -20.41 -47.24 9.93
CA ARG C 48 -20.84 -47.19 8.55
C ARG C 48 -20.06 -48.22 7.74
N LYS C 49 -20.56 -48.49 6.54
CA LYS C 49 -19.95 -49.42 5.62
C LYS C 49 -19.25 -48.65 4.52
N THR C 50 -17.94 -48.78 4.44
CA THR C 50 -17.15 -48.08 3.44
C THR C 50 -16.73 -49.08 2.37
N PRO C 51 -16.22 -48.62 1.21
CA PRO C 51 -15.62 -49.57 0.24
C PRO C 51 -14.49 -50.39 0.84
N GLY C 52 -14.71 -51.69 0.97
CA GLY C 52 -13.77 -52.54 1.68
C GLY C 52 -13.85 -52.32 3.18
N ASP C 53 -12.71 -52.47 3.84
CA ASP C 53 -12.57 -52.17 5.25
C ASP C 53 -11.77 -50.90 5.48
N LYS C 54 -11.02 -50.46 4.48
CA LYS C 54 -10.14 -49.31 4.63
C LYS C 54 -10.94 -48.02 4.82
N PRO C 55 -10.38 -47.03 5.50
CA PRO C 55 -11.08 -45.76 5.69
C PRO C 55 -11.26 -45.00 4.38
N LEU C 56 -12.45 -44.43 4.21
CA LEU C 56 -12.76 -43.64 3.03
C LEU C 56 -12.31 -42.21 3.24
N ILE C 57 -11.64 -41.65 2.22
CA ILE C 57 -11.12 -40.25 2.31
C ILE C 57 -11.90 -39.36 1.33
N VAL C 58 -12.51 -38.29 1.85
CA VAL C 58 -13.28 -37.32 1.04
C VAL C 58 -12.47 -36.02 1.02
N GLU C 59 -12.19 -35.46 -0.16
CA GLU C 59 -11.33 -34.25 -0.21
C GLU C 59 -12.00 -33.07 -0.93
N ASN C 60 -11.86 -31.90 -0.32
CA ASN C 60 -12.35 -30.62 -0.85
C ASN C 60 -13.83 -30.50 -1.14
N THR C 61 -14.17 -30.44 -2.43
CA THR C 61 -15.55 -30.29 -2.91
C THR C 61 -16.44 -31.49 -2.70
N GLN C 62 -15.83 -32.63 -2.41
CA GLN C 62 -16.59 -33.85 -2.17
C GLN C 62 -17.46 -33.71 -0.94
N ILE C 63 -16.92 -33.07 0.09
CA ILE C 63 -17.65 -32.85 1.33
C ILE C 63 -19.05 -32.29 1.12
N GLU C 64 -19.21 -31.19 0.40
CA GLU C 64 -20.55 -30.66 0.22
C GLU C 64 -21.51 -31.63 -0.45
N ARG C 65 -21.00 -32.71 -1.04
CA ARG C 65 -21.86 -33.78 -1.50
C ARG C 65 -22.21 -34.77 -0.40
N TRP C 66 -21.46 -34.76 0.70
CA TRP C 66 -21.76 -35.63 1.82
C TRP C 66 -22.64 -34.96 2.85
N ILE C 67 -22.54 -33.64 3.00
CA ILE C 67 -23.38 -32.94 3.95
C ILE C 67 -24.81 -32.85 3.44
N ASN C 68 -25.00 -32.78 2.13
CA ASN C 68 -26.34 -32.84 1.56
C ASN C 68 -26.99 -34.19 1.81
N ASN C 69 -26.20 -35.25 1.91
CA ASN C 69 -26.69 -36.58 2.23
C ASN C 69 -26.78 -36.83 3.72
N GLY C 70 -26.75 -35.77 4.53
CA GLY C 70 -27.04 -35.89 5.95
C GLY C 70 -25.87 -36.15 6.86
N LEU C 71 -24.65 -36.00 6.38
CA LEU C 71 -23.49 -36.14 7.26
C LEU C 71 -23.41 -34.96 8.21
N TRP C 72 -23.09 -35.23 9.47
CA TRP C 72 -23.03 -34.21 10.50
C TRP C 72 -21.58 -33.75 10.65
N VAL C 73 -21.29 -32.56 10.15
CA VAL C 73 -19.98 -31.95 10.31
C VAL C 73 -20.19 -30.58 10.94
N PRO C 74 -19.71 -30.34 12.16
CA PRO C 74 -19.90 -29.04 12.77
C PRO C 74 -18.99 -27.99 12.15
N ALA C 75 -19.33 -26.74 12.40
CA ALA C 75 -18.56 -25.61 11.92
C ALA C 75 -17.89 -24.97 13.12
N LEU C 76 -16.59 -25.22 13.28
CA LEU C 76 -15.81 -24.63 14.34
C LEU C 76 -15.25 -23.30 13.85
N GLU C 77 -15.64 -22.22 14.49
CA GLU C 77 -15.20 -20.90 14.09
C GLU C 77 -14.15 -20.37 15.05
N PHE C 78 -13.31 -19.48 14.55
CA PHE C 78 -12.35 -18.78 15.38
C PHE C 78 -13.02 -17.52 15.89
N ILE C 79 -13.02 -17.34 17.21
CA ILE C 79 -13.77 -16.24 17.81
C ILE C 79 -13.12 -14.91 17.48
N ASN C 80 -11.79 -14.83 17.54
CA ASN C 80 -11.09 -13.57 17.40
C ASN C 80 -10.54 -13.34 16.01
N VAL C 81 -10.97 -14.11 15.01
CA VAL C 81 -10.54 -13.86 13.66
C VAL C 81 -11.17 -12.57 13.15
N VAL C 82 -10.55 -11.99 12.13
CA VAL C 82 -11.05 -10.78 11.49
C VAL C 82 -11.39 -11.17 10.05
N GLY C 83 -12.67 -11.19 9.73
CA GLY C 83 -13.08 -11.57 8.40
C GLY C 83 -13.43 -13.04 8.31
N SER C 84 -12.74 -13.76 7.41
CA SER C 84 -12.93 -15.19 7.28
C SER C 84 -11.58 -15.78 6.86
N PRO C 85 -11.18 -16.91 7.44
CA PRO C 85 -9.90 -17.49 7.06
C PRO C 85 -9.89 -18.00 5.63
N ASP C 86 -8.74 -17.89 4.98
CA ASP C 86 -8.58 -18.37 3.61
C ASP C 86 -8.31 -19.87 3.64
N THR C 87 -9.40 -20.62 3.80
CA THR C 87 -9.31 -22.08 3.90
C THR C 87 -8.80 -22.67 2.59
N GLY C 88 -7.68 -23.37 2.67
CA GLY C 88 -7.12 -24.03 1.52
C GLY C 88 -7.73 -25.40 1.36
N ASN C 89 -6.92 -26.45 1.39
CA ASN C 89 -7.45 -27.79 1.28
C ASN C 89 -8.15 -28.18 2.58
N LYS C 90 -8.97 -29.22 2.50
CA LYS C 90 -9.67 -29.78 3.65
C LYS C 90 -10.14 -31.17 3.27
N ARG C 91 -10.35 -32.01 4.28
CA ARG C 91 -10.70 -33.39 3.99
C ARG C 91 -11.35 -34.05 5.19
N LEU C 92 -12.05 -35.14 4.92
CA LEU C 92 -12.74 -35.90 5.94
C LEU C 92 -12.34 -37.35 5.81
N MET C 93 -11.87 -37.96 6.88
CA MET C 93 -11.51 -39.36 6.80
C MET C 93 -12.51 -40.11 7.65
N LEU C 94 -13.21 -41.06 7.05
CA LEU C 94 -14.23 -41.81 7.76
C LEU C 94 -13.80 -43.25 7.95
N PHE C 95 -13.88 -43.75 9.17
CA PHE C 95 -13.49 -45.11 9.49
C PHE C 95 -14.72 -45.97 9.71
N PRO C 96 -14.68 -47.23 9.24
CA PRO C 96 -15.77 -48.19 9.37
C PRO C 96 -16.26 -48.24 10.81
N ASP C 97 -15.33 -48.13 11.76
CA ASP C 97 -15.66 -48.10 13.21
C ASP C 97 -16.76 -47.06 13.46
N GLY C 98 -16.61 -45.86 12.88
CA GLY C 98 -17.60 -44.79 13.06
C GLY C 98 -16.95 -43.48 13.47
N ARG C 99 -15.62 -43.46 13.53
CA ARG C 99 -14.85 -42.23 13.93
C ARG C 99 -14.52 -41.42 12.68
N VAL C 100 -14.77 -40.10 12.73
CA VAL C 100 -14.54 -39.17 11.59
C VAL C 100 -13.42 -38.19 11.97
N ILE C 101 -12.56 -37.85 11.01
CA ILE C 101 -11.45 -36.87 11.25
C ILE C 101 -11.54 -35.75 10.22
N TYR C 102 -11.71 -34.50 10.67
CA TYR C 102 -11.82 -33.37 9.77
C TYR C 102 -10.54 -32.56 9.88
N ASN C 103 -9.74 -32.55 8.81
CA ASN C 103 -8.45 -31.90 8.79
C ASN C 103 -8.50 -30.78 7.77
N ALA C 104 -8.28 -29.55 8.21
CA ALA C 104 -8.35 -28.39 7.32
C ALA C 104 -7.11 -27.53 7.51
N ARG C 105 -6.92 -26.60 6.58
CA ARG C 105 -5.77 -25.72 6.60
C ARG C 105 -6.25 -24.28 6.51
N PHE C 106 -5.78 -23.43 7.42
CA PHE C 106 -6.26 -22.07 7.53
C PHE C 106 -5.11 -21.07 7.47
N LEU C 107 -5.46 -19.88 6.98
CA LEU C 107 -4.60 -18.69 7.09
C LEU C 107 -5.51 -17.56 7.56
N GLY C 108 -5.30 -17.09 8.78
CA GLY C 108 -6.21 -16.11 9.34
C GLY C 108 -5.55 -14.86 9.87
N SER C 109 -6.30 -13.75 9.86
CA SER C 109 -5.81 -12.48 10.35
C SER C 109 -6.42 -12.24 11.73
N PHE C 110 -5.81 -12.82 12.75
CA PHE C 110 -6.38 -12.86 14.07
C PHE C 110 -6.15 -11.54 14.79
N SER C 111 -6.91 -11.30 15.85
CA SER C 111 -6.82 -10.04 16.57
C SER C 111 -6.74 -10.30 18.07
N ASN C 112 -5.98 -9.44 18.75
CA ASN C 112 -5.77 -9.57 20.19
C ASN C 112 -5.62 -8.16 20.77
N ASP C 113 -5.44 -8.09 22.08
CA ASP C 113 -5.26 -6.82 22.80
C ASP C 113 -3.79 -6.67 23.14
N MET C 114 -3.06 -5.97 22.28
CA MET C 114 -1.62 -5.86 22.41
C MET C 114 -1.23 -4.52 23.02
N ASP C 115 -0.07 -4.50 23.66
CA ASP C 115 0.39 -3.36 24.46
C ASP C 115 1.84 -3.10 24.06
N PHE C 116 2.04 -2.17 23.14
CA PHE C 116 3.36 -1.84 22.62
C PHE C 116 4.03 -0.72 23.39
N ARG C 117 3.71 -0.55 24.67
CA ARG C 117 4.16 0.63 25.40
C ARG C 117 5.63 0.59 25.78
N LEU C 118 6.31 -0.54 25.59
CA LEU C 118 7.76 -0.62 25.70
C LEU C 118 8.22 -1.25 24.39
N PHE C 119 8.38 -0.42 23.36
CA PHE C 119 8.29 -0.98 22.02
C PHE C 119 9.46 -1.87 21.60
N PRO C 120 10.74 -1.45 21.65
CA PRO C 120 11.77 -2.37 21.16
C PRO C 120 11.99 -3.55 22.08
N PHE C 121 11.67 -3.40 23.36
CA PHE C 121 11.86 -4.44 24.37
C PHE C 121 10.54 -5.08 24.72
N ASP C 122 9.71 -5.29 23.70
CA ASP C 122 8.34 -5.71 23.83
C ASP C 122 8.23 -7.15 24.35
N ARG C 123 7.00 -7.53 24.72
CA ARG C 123 6.71 -8.90 25.12
C ARG C 123 5.21 -9.14 24.90
N GLN C 124 4.87 -9.82 23.81
CA GLN C 124 3.49 -10.03 23.46
C GLN C 124 3.09 -11.48 23.65
N GLN C 125 1.80 -11.75 23.56
CA GLN C 125 1.32 -13.11 23.48
C GLN C 125 0.25 -13.18 22.41
N PHE C 126 0.27 -14.26 21.66
CA PHE C 126 -0.62 -14.46 20.53
C PHE C 126 -1.69 -15.47 20.92
N VAL C 127 -2.95 -15.11 20.73
CA VAL C 127 -4.07 -15.89 21.22
C VAL C 127 -4.89 -16.38 20.04
N LEU C 128 -5.23 -17.66 20.06
CA LEU C 128 -6.17 -18.27 19.13
C LEU C 128 -7.33 -18.82 19.94
N GLU C 129 -8.54 -18.35 19.67
CA GLU C 129 -9.74 -18.81 20.36
C GLU C 129 -10.60 -19.54 19.36
N LEU C 130 -11.22 -20.63 19.79
CA LEU C 130 -11.95 -21.52 18.91
C LEU C 130 -13.22 -21.98 19.60
N GLU C 131 -14.31 -22.07 18.85
CA GLU C 131 -15.59 -22.34 19.47
C GLU C 131 -16.57 -22.86 18.42
N PRO C 132 -17.47 -23.78 18.77
CA PRO C 132 -18.52 -24.17 17.82
C PRO C 132 -19.42 -22.99 17.51
N PHE C 133 -19.87 -22.92 16.27
CA PHE C 133 -20.67 -21.77 15.88
C PHE C 133 -22.10 -21.87 16.37
N SER C 134 -22.63 -23.07 16.51
CA SER C 134 -24.05 -23.24 16.80
C SER C 134 -24.38 -24.17 17.95
N TYR C 135 -23.54 -25.17 18.24
CA TYR C 135 -23.89 -26.20 19.20
C TYR C 135 -23.33 -25.85 20.56
N ASN C 136 -24.19 -25.80 21.57
CA ASN C 136 -23.75 -25.49 22.91
C ASN C 136 -23.11 -26.71 23.56
N ASN C 137 -22.70 -26.57 24.81
CA ASN C 137 -21.91 -27.61 25.45
C ASN C 137 -22.77 -28.78 25.95
N GLN C 138 -24.06 -28.78 25.68
CA GLN C 138 -24.89 -29.96 25.87
C GLN C 138 -25.04 -30.77 24.59
N GLN C 139 -24.55 -30.26 23.46
CA GLN C 139 -24.57 -31.00 22.21
C GLN C 139 -23.20 -31.21 21.60
N LEU C 140 -22.19 -30.45 22.02
CA LEU C 140 -20.84 -30.58 21.47
C LEU C 140 -19.88 -29.98 22.48
N ARG C 141 -19.04 -30.81 23.11
CA ARG C 141 -18.04 -30.30 24.03
C ARG C 141 -16.68 -30.77 23.58
N PHE C 142 -15.67 -29.94 23.83
CA PHE C 142 -14.31 -30.31 23.48
C PHE C 142 -13.71 -31.17 24.58
N SER C 143 -12.90 -32.14 24.19
CA SER C 143 -12.33 -33.10 25.12
C SER C 143 -10.89 -32.77 25.49
N ASP C 144 -10.05 -32.40 24.54
CA ASP C 144 -8.70 -31.97 24.82
C ASP C 144 -8.23 -31.10 23.66
N ILE C 145 -6.97 -30.67 23.72
CA ILE C 145 -6.32 -30.00 22.61
C ILE C 145 -4.82 -30.14 22.76
N GLN C 146 -4.16 -30.51 21.67
CA GLN C 146 -2.71 -30.48 21.58
C GLN C 146 -2.31 -29.41 20.56
N VAL C 147 -1.30 -28.62 20.89
CA VAL C 147 -0.77 -27.61 20.00
C VAL C 147 0.66 -27.99 19.64
N TYR C 148 0.94 -28.11 18.34
CA TYR C 148 2.30 -28.46 17.86
C TYR C 148 2.94 -27.25 17.17
N THR C 149 3.98 -26.69 17.77
CA THR C 149 4.67 -25.49 17.22
C THR C 149 6.15 -25.82 16.94
N GLU C 150 6.43 -27.03 16.47
CA GLU C 150 7.82 -27.47 16.20
C GLU C 150 8.45 -26.59 15.11
N ASN C 151 7.66 -26.23 14.09
CA ASN C 151 8.19 -25.46 12.92
C ASN C 151 8.73 -24.09 13.33
N ILE C 152 8.05 -23.33 14.17
CA ILE C 152 8.52 -21.99 14.56
C ILE C 152 9.83 -21.90 15.37
N ASP C 153 10.89 -21.43 14.71
CA ASP C 153 12.24 -21.28 15.29
C ASP C 153 12.54 -20.02 16.15
N ASN C 154 13.59 -20.12 16.97
CA ASN C 154 14.05 -19.07 17.88
C ASN C 154 15.30 -18.25 17.44
N GLU C 155 15.81 -18.48 16.23
CA GLU C 155 17.02 -17.79 15.76
C GLU C 155 16.99 -16.25 15.62
N GLU C 156 18.18 -15.66 15.43
CA GLU C 156 18.37 -14.20 15.22
C GLU C 156 17.58 -13.69 14.01
N ILE C 157 17.45 -14.50 12.95
CA ILE C 157 16.76 -14.07 11.71
C ILE C 157 15.29 -13.71 11.97
N ASP C 158 14.58 -14.52 12.76
CA ASP C 158 13.13 -14.27 13.04
C ASP C 158 12.97 -12.98 13.85
N GLU C 159 11.88 -12.22 13.61
CA GLU C 159 11.67 -10.98 14.40
C GLU C 159 11.13 -11.29 15.80
N TRP C 160 10.47 -12.44 15.97
CA TRP C 160 9.91 -12.79 17.27
C TRP C 160 10.53 -14.10 17.76
N TRP C 161 10.99 -14.09 19.00
CA TRP C 161 11.46 -15.31 19.66
C TRP C 161 10.30 -15.90 20.42
N ILE C 162 9.95 -17.14 20.10
CA ILE C 162 8.88 -17.85 20.81
C ILE C 162 9.46 -18.49 22.05
N ARG C 163 8.92 -18.15 23.22
CA ARG C 163 9.48 -18.59 24.49
C ARG C 163 8.61 -19.70 25.07
N GLY C 164 9.03 -20.95 24.87
CA GLY C 164 8.33 -22.09 25.42
C GLY C 164 7.13 -22.50 24.59
N LYS C 165 6.54 -23.62 24.98
CA LYS C 165 5.43 -24.18 24.24
C LYS C 165 4.16 -23.36 24.51
N ALA C 166 3.09 -23.74 23.80
CA ALA C 166 1.83 -23.02 23.91
C ALA C 166 1.09 -23.44 25.16
N SER C 167 0.19 -22.57 25.62
CA SER C 167 -0.64 -22.84 26.77
C SER C 167 -2.09 -22.93 26.31
N THR C 168 -2.71 -24.08 26.54
CA THR C 168 -4.06 -24.34 26.07
C THR C 168 -5.02 -24.33 27.25
N HIS C 169 -6.30 -24.18 26.93
CA HIS C 169 -7.32 -23.99 27.95
C HIS C 169 -8.68 -24.33 27.37
N ILE C 170 -9.52 -25.00 28.15
CA ILE C 170 -10.87 -25.36 27.71
C ILE C 170 -11.85 -24.86 28.76
N SER C 171 -12.57 -23.80 28.44
CA SER C 171 -13.50 -23.16 29.37
C SER C 171 -14.91 -23.23 28.81
N ASP C 172 -15.86 -22.67 29.56
CA ASP C 172 -17.27 -22.70 29.17
C ASP C 172 -17.82 -21.29 29.24
N ILE C 173 -17.93 -20.64 28.09
CA ILE C 173 -18.42 -19.28 28.02
C ILE C 173 -19.93 -19.27 28.17
N ARG C 174 -20.47 -18.24 28.82
CA ARG C 174 -21.90 -18.08 28.99
C ARG C 174 -22.38 -16.85 28.25
N TYR C 175 -23.45 -17.01 27.48
CA TYR C 175 -24.08 -15.91 26.74
C TYR C 175 -25.48 -15.70 27.29
N ASP C 176 -25.72 -14.53 27.88
CA ASP C 176 -27.01 -14.25 28.48
C ASP C 176 -28.07 -13.89 27.45
N HIS C 177 -27.67 -13.41 26.28
CA HIS C 177 -28.62 -12.97 25.26
C HIS C 177 -29.43 -14.10 24.64
N LEU C 178 -28.99 -15.35 24.79
CA LEU C 178 -29.79 -16.49 24.37
C LEU C 178 -30.73 -16.97 25.46
N SER C 179 -30.88 -16.20 26.53
CA SER C 179 -31.81 -16.58 27.60
C SER C 179 -33.27 -16.48 27.15
N SER C 180 -33.55 -15.68 26.13
CA SER C 180 -34.93 -15.49 25.67
C SER C 180 -35.39 -16.59 24.74
N VAL C 181 -34.49 -17.18 23.97
CA VAL C 181 -34.87 -18.20 22.99
C VAL C 181 -34.44 -19.60 23.40
N GLN C 182 -33.47 -19.75 24.29
CA GLN C 182 -32.98 -21.06 24.72
C GLN C 182 -32.60 -21.00 26.18
N PRO C 183 -33.55 -21.24 27.09
CA PRO C 183 -33.22 -21.27 28.51
C PRO C 183 -32.49 -22.57 28.86
N ASN C 184 -31.68 -22.47 29.92
CA ASN C 184 -30.97 -23.57 30.59
C ASN C 184 -29.84 -24.18 29.76
N GLN C 185 -29.70 -23.76 28.50
CA GLN C 185 -28.65 -24.28 27.61
C GLN C 185 -28.09 -23.10 26.83
N ASN C 186 -27.10 -22.43 27.39
CA ASN C 186 -26.44 -21.35 26.67
C ASN C 186 -24.93 -21.33 26.88
N GLU C 187 -24.38 -22.35 27.53
CA GLU C 187 -22.94 -22.43 27.76
C GLU C 187 -22.28 -23.07 26.54
N PHE C 188 -21.28 -22.40 26.00
CA PHE C 188 -20.56 -22.86 24.81
C PHE C 188 -19.14 -23.24 25.20
N SER C 189 -18.67 -24.38 24.71
CA SER C 189 -17.35 -24.86 25.07
C SER C 189 -16.30 -24.21 24.21
N ARG C 190 -15.36 -23.47 24.82
CA ARG C 190 -14.33 -22.73 24.04
C ARG C 190 -12.92 -23.25 24.37
N ILE C 191 -12.08 -23.35 23.34
CA ILE C 191 -10.65 -23.80 23.48
C ILE C 191 -9.76 -22.58 23.22
N THR C 192 -8.86 -22.25 24.16
CA THR C 192 -7.97 -21.07 24.01
C THR C 192 -6.52 -21.52 23.84
N VAL C 193 -5.71 -20.75 23.10
CA VAL C 193 -4.31 -21.09 22.87
C VAL C 193 -3.50 -19.82 22.96
N ARG C 194 -2.48 -19.82 23.83
CA ARG C 194 -1.61 -18.66 24.01
C ARG C 194 -0.18 -19.04 23.69
N ILE C 195 0.48 -18.21 22.89
CA ILE C 195 1.87 -18.42 22.47
C ILE C 195 2.64 -17.16 22.80
N ASP C 196 3.57 -17.24 23.75
CA ASP C 196 4.30 -16.05 24.16
C ASP C 196 5.41 -15.73 23.16
N ALA C 197 5.76 -14.45 23.05
CA ALA C 197 6.77 -14.06 22.11
C ALA C 197 7.45 -12.78 22.60
N VAL C 198 8.73 -12.66 22.30
CA VAL C 198 9.53 -11.50 22.64
C VAL C 198 10.10 -10.91 21.36
N ARG C 199 10.10 -9.59 21.24
CA ARG C 199 10.60 -8.95 20.05
C ARG C 199 12.12 -9.04 20.00
N ASN C 200 12.66 -9.00 18.77
CA ASN C 200 14.10 -8.98 18.54
C ASN C 200 14.58 -7.53 18.57
N PRO C 201 15.25 -7.09 19.64
CA PRO C 201 15.56 -5.66 19.78
C PRO C 201 16.89 -5.24 19.19
N SER C 202 17.50 -6.06 18.34
CA SER C 202 18.86 -5.76 17.88
C SER C 202 18.86 -4.57 16.92
N TYR C 203 17.97 -4.57 15.94
CA TYR C 203 17.92 -3.50 14.95
C TYR C 203 17.53 -2.18 15.59
N TYR C 204 16.67 -2.23 16.60
CA TYR C 204 16.25 -1.03 17.27
C TYR C 204 17.19 -0.61 18.38
N LEU C 205 18.19 -1.41 18.69
CA LEU C 205 19.23 -0.99 19.63
C LEU C 205 20.44 -0.42 18.93
N TRP C 206 20.78 -0.93 17.75
CA TRP C 206 21.98 -0.46 17.09
C TRP C 206 21.74 0.76 16.22
N SER C 207 20.56 0.91 15.65
CA SER C 207 20.32 1.99 14.71
C SER C 207 19.45 3.11 15.26
N PHE C 208 18.88 2.95 16.43
CA PHE C 208 18.02 4.03 16.92
C PHE C 208 18.41 4.54 18.29
N ILE C 209 18.86 3.67 19.18
CA ILE C 209 19.22 4.12 20.52
C ILE C 209 20.62 4.69 20.57
N LEU C 210 21.59 4.04 19.93
CA LEU C 210 22.99 4.46 20.00
C LEU C 210 23.27 5.78 19.27
N PRO C 211 22.83 6.01 18.02
CA PRO C 211 23.08 7.34 17.43
C PRO C 211 22.31 8.46 18.09
N LEU C 212 21.13 8.19 18.64
CA LEU C 212 20.43 9.24 19.38
C LEU C 212 21.15 9.57 20.67
N GLY C 213 21.69 8.55 21.34
CA GLY C 213 22.52 8.82 22.50
C GLY C 213 23.76 9.63 22.15
N LEU C 214 24.37 9.32 21.01
CA LEU C 214 25.55 10.08 20.59
C LEU C 214 25.19 11.52 20.25
N ILE C 215 24.02 11.75 19.65
CA ILE C 215 23.61 13.11 19.29
C ILE C 215 23.32 13.92 20.55
N ILE C 216 22.64 13.32 21.52
CA ILE C 216 22.35 14.03 22.77
C ILE C 216 23.64 14.29 23.54
N ALA C 217 24.59 13.34 23.50
CA ALA C 217 25.83 13.53 24.23
C ALA C 217 26.74 14.54 23.56
N ALA C 218 26.66 14.69 22.24
CA ALA C 218 27.48 15.69 21.56
C ALA C 218 26.81 17.05 21.56
N SER C 219 25.50 17.11 21.81
CA SER C 219 24.84 18.40 21.90
C SER C 219 25.24 19.16 23.15
N TRP C 220 25.77 18.45 24.16
CA TRP C 220 26.14 19.10 25.40
C TRP C 220 27.41 19.91 25.26
N SER C 221 28.22 19.62 24.24
CA SER C 221 29.50 20.30 24.08
C SER C 221 29.36 21.52 23.19
N VAL C 222 28.39 22.37 23.50
CA VAL C 222 28.33 23.72 22.94
C VAL C 222 28.70 24.77 23.95
N PHE C 223 28.82 24.41 25.22
CA PHE C 223 29.32 25.33 26.23
C PHE C 223 30.84 25.42 26.24
N TRP C 224 31.51 24.73 25.34
CA TRP C 224 32.95 24.92 25.19
C TRP C 224 33.27 26.07 24.25
N LEU C 225 32.32 26.51 23.44
CA LEU C 225 32.54 27.65 22.56
C LEU C 225 32.68 28.92 23.38
N GLU C 226 33.44 29.88 22.83
CA GLU C 226 33.83 31.06 23.59
C GLU C 226 32.77 32.16 23.57
N SER C 227 32.33 32.55 22.39
CA SER C 227 31.43 33.68 22.26
C SER C 227 29.99 33.25 22.58
N PHE C 228 29.04 34.11 22.24
CA PHE C 228 27.62 33.84 22.48
C PHE C 228 26.83 33.54 21.22
N SER C 229 27.16 34.20 20.11
CA SER C 229 26.42 33.96 18.88
C SER C 229 26.72 32.58 18.32
N GLU C 230 27.94 32.10 18.52
CA GLU C 230 28.31 30.76 18.06
C GLU C 230 27.52 29.69 18.80
N ARG C 231 27.32 29.88 20.11
CA ARG C 231 26.53 28.95 20.90
C ARG C 231 25.10 28.87 20.38
N LEU C 232 24.50 30.01 20.07
CA LEU C 232 23.11 30.02 19.61
C LEU C 232 22.99 29.38 18.24
N GLN C 233 23.85 29.77 17.30
CA GLN C 233 23.76 29.19 15.95
C GLN C 233 24.01 27.69 15.97
N THR C 234 24.95 27.24 16.80
CA THR C 234 25.21 25.81 16.92
C THR C 234 24.02 25.09 17.54
N SER C 235 23.35 25.73 18.52
CA SER C 235 22.18 25.11 19.12
C SER C 235 21.04 24.97 18.12
N PHE C 236 20.88 25.94 17.22
CA PHE C 236 19.81 25.83 16.23
C PHE C 236 20.13 24.76 15.20
N THR C 237 21.41 24.61 14.84
CA THR C 237 21.81 23.49 13.99
C THR C 237 21.53 22.15 14.66
N LEU C 238 21.76 22.06 15.96
CA LEU C 238 21.50 20.81 16.67
C LEU C 238 20.00 20.53 16.77
N MET C 239 19.19 21.58 16.89
CA MET C 239 17.75 21.37 16.94
C MET C 239 17.22 20.87 15.61
N LEU C 240 17.78 21.37 14.50
CA LEU C 240 17.43 20.83 13.19
C LEU C 240 17.89 19.38 13.06
N THR C 241 19.03 19.04 13.66
CA THR C 241 19.47 17.64 13.66
C THR C 241 18.48 16.74 14.39
N VAL C 242 17.97 17.20 15.54
CA VAL C 242 17.04 16.37 16.30
C VAL C 242 15.71 16.24 15.58
N VAL C 243 15.29 17.28 14.86
CA VAL C 243 14.05 17.16 14.07
C VAL C 243 14.23 16.16 12.93
N ALA C 244 15.38 16.22 12.25
CA ALA C 244 15.64 15.25 11.18
C ALA C 244 15.75 13.83 11.73
N TYR C 245 16.25 13.68 12.95
CA TYR C 245 16.31 12.35 13.53
C TYR C 245 14.93 11.83 13.93
N ALA C 246 14.07 12.72 14.45
CA ALA C 246 12.71 12.31 14.77
C ALA C 246 11.97 11.88 13.51
N PHE C 247 12.23 12.55 12.41
CA PHE C 247 11.69 12.11 11.13
C PHE C 247 12.22 10.74 10.71
N TYR C 248 13.54 10.54 10.80
CA TYR C 248 14.12 9.27 10.40
C TYR C 248 13.56 8.11 11.22
N THR C 249 13.29 8.34 12.51
CA THR C 249 12.65 7.27 13.29
C THR C 249 11.18 7.15 12.96
N SER C 250 10.54 8.24 12.50
CA SER C 250 9.11 8.17 12.24
C SER C 250 8.81 7.45 10.92
N ASN C 251 9.81 7.34 10.06
CA ASN C 251 9.63 6.66 8.75
C ASN C 251 9.73 5.14 8.95
N ILE C 252 10.88 4.67 9.45
CA ILE C 252 11.11 3.20 9.66
C ILE C 252 10.62 2.79 11.05
N LEU C 253 9.30 2.88 11.31
CA LEU C 253 8.74 2.48 12.63
C LEU C 253 7.25 2.13 12.48
N PRO C 254 6.64 1.40 13.44
CA PRO C 254 5.23 1.04 13.37
C PRO C 254 4.36 2.11 14.05
N ARG C 255 3.28 2.54 13.40
CA ARG C 255 2.40 3.55 13.95
C ARG C 255 1.73 3.06 15.22
N LEU C 256 1.54 3.97 16.17
CA LEU C 256 0.88 3.64 17.45
C LEU C 256 0.09 4.86 17.93
N PRO C 257 -0.94 4.71 18.79
CA PRO C 257 -1.69 5.86 19.31
C PRO C 257 -1.08 6.35 20.64
N TYR C 258 -0.06 5.66 21.13
CA TYR C 258 0.64 6.02 22.39
C TYR C 258 2.16 6.06 22.12
N THR C 259 2.91 6.74 22.99
CA THR C 259 4.38 6.88 22.79
C THR C 259 5.14 5.64 23.24
N THR C 260 6.20 5.29 22.49
CA THR C 260 7.14 4.21 22.73
C THR C 260 8.24 4.67 23.66
N VAL C 261 9.28 3.85 23.79
CA VAL C 261 10.48 4.24 24.53
C VAL C 261 11.29 5.23 23.69
N ILE C 262 11.41 4.94 22.39
CA ILE C 262 12.16 5.82 21.49
C ILE C 262 11.49 7.18 21.35
N ASP C 263 10.18 7.21 21.46
CA ASP C 263 9.52 8.51 21.46
C ASP C 263 9.59 9.22 22.79
N GLN C 264 10.00 8.56 23.87
CA GLN C 264 10.43 9.31 25.05
C GLN C 264 11.83 9.85 24.86
N MET C 265 12.69 9.10 24.16
CA MET C 265 14.07 9.55 23.97
C MET C 265 14.14 10.74 23.04
N ILE C 266 13.25 10.80 22.04
CA ILE C 266 13.24 11.97 21.15
C ILE C 266 12.82 13.23 21.90
N ILE C 267 11.81 13.11 22.76
CA ILE C 267 11.39 14.25 23.56
C ILE C 267 12.46 14.61 24.59
N ALA C 268 13.22 13.62 25.06
CA ALA C 268 14.37 13.93 25.91
C ALA C 268 15.43 14.71 25.15
N GLY C 269 15.62 14.38 23.87
CA GLY C 269 16.55 15.17 23.06
C GLY C 269 16.09 16.59 22.84
N TYR C 270 14.79 16.77 22.60
CA TYR C 270 14.22 18.12 22.50
C TYR C 270 14.39 18.89 23.80
N GLY C 271 14.19 18.21 24.93
CA GLY C 271 14.34 18.86 26.21
C GLY C 271 15.78 19.25 26.50
N SER C 272 16.72 18.41 26.08
CA SER C 272 18.13 18.75 26.26
C SER C 272 18.53 19.95 25.40
N ILE C 273 18.06 19.99 24.15
CA ILE C 273 18.36 21.12 23.27
C ILE C 273 17.77 22.41 23.84
N PHE C 274 16.51 22.36 24.29
CA PHE C 274 15.88 23.58 24.79
C PHE C 274 16.44 24.01 26.13
N ALA C 275 16.86 23.07 26.98
CA ALA C 275 17.51 23.45 28.22
C ALA C 275 18.88 24.04 27.95
N ALA C 276 19.57 23.57 26.91
CA ALA C 276 20.84 24.19 26.53
C ALA C 276 20.63 25.62 26.03
N ILE C 277 19.58 25.85 25.25
CA ILE C 277 19.30 27.20 24.77
C ILE C 277 18.92 28.12 25.93
N LEU C 278 18.12 27.61 26.87
CA LEU C 278 17.75 28.41 28.04
C LEU C 278 18.97 28.76 28.89
N LEU C 279 19.85 27.78 29.10
CA LEU C 279 21.05 28.04 29.89
C LEU C 279 21.99 29.01 29.18
N ILE C 280 22.03 28.95 27.85
CA ILE C 280 22.89 29.87 27.10
C ILE C 280 22.37 31.30 27.22
N ILE C 281 21.06 31.49 27.07
CA ILE C 281 20.49 32.82 27.19
C ILE C 281 20.62 33.36 28.60
N PHE C 282 20.47 32.48 29.60
CA PHE C 282 20.59 32.94 30.99
C PHE C 282 22.04 33.26 31.34
N ALA C 283 22.99 32.47 30.85
CA ALA C 283 24.38 32.71 31.18
C ALA C 283 24.93 33.91 30.46
N HIS C 284 24.44 34.22 29.26
CA HIS C 284 24.79 35.47 28.62
C HIS C 284 24.12 36.64 29.31
N HIS C 285 22.87 36.46 29.70
CA HIS C 285 22.04 37.57 30.17
C HIS C 285 22.38 38.03 31.58
N ARG C 286 23.35 37.42 32.24
CA ARG C 286 23.80 37.91 33.54
C ARG C 286 24.78 39.05 33.26
N GLN C 287 24.22 40.24 33.05
CA GLN C 287 25.00 41.46 32.82
C GLN C 287 24.40 42.58 33.66
N ALA C 288 25.24 43.53 34.08
CA ALA C 288 24.76 44.66 34.87
C ALA C 288 24.01 45.64 33.99
N ASN C 289 24.57 45.99 32.84
CA ASN C 289 23.87 46.79 31.84
C ASN C 289 23.99 46.24 30.42
N GLY C 290 24.90 45.32 30.16
CA GLY C 290 25.04 44.77 28.82
C GLY C 290 26.46 44.50 28.38
N VAL C 291 27.44 44.84 29.22
CA VAL C 291 28.84 44.66 28.89
C VAL C 291 29.53 43.62 29.77
N GLU C 292 28.94 43.23 30.90
CA GLU C 292 29.61 42.32 31.81
C GLU C 292 29.53 40.88 31.32
N ASP C 293 30.68 40.24 31.20
CA ASP C 293 30.75 38.85 30.78
C ASP C 293 30.42 37.94 31.96
N ASP C 294 30.41 36.63 31.72
CA ASP C 294 30.06 35.70 32.77
C ASP C 294 30.76 34.37 32.54
N LEU C 295 31.07 33.68 33.64
CA LEU C 295 31.61 32.33 33.62
C LEU C 295 30.95 31.41 34.64
N LEU C 296 30.22 31.94 35.62
CA LEU C 296 29.83 31.17 36.80
C LEU C 296 28.85 30.06 36.45
N ILE C 297 27.74 30.38 35.78
CA ILE C 297 26.77 29.36 35.40
C ILE C 297 27.29 28.48 34.26
N GLN C 298 28.42 28.83 33.65
CA GLN C 298 29.03 28.02 32.62
C GLN C 298 29.96 26.94 33.19
N ARG C 299 29.85 26.65 34.48
CA ARG C 299 30.42 25.44 35.06
C ARG C 299 29.56 24.21 34.81
N CYS C 300 28.47 24.37 34.06
CA CYS C 300 27.54 23.27 33.75
C CYS C 300 27.94 22.50 32.50
N ARG C 301 29.21 22.59 32.09
CA ARG C 301 29.73 21.71 31.05
C ARG C 301 29.98 20.30 31.56
N LEU C 302 30.04 20.10 32.88
CA LEU C 302 30.25 18.80 33.47
C LEU C 302 29.11 18.36 34.40
N ALA C 303 28.17 19.25 34.72
CA ALA C 303 27.11 18.95 35.67
C ALA C 303 25.73 18.86 35.05
N PHE C 304 25.40 19.77 34.13
CA PHE C 304 24.15 19.68 33.39
C PHE C 304 24.07 18.43 32.51
N PRO C 305 25.16 17.94 31.89
CA PRO C 305 25.14 16.54 31.42
C PRO C 305 24.73 15.54 32.48
N LEU C 306 25.34 15.60 33.67
CA LEU C 306 24.99 14.66 34.73
C LEU C 306 23.58 14.92 35.25
N GLY C 307 23.13 16.18 35.21
CA GLY C 307 21.77 16.47 35.63
C GLY C 307 20.72 15.85 34.73
N PHE C 308 20.85 16.07 33.42
CA PHE C 308 19.86 15.47 32.52
C PHE C 308 20.05 13.96 32.38
N LEU C 309 21.27 13.46 32.62
CA LEU C 309 21.45 12.01 32.66
C LEU C 309 20.80 11.40 33.90
N ALA C 310 20.80 12.14 35.01
CA ALA C 310 20.09 11.67 36.20
C ALA C 310 18.59 11.71 35.98
N ILE C 311 18.10 12.74 35.28
CA ILE C 311 16.67 12.80 34.93
C ILE C 311 16.29 11.62 34.04
N GLY C 312 17.13 11.30 33.06
CA GLY C 312 16.85 10.16 32.18
C GLY C 312 16.91 8.83 32.90
N CYS C 313 17.91 8.65 33.77
CA CYS C 313 18.03 7.40 34.51
C CYS C 313 16.94 7.24 35.56
N VAL C 314 16.41 8.35 36.07
CA VAL C 314 15.23 8.28 36.93
C VAL C 314 14.00 7.92 36.11
N LEU C 315 13.88 8.48 34.90
CA LEU C 315 12.76 8.17 34.03
C LEU C 315 12.79 6.72 33.55
N VAL C 316 13.98 6.10 33.52
CA VAL C 316 14.05 4.67 33.27
C VAL C 316 13.42 3.90 34.43
N ILE C 317 13.84 4.21 35.65
CA ILE C 317 13.32 3.55 36.83
C ILE C 317 11.89 4.01 37.14
N PRO D 11 -47.82 -7.88 8.01
CA PRO D 11 -46.44 -7.46 8.30
C PRO D 11 -45.75 -8.35 9.31
N VAL D 12 -44.56 -8.80 8.98
CA VAL D 12 -43.77 -9.66 9.85
C VAL D 12 -42.92 -8.79 10.76
N ASP D 13 -42.88 -9.13 12.03
CA ASP D 13 -42.16 -8.36 13.04
C ASP D 13 -40.78 -8.98 13.23
N VAL D 14 -39.75 -8.34 12.71
CA VAL D 14 -38.38 -8.83 12.79
C VAL D 14 -37.69 -8.18 13.97
N SER D 15 -36.99 -8.97 14.79
CA SER D 15 -36.33 -8.48 16.00
C SER D 15 -34.83 -8.63 15.85
N VAL D 16 -34.13 -7.54 15.64
CA VAL D 16 -32.70 -7.56 15.34
C VAL D 16 -31.90 -7.40 16.62
N SER D 17 -30.68 -7.93 16.62
CA SER D 17 -29.71 -7.71 17.69
C SER D 17 -28.33 -7.71 17.08
N ILE D 18 -27.54 -6.68 17.34
CA ILE D 18 -26.24 -6.51 16.71
C ILE D 18 -25.16 -6.53 17.79
N PHE D 19 -24.22 -7.44 17.66
CA PHE D 19 -23.06 -7.53 18.54
C PHE D 19 -21.88 -6.92 17.81
N ILE D 20 -21.35 -5.82 18.32
CA ILE D 20 -20.21 -5.16 17.71
C ILE D 20 -18.95 -5.69 18.36
N ASN D 21 -18.19 -6.49 17.62
CA ASN D 21 -16.94 -7.01 18.18
C ASN D 21 -15.85 -5.94 18.18
N LYS D 22 -15.54 -5.37 17.02
CA LYS D 22 -14.50 -4.35 17.03
C LYS D 22 -14.71 -3.33 15.92
N ILE D 23 -14.27 -2.10 16.19
CA ILE D 23 -14.34 -0.97 15.28
C ILE D 23 -12.93 -0.44 15.09
N TYR D 24 -12.49 -0.33 13.84
CA TYR D 24 -11.10 0.06 13.60
C TYR D 24 -10.96 0.61 12.19
N GLY D 25 -9.72 0.87 11.81
CA GLY D 25 -9.38 1.18 10.42
C GLY D 25 -10.01 2.43 9.87
N VAL D 26 -10.05 3.51 10.66
CA VAL D 26 -10.73 4.73 10.22
C VAL D 26 -9.93 5.38 9.12
N ASN D 27 -10.52 5.43 7.93
CA ASN D 27 -9.91 6.06 6.76
C ASN D 27 -10.45 7.48 6.67
N THR D 28 -9.55 8.46 6.79
CA THR D 28 -10.00 9.84 6.91
C THR D 28 -10.33 10.44 5.55
N LEU D 29 -9.75 9.91 4.48
CA LEU D 29 -9.96 10.52 3.17
C LEU D 29 -11.21 9.96 2.49
N GLU D 30 -11.46 8.66 2.63
CA GLU D 30 -12.68 8.05 2.12
C GLU D 30 -13.85 8.15 3.08
N GLN D 31 -13.58 8.59 4.33
CA GLN D 31 -14.57 8.69 5.40
C GLN D 31 -15.24 7.36 5.71
N THR D 32 -14.47 6.28 5.65
CA THR D 32 -14.95 4.95 5.98
C THR D 32 -14.30 4.45 7.25
N TYR D 33 -14.82 3.34 7.77
CA TYR D 33 -14.30 2.68 8.96
C TYR D 33 -14.80 1.26 8.95
N LYS D 34 -13.99 0.33 9.46
CA LYS D 34 -14.34 -1.07 9.40
C LYS D 34 -14.97 -1.51 10.72
N VAL D 35 -16.08 -2.23 10.62
CA VAL D 35 -16.80 -2.79 11.75
C VAL D 35 -16.83 -4.30 11.58
N ASP D 36 -16.62 -5.02 12.67
CA ASP D 36 -16.63 -6.47 12.65
C ASP D 36 -17.54 -6.93 13.77
N GLY D 37 -18.46 -7.84 13.48
CA GLY D 37 -19.37 -8.29 14.51
C GLY D 37 -20.42 -9.25 13.96
N TYR D 38 -21.43 -9.51 14.79
CA TYR D 38 -22.51 -10.42 14.46
C TYR D 38 -23.80 -9.65 14.20
N ILE D 39 -24.80 -10.37 13.69
CA ILE D 39 -26.15 -9.83 13.54
C ILE D 39 -27.17 -10.95 13.61
N VAL D 40 -28.16 -10.82 14.49
CA VAL D 40 -29.11 -11.87 14.81
C VAL D 40 -30.51 -11.33 14.57
N ALA D 41 -31.15 -11.77 13.50
CA ALA D 41 -32.54 -11.43 13.26
C ALA D 41 -33.43 -12.60 13.68
N GLN D 42 -34.69 -12.29 13.99
CA GLN D 42 -35.56 -13.31 14.55
C GLN D 42 -37.00 -12.97 14.24
N TRP D 43 -37.75 -13.92 13.68
CA TRP D 43 -39.16 -13.67 13.41
C TRP D 43 -39.95 -14.94 13.65
N THR D 44 -41.24 -14.87 13.35
CA THR D 44 -42.16 -15.98 13.60
C THR D 44 -42.93 -16.28 12.33
N GLY D 45 -42.82 -17.52 11.84
CA GLY D 45 -43.50 -17.90 10.61
C GLY D 45 -44.58 -18.94 10.81
N LYS D 46 -44.53 -19.99 10.02
CA LYS D 46 -45.49 -21.08 10.17
C LYS D 46 -44.90 -22.19 11.04
N PRO D 47 -45.73 -22.93 11.78
CA PRO D 47 -45.23 -24.08 12.51
C PRO D 47 -44.78 -25.16 11.55
N ARG D 48 -43.86 -26.01 12.02
CA ARG D 48 -43.32 -27.05 11.17
C ARG D 48 -42.93 -28.24 12.02
N LYS D 49 -42.70 -29.36 11.36
CA LYS D 49 -42.30 -30.61 12.00
C LYS D 49 -40.82 -30.84 11.74
N THR D 50 -40.03 -30.84 12.80
CA THR D 50 -38.59 -31.04 12.71
C THR D 50 -38.26 -32.45 13.17
N PRO D 51 -37.04 -32.96 12.92
CA PRO D 51 -36.63 -34.22 13.53
C PRO D 51 -36.71 -34.21 15.05
N GLY D 52 -37.63 -34.99 15.60
CA GLY D 52 -37.90 -34.93 17.02
C GLY D 52 -38.69 -33.68 17.38
N ASP D 53 -38.45 -33.18 18.58
CA ASP D 53 -39.00 -31.92 19.03
C ASP D 53 -37.95 -30.81 19.07
N LYS D 54 -36.67 -31.19 19.07
CA LYS D 54 -35.60 -30.22 19.21
C LYS D 54 -35.50 -29.32 17.98
N PRO D 55 -35.00 -28.09 18.14
CA PRO D 55 -34.86 -27.18 17.00
C PRO D 55 -33.83 -27.67 16.01
N LEU D 56 -34.16 -27.55 14.73
CA LEU D 56 -33.24 -27.93 13.66
C LEU D 56 -32.31 -26.79 13.34
N ILE D 57 -31.02 -27.09 13.20
CA ILE D 57 -29.99 -26.05 12.91
C ILE D 57 -29.43 -26.27 11.49
N VAL D 58 -29.52 -25.24 10.65
CA VAL D 58 -29.02 -25.29 9.26
C VAL D 58 -27.80 -24.35 9.19
N GLU D 59 -26.66 -24.83 8.71
CA GLU D 59 -25.45 -23.97 8.73
C GLU D 59 -24.82 -23.80 7.35
N ASN D 60 -24.44 -22.56 7.05
CA ASN D 60 -23.75 -22.15 5.83
C ASN D 60 -24.44 -22.46 4.51
N THR D 61 -23.89 -23.41 3.75
CA THR D 61 -24.39 -23.80 2.44
C THR D 61 -25.70 -24.54 2.45
N GLN D 62 -26.11 -25.02 3.62
CA GLN D 62 -27.37 -25.72 3.75
C GLN D 62 -28.54 -24.81 3.43
N ILE D 63 -28.45 -23.56 3.87
CA ILE D 63 -29.47 -22.57 3.63
C ILE D 63 -29.94 -22.51 2.18
N GLU D 64 -29.03 -22.34 1.24
CA GLU D 64 -29.48 -22.26 -0.16
C GLU D 64 -30.20 -23.51 -0.62
N ARG D 65 -30.14 -24.61 0.12
CA ARG D 65 -30.99 -25.75 -0.15
C ARG D 65 -32.36 -25.62 0.48
N TRP D 66 -32.52 -24.71 1.45
CA TRP D 66 -33.81 -24.49 2.07
C TRP D 66 -34.59 -23.37 1.40
N ILE D 67 -33.89 -22.38 0.84
CA ILE D 67 -34.58 -21.29 0.14
C ILE D 67 -35.13 -21.77 -1.19
N ASN D 68 -34.46 -22.73 -1.83
CA ASN D 68 -35.00 -23.32 -3.05
C ASN D 68 -36.28 -24.10 -2.76
N ASN D 69 -36.41 -24.63 -1.56
CA ASN D 69 -37.61 -25.33 -1.13
C ASN D 69 -38.65 -24.39 -0.55
N GLY D 70 -38.54 -23.09 -0.79
CA GLY D 70 -39.59 -22.17 -0.45
C GLY D 70 -39.52 -21.53 0.92
N LEU D 71 -38.40 -21.66 1.63
CA LEU D 71 -38.27 -20.97 2.90
C LEU D 71 -38.12 -19.48 2.67
N TRP D 72 -38.78 -18.70 3.51
CA TRP D 72 -38.78 -17.25 3.40
C TRP D 72 -37.72 -16.68 4.33
N VAL D 73 -36.61 -16.23 3.77
CA VAL D 73 -35.56 -15.57 4.52
C VAL D 73 -35.31 -14.21 3.87
N PRO D 74 -35.57 -13.11 4.56
CA PRO D 74 -35.35 -11.80 3.94
C PRO D 74 -33.87 -11.48 3.88
N ALA D 75 -33.55 -10.50 3.05
CA ALA D 75 -32.18 -10.03 2.90
C ALA D 75 -32.11 -8.64 3.51
N LEU D 76 -31.53 -8.56 4.70
CA LEU D 76 -31.33 -7.28 5.38
C LEU D 76 -29.99 -6.71 4.95
N GLU D 77 -30.00 -5.56 4.30
CA GLU D 77 -28.79 -4.94 3.82
C GLU D 77 -28.40 -3.76 4.70
N PHE D 78 -27.12 -3.46 4.72
CA PHE D 78 -26.62 -2.28 5.39
C PHE D 78 -26.64 -1.13 4.40
N ILE D 79 -27.31 -0.03 4.77
CA ILE D 79 -27.52 1.05 3.83
C ILE D 79 -26.21 1.76 3.52
N ASN D 80 -25.38 1.99 4.53
CA ASN D 80 -24.18 2.80 4.37
C ASN D 80 -22.92 1.98 4.19
N VAL D 81 -23.05 0.69 3.90
CA VAL D 81 -21.86 -0.10 3.63
C VAL D 81 -21.27 0.29 2.28
N VAL D 82 -19.99 0.00 2.10
CA VAL D 82 -19.28 0.27 0.86
C VAL D 82 -18.88 -1.08 0.29
N GLY D 83 -19.51 -1.48 -0.80
CA GLY D 83 -19.21 -2.77 -1.39
C GLY D 83 -20.16 -3.85 -0.93
N SER D 84 -19.62 -4.91 -0.34
CA SER D 84 -20.42 -5.97 0.22
C SER D 84 -19.67 -6.52 1.41
N PRO D 85 -20.36 -6.81 2.52
CA PRO D 85 -19.66 -7.33 3.70
C PRO D 85 -19.11 -8.73 3.45
N ASP D 86 -17.97 -9.02 4.07
CA ASP D 86 -17.35 -10.33 3.95
C ASP D 86 -18.01 -11.28 4.96
N THR D 87 -19.18 -11.77 4.57
CA THR D 87 -19.97 -12.66 5.42
C THR D 87 -19.23 -13.96 5.66
N GLY D 88 -18.96 -14.24 6.93
CA GLY D 88 -18.31 -15.48 7.30
C GLY D 88 -19.34 -16.58 7.49
N ASN D 89 -19.42 -17.16 8.68
CA ASN D 89 -20.41 -18.18 8.92
C ASN D 89 -21.79 -17.55 9.03
N LYS D 90 -22.82 -18.38 8.90
CA LYS D 90 -24.20 -17.97 9.07
C LYS D 90 -25.02 -19.22 9.28
N ARG D 91 -26.19 -19.05 9.91
CA ARG D 91 -26.98 -20.23 10.26
C ARG D 91 -28.43 -19.83 10.52
N LEU D 92 -29.30 -20.83 10.45
CA LEU D 92 -30.72 -20.66 10.68
C LEU D 92 -31.18 -21.67 11.69
N MET D 93 -31.81 -21.23 12.76
CA MET D 93 -32.31 -22.17 13.74
C MET D 93 -33.82 -22.14 13.64
N LEU D 94 -34.43 -23.29 13.39
CA LEU D 94 -35.87 -23.36 13.24
C LEU D 94 -36.48 -24.15 14.38
N PHE D 95 -37.50 -23.57 15.01
CA PHE D 95 -38.16 -24.20 16.13
C PHE D 95 -39.52 -24.74 15.71
N PRO D 96 -39.90 -25.91 16.23
CA PRO D 96 -41.18 -26.56 15.92
C PRO D 96 -42.33 -25.58 16.07
N ASP D 97 -42.23 -24.70 17.07
CA ASP D 97 -43.24 -23.65 17.31
C ASP D 97 -43.51 -22.89 16.01
N GLY D 98 -42.44 -22.50 15.30
CA GLY D 98 -42.58 -21.76 14.03
C GLY D 98 -41.70 -20.53 13.99
N ARG D 99 -40.90 -20.32 15.04
CA ARG D 99 -40.00 -19.14 15.14
C ARG D 99 -38.63 -19.49 14.54
N VAL D 100 -38.11 -18.61 13.67
CA VAL D 100 -36.81 -18.82 12.97
C VAL D 100 -35.81 -17.77 13.46
N ILE D 101 -34.54 -18.16 13.61
CA ILE D 101 -33.46 -17.22 14.06
C ILE D 101 -32.34 -17.25 13.03
N TYR D 102 -32.02 -16.11 12.41
CA TYR D 102 -30.96 -16.05 11.42
C TYR D 102 -29.79 -15.28 12.02
N ASN D 103 -28.70 -15.99 12.27
CA ASN D 103 -27.52 -15.43 12.93
C ASN D 103 -26.36 -15.46 11.94
N ALA D 104 -25.82 -14.29 11.63
CA ALA D 104 -24.74 -14.19 10.66
C ALA D 104 -23.61 -13.35 11.24
N ARG D 105 -22.45 -13.40 10.58
CA ARG D 105 -21.27 -12.69 11.01
C ARG D 105 -20.75 -11.85 9.86
N PHE D 106 -20.52 -10.56 10.11
CA PHE D 106 -20.15 -9.63 9.07
C PHE D 106 -18.86 -8.90 9.42
N LEU D 107 -18.15 -8.51 8.36
CA LEU D 107 -17.04 -7.54 8.45
C LEU D 107 -17.26 -6.54 7.32
N GLY D 108 -17.58 -5.31 7.67
CA GLY D 108 -17.93 -4.34 6.65
C GLY D 108 -17.15 -3.05 6.70
N SER D 109 -17.01 -2.40 5.54
CA SER D 109 -16.30 -1.13 5.42
C SER D 109 -17.33 -0.02 5.31
N PHE D 110 -17.85 0.41 6.44
CA PHE D 110 -18.98 1.30 6.49
C PHE D 110 -18.54 2.74 6.23
N SER D 111 -19.48 3.60 5.90
CA SER D 111 -19.16 4.98 5.57
C SER D 111 -20.09 5.93 6.29
N ASN D 112 -19.56 7.08 6.67
CA ASN D 112 -20.32 8.10 7.40
C ASN D 112 -19.79 9.46 6.99
N ASP D 113 -20.39 10.51 7.56
CA ASP D 113 -20.00 11.89 7.29
C ASP D 113 -19.21 12.41 8.49
N MET D 114 -17.89 12.31 8.39
CA MET D 114 -17.00 12.63 9.49
C MET D 114 -16.39 14.02 9.31
N ASP D 115 -16.02 14.63 10.43
CA ASP D 115 -15.58 16.02 10.47
C ASP D 115 -14.31 16.06 11.32
N PHE D 116 -13.16 16.00 10.66
CA PHE D 116 -11.87 15.98 11.35
C PHE D 116 -11.29 17.37 11.55
N ARG D 117 -12.13 18.40 11.67
CA ARG D 117 -11.62 19.77 11.66
C ARG D 117 -10.94 20.17 12.96
N LEU D 118 -11.04 19.36 14.01
CA LEU D 118 -10.25 19.54 15.23
C LEU D 118 -9.56 18.21 15.44
N PHE D 119 -8.42 18.00 14.77
CA PHE D 119 -8.00 16.63 14.52
C PHE D 119 -7.52 15.85 15.74
N PRO D 120 -6.54 16.30 16.53
CA PRO D 120 -6.11 15.43 17.64
C PRO D 120 -7.14 15.36 18.75
N PHE D 121 -7.97 16.38 18.88
CA PHE D 121 -9.00 16.46 19.92
C PHE D 121 -10.37 16.16 19.35
N ASP D 122 -10.41 15.18 18.46
CA ASP D 122 -11.56 14.84 17.65
C ASP D 122 -12.70 14.27 18.50
N ARG D 123 -13.87 14.15 17.87
CA ARG D 123 -15.03 13.52 18.50
C ARG D 123 -15.95 13.04 17.39
N GLN D 124 -15.91 11.75 17.10
CA GLN D 124 -16.68 11.20 16.00
C GLN D 124 -17.82 10.33 16.52
N GLN D 125 -18.72 9.97 15.62
CA GLN D 125 -19.70 8.95 15.92
C GLN D 125 -19.80 7.99 14.75
N PHE D 126 -19.94 6.72 15.06
CA PHE D 126 -19.95 5.65 14.08
C PHE D 126 -21.37 5.15 13.92
N VAL D 127 -21.85 5.13 12.68
CA VAL D 127 -23.25 4.85 12.38
C VAL D 127 -23.35 3.56 11.59
N LEU D 128 -24.26 2.69 12.00
CA LEU D 128 -24.66 1.50 11.25
C LEU D 128 -26.13 1.62 10.92
N GLU D 129 -26.47 1.60 9.64
CA GLU D 129 -27.85 1.68 9.20
C GLU D 129 -28.21 0.36 8.55
N LEU D 130 -29.43 -0.10 8.80
CA LEU D 130 -29.86 -1.43 8.38
C LEU D 130 -31.29 -1.35 7.86
N GLU D 131 -31.58 -2.09 6.80
CA GLU D 131 -32.88 -1.94 6.16
C GLU D 131 -33.17 -3.16 5.31
N PRO D 132 -34.42 -3.61 5.21
CA PRO D 132 -34.73 -4.69 4.26
C PRO D 132 -34.48 -4.23 2.84
N PHE D 133 -34.01 -5.16 2.01
CA PHE D 133 -33.67 -4.77 0.65
C PHE D 133 -34.90 -4.62 -0.22
N SER D 134 -35.96 -5.38 0.03
CA SER D 134 -37.09 -5.41 -0.88
C SER D 134 -38.45 -5.21 -0.25
N TYR D 135 -38.63 -5.56 1.02
CA TYR D 135 -39.96 -5.58 1.63
C TYR D 135 -40.18 -4.27 2.36
N ASN D 136 -41.28 -3.58 2.02
CA ASN D 136 -41.59 -2.33 2.67
C ASN D 136 -42.24 -2.60 4.03
N ASN D 137 -42.60 -1.53 4.73
CA ASN D 137 -43.05 -1.68 6.12
C ASN D 137 -44.49 -2.15 6.23
N GLN D 138 -45.14 -2.49 5.13
CA GLN D 138 -46.40 -3.22 5.16
C GLN D 138 -46.20 -4.72 5.02
N GLN D 139 -44.98 -5.18 4.73
CA GLN D 139 -44.67 -6.59 4.66
C GLN D 139 -43.59 -7.04 5.62
N LEU D 140 -42.79 -6.11 6.16
CA LEU D 140 -41.72 -6.47 7.09
C LEU D 140 -41.38 -5.22 7.88
N ARG D 141 -41.66 -5.21 9.17
CA ARG D 141 -41.29 -4.09 10.02
C ARG D 141 -40.44 -4.59 11.16
N PHE D 142 -39.51 -3.74 11.60
CA PHE D 142 -38.67 -4.10 12.73
C PHE D 142 -39.40 -3.79 14.03
N SER D 143 -39.18 -4.64 15.03
CA SER D 143 -39.88 -4.52 16.30
C SER D 143 -39.02 -3.87 17.39
N ASP D 144 -37.76 -4.26 17.49
CA ASP D 144 -36.84 -3.61 18.43
C ASP D 144 -35.43 -3.84 17.93
N ILE D 145 -34.46 -3.38 18.71
CA ILE D 145 -33.06 -3.68 18.47
C ILE D 145 -32.28 -3.52 19.77
N GLN D 146 -31.45 -4.49 20.09
CA GLN D 146 -30.48 -4.40 21.16
C GLN D 146 -29.09 -4.40 20.56
N VAL D 147 -28.22 -3.52 21.05
CA VAL D 147 -26.83 -3.46 20.62
C VAL D 147 -25.96 -3.83 21.80
N TYR D 148 -25.11 -4.84 21.62
CA TYR D 148 -24.17 -5.28 22.70
C TYR D 148 -22.73 -4.93 22.32
N THR D 149 -22.12 -3.99 23.05
CA THR D 149 -20.73 -3.54 22.77
C THR D 149 -19.83 -3.81 23.98
N GLU D 150 -20.06 -4.93 24.67
CA GLU D 150 -19.27 -5.27 25.89
C GLU D 150 -17.78 -5.43 25.52
N ASN D 151 -17.49 -6.03 24.38
CA ASN D 151 -16.09 -6.34 23.97
C ASN D 151 -15.23 -5.07 23.83
N ILE D 152 -15.74 -4.02 23.19
CA ILE D 152 -14.94 -2.78 23.00
C ILE D 152 -14.55 -1.99 24.26
N ASP D 153 -13.25 -2.05 24.60
CA ASP D 153 -12.67 -1.37 25.78
C ASP D 153 -12.29 0.12 25.66
N ASN D 154 -12.18 0.77 26.81
CA ASN D 154 -11.84 2.19 26.96
C ASN D 154 -10.37 2.54 27.34
N GLU D 155 -9.49 1.55 27.43
CA GLU D 155 -8.10 1.78 27.84
C GLU D 155 -7.20 2.70 26.98
N GLU D 156 -6.04 3.07 27.52
CA GLU D 156 -5.01 3.90 26.84
C GLU D 156 -4.54 3.26 25.52
N ILE D 157 -4.45 1.92 25.48
CA ILE D 157 -3.93 1.21 24.27
C ILE D 157 -4.81 1.49 23.04
N ASP D 158 -6.14 1.48 23.18
CA ASP D 158 -7.06 1.69 22.04
C ASP D 158 -6.92 3.12 21.52
N GLU D 159 -7.05 3.33 20.20
CA GLU D 159 -6.96 4.72 19.66
C GLU D 159 -8.26 5.49 19.89
N TRP D 160 -9.39 4.79 20.05
CA TRP D 160 -10.67 5.46 20.24
C TRP D 160 -11.27 5.02 21.58
N TRP D 161 -11.69 5.99 22.37
CA TRP D 161 -12.42 5.74 23.60
C TRP D 161 -13.90 5.78 23.28
N ILE D 162 -14.61 4.68 23.54
CA ILE D 162 -16.05 4.63 23.33
C ILE D 162 -16.75 5.19 24.55
N ARG D 163 -17.56 6.22 24.37
CA ARG D 163 -18.19 6.93 25.48
C ARG D 163 -19.65 6.54 25.58
N GLY D 164 -19.94 5.60 26.49
CA GLY D 164 -21.31 5.19 26.73
C GLY D 164 -21.79 4.16 25.73
N LYS D 165 -23.00 3.66 25.99
CA LYS D 165 -23.56 2.62 25.15
C LYS D 165 -24.07 3.21 23.83
N ALA D 166 -24.51 2.34 22.95
CA ALA D 166 -24.97 2.75 21.64
C ALA D 166 -26.38 3.33 21.72
N SER D 167 -26.73 4.15 20.73
CA SER D 167 -28.05 4.74 20.63
C SER D 167 -28.73 4.18 19.38
N THR D 168 -29.86 3.53 19.58
CA THR D 168 -30.57 2.86 18.51
C THR D 168 -31.84 3.63 18.17
N HIS D 169 -32.37 3.36 16.97
CA HIS D 169 -33.47 4.14 16.45
C HIS D 169 -34.17 3.34 15.36
N ILE D 170 -35.50 3.39 15.35
CA ILE D 170 -36.29 2.68 14.33
C ILE D 170 -37.21 3.69 13.67
N SER D 171 -36.91 4.07 12.44
CA SER D 171 -37.66 5.08 11.73
C SER D 171 -38.26 4.47 10.46
N ASP D 172 -38.97 5.29 9.69
CA ASP D 172 -39.65 4.84 8.47
C ASP D 172 -39.27 5.78 7.33
N ILE D 173 -38.32 5.33 6.51
CA ILE D 173 -37.85 6.13 5.39
C ILE D 173 -38.87 6.08 4.27
N ARG D 174 -39.02 7.20 3.54
CA ARG D 174 -39.92 7.28 2.41
C ARG D 174 -39.13 7.49 1.13
N TYR D 175 -39.44 6.70 0.10
CA TYR D 175 -38.82 6.80 -1.21
C TYR D 175 -39.88 7.21 -2.21
N ASP D 176 -39.73 8.40 -2.81
CA ASP D 176 -40.73 8.89 -3.75
C ASP D 176 -40.61 8.24 -5.12
N HIS D 177 -39.42 7.73 -5.47
CA HIS D 177 -39.20 7.18 -6.80
C HIS D 177 -39.97 5.88 -7.05
N LEU D 178 -40.44 5.21 -6.01
CA LEU D 178 -41.31 4.05 -6.18
C LEU D 178 -42.78 4.45 -6.28
N SER D 179 -43.08 5.74 -6.43
CA SER D 179 -44.46 6.18 -6.57
C SER D 179 -45.06 5.76 -7.92
N SER D 180 -44.22 5.50 -8.91
CA SER D 180 -44.71 5.14 -10.24
C SER D 180 -45.06 3.67 -10.36
N VAL D 181 -44.38 2.80 -9.62
CA VAL D 181 -44.60 1.36 -9.73
C VAL D 181 -45.33 0.78 -8.53
N GLN D 182 -45.31 1.45 -7.38
CA GLN D 182 -45.96 0.95 -6.17
C GLN D 182 -46.53 2.11 -5.38
N PRO D 183 -47.76 2.54 -5.69
CA PRO D 183 -48.38 3.60 -4.90
C PRO D 183 -48.83 3.08 -3.53
N ASN D 184 -48.88 4.02 -2.59
CA ASN D 184 -49.41 3.86 -1.23
C ASN D 184 -48.56 2.96 -0.33
N GLN D 185 -47.53 2.32 -0.87
CA GLN D 185 -46.66 1.43 -0.09
C GLN D 185 -45.23 1.67 -0.56
N ASN D 186 -44.57 2.66 0.06
CA ASN D 186 -43.17 2.91 -0.24
C ASN D 186 -42.35 3.23 0.99
N GLU D 187 -42.93 3.10 2.18
CA GLU D 187 -42.21 3.37 3.42
C GLU D 187 -41.45 2.12 3.85
N PHE D 188 -40.16 2.26 4.09
CA PHE D 188 -39.28 1.15 4.47
C PHE D 188 -38.83 1.34 5.90
N SER D 189 -38.88 0.27 6.68
CA SER D 189 -38.52 0.36 8.10
C SER D 189 -37.02 0.26 8.26
N ARG D 190 -36.40 1.31 8.82
CA ARG D 190 -34.92 1.33 8.97
C ARG D 190 -34.51 1.38 10.44
N ILE D 191 -33.45 0.64 10.79
CA ILE D 191 -32.89 0.60 12.19
C ILE D 191 -31.54 1.30 12.15
N THR D 192 -31.33 2.31 13.01
CA THR D 192 -30.05 3.08 13.03
C THR D 192 -29.30 2.82 14.34
N VAL D 193 -27.97 2.86 14.30
CA VAL D 193 -27.15 2.61 15.48
C VAL D 193 -26.01 3.61 15.49
N ARG D 194 -25.87 4.35 16.59
CA ARG D 194 -24.82 5.35 16.72
C ARG D 194 -23.95 5.01 17.92
N ILE D 195 -22.63 5.04 17.72
CA ILE D 195 -21.66 4.74 18.76
C ILE D 195 -20.69 5.91 18.82
N ASP D 196 -20.69 6.65 19.91
CA ASP D 196 -19.84 7.82 20.02
C ASP D 196 -18.41 7.40 20.35
N ALA D 197 -17.43 8.21 19.93
CA ALA D 197 -16.05 7.88 20.18
C ALA D 197 -15.23 9.15 20.20
N VAL D 198 -14.20 9.14 21.04
CA VAL D 198 -13.26 10.26 21.18
C VAL D 198 -11.86 9.75 20.86
N ARG D 199 -11.09 10.55 20.13
CA ARG D 199 -9.75 10.13 19.76
C ARG D 199 -8.82 10.20 20.97
N ASN D 200 -7.78 9.37 20.96
CA ASN D 200 -6.73 9.38 21.97
C ASN D 200 -5.67 10.40 21.60
N PRO D 201 -5.63 11.56 22.26
CA PRO D 201 -4.76 12.64 21.81
C PRO D 201 -3.37 12.62 22.43
N SER D 202 -2.94 11.52 23.02
CA SER D 202 -1.67 11.52 23.75
C SER D 202 -0.48 11.58 22.80
N TYR D 203 -0.48 10.76 21.77
CA TYR D 203 0.64 10.74 20.83
C TYR D 203 0.73 12.05 20.06
N TYR D 204 -0.40 12.67 19.78
CA TYR D 204 -0.39 13.93 19.05
C TYR D 204 -0.21 15.12 19.96
N LEU D 205 -0.20 14.93 21.27
CA LEU D 205 0.13 16.01 22.18
C LEU D 205 1.59 15.99 22.58
N TRP D 206 2.20 14.81 22.69
CA TRP D 206 3.57 14.77 23.14
C TRP D 206 4.58 14.91 22.03
N SER D 207 4.25 14.45 20.82
CA SER D 207 5.21 14.45 19.74
C SER D 207 4.97 15.50 18.68
N PHE D 208 3.87 16.21 18.73
CA PHE D 208 3.63 17.19 17.67
C PHE D 208 3.37 18.59 18.19
N ILE D 209 2.67 18.72 19.31
CA ILE D 209 2.37 20.05 19.83
C ILE D 209 3.52 20.62 20.65
N LEU D 210 4.13 19.82 21.51
CA LEU D 210 5.19 20.29 22.39
C LEU D 210 6.49 20.66 21.67
N PRO D 211 7.05 19.83 20.77
CA PRO D 211 8.26 20.30 20.08
C PRO D 211 8.02 21.45 19.12
N LEU D 212 6.83 21.56 18.53
CA LEU D 212 6.53 22.72 17.70
C LEU D 212 6.42 23.97 18.56
N GLY D 213 5.83 23.85 19.74
CA GLY D 213 5.83 24.98 20.66
C GLY D 213 7.22 25.39 21.06
N LEU D 214 8.09 24.41 21.29
CA LEU D 214 9.47 24.73 21.67
C LEU D 214 10.22 25.38 20.52
N ILE D 215 9.95 24.96 19.28
CA ILE D 215 10.64 25.55 18.14
C ILE D 215 10.18 26.99 17.93
N ILE D 216 8.88 27.25 18.04
CA ILE D 216 8.37 28.61 17.90
C ILE D 216 8.88 29.49 19.04
N ALA D 217 8.98 28.94 20.25
CA ALA D 217 9.43 29.74 21.38
C ALA D 217 10.93 30.01 21.32
N ALA D 218 11.71 29.11 20.71
CA ALA D 218 13.14 29.36 20.59
C ALA D 218 13.46 30.18 19.37
N SER D 219 12.54 30.27 18.40
CA SER D 219 12.77 31.12 17.25
C SER D 219 12.71 32.60 17.61
N TRP D 220 12.10 32.93 18.74
CA TRP D 220 11.96 34.33 19.12
C TRP D 220 13.27 34.89 19.64
N SER D 221 14.19 34.03 20.06
CA SER D 221 15.44 34.50 20.65
C SER D 221 16.52 34.64 19.60
N VAL D 222 16.21 35.33 18.50
CA VAL D 222 17.21 35.79 17.56
C VAL D 222 17.43 37.28 17.66
N PHE D 223 16.59 38.00 18.39
CA PHE D 223 16.81 39.40 18.65
C PHE D 223 17.80 39.63 19.79
N TRP D 224 18.37 38.58 20.36
CA TRP D 224 19.44 38.75 21.33
C TRP D 224 20.80 38.84 20.65
N LEU D 225 20.90 38.44 19.38
CA LEU D 225 22.16 38.55 18.66
C LEU D 225 22.47 40.03 18.40
N GLU D 226 23.76 40.33 18.29
CA GLU D 226 24.21 41.71 18.25
C GLU D 226 24.16 42.32 16.85
N SER D 227 24.77 41.64 15.88
CA SER D 227 24.90 42.21 14.54
C SER D 227 23.59 42.01 13.77
N PHE D 228 23.66 42.23 12.46
CA PHE D 228 22.50 42.07 11.59
C PHE D 228 22.56 40.87 10.68
N SER D 229 23.75 40.51 10.19
CA SER D 229 23.87 39.36 9.31
C SER D 229 23.62 38.05 10.07
N GLU D 230 24.01 38.02 11.34
CA GLU D 230 23.78 36.83 12.16
C GLU D 230 22.29 36.59 12.37
N ARG D 231 21.53 37.66 12.57
CA ARG D 231 20.08 37.55 12.72
C ARG D 231 19.45 36.96 11.47
N LEU D 232 19.87 37.42 10.29
CA LEU D 232 19.27 36.93 9.06
C LEU D 232 19.63 35.48 8.80
N GLN D 233 20.91 35.13 8.95
CA GLN D 233 21.32 33.74 8.69
C GLN D 233 20.66 32.79 9.68
N THR D 234 20.51 33.21 10.93
CA THR D 234 19.83 32.37 11.92
C THR D 234 18.35 32.24 11.60
N SER D 235 17.73 33.30 11.09
CA SER D 235 16.33 33.22 10.71
C SER D 235 16.11 32.27 9.54
N PHE D 236 17.05 32.23 8.60
CA PHE D 236 16.90 31.31 7.48
C PHE D 236 17.11 29.87 7.92
N THR D 237 18.02 29.64 8.87
CA THR D 237 18.14 28.30 9.45
C THR D 237 16.87 27.88 10.16
N LEU D 238 16.23 28.82 10.86
CA LEU D 238 14.99 28.48 11.55
C LEU D 238 13.85 28.22 10.57
N MET D 239 13.84 28.92 9.43
CA MET D 239 12.80 28.66 8.44
C MET D 239 12.98 27.28 7.82
N LEU D 240 14.22 26.86 7.60
CA LEU D 240 14.45 25.48 7.16
C LEU D 240 14.02 24.47 8.22
N THR D 241 14.21 24.81 9.50
CA THR D 241 13.73 23.95 10.57
C THR D 241 12.22 23.79 10.52
N VAL D 242 11.49 24.87 10.29
CA VAL D 242 10.03 24.80 10.27
C VAL D 242 9.55 24.03 9.04
N VAL D 243 10.26 24.14 7.92
CA VAL D 243 9.88 23.35 6.74
C VAL D 243 10.10 21.86 7.00
N ALA D 244 11.23 21.51 7.63
CA ALA D 244 11.48 20.11 7.96
C ALA D 244 10.47 19.58 8.97
N TYR D 245 10.00 20.44 9.86
CA TYR D 245 8.99 20.00 10.82
C TYR D 245 7.63 19.82 10.15
N ALA D 246 7.28 20.69 9.21
CA ALA D 246 6.04 20.52 8.47
C ALA D 246 6.05 19.23 7.68
N PHE D 247 7.21 18.86 7.15
CA PHE D 247 7.37 17.57 6.49
C PHE D 247 7.20 16.41 7.49
N TYR D 248 7.85 16.49 8.64
CA TYR D 248 7.75 15.41 9.62
C TYR D 248 6.32 15.19 10.08
N THR D 249 5.54 16.26 10.19
CA THR D 249 4.13 16.07 10.53
C THR D 249 3.33 15.59 9.33
N SER D 250 3.78 15.90 8.11
CA SER D 250 3.01 15.51 6.94
C SER D 250 3.18 14.03 6.62
N ASN D 251 4.24 13.42 7.15
CA ASN D 251 4.51 11.98 6.90
C ASN D 251 3.64 11.14 7.84
N ILE D 252 3.80 11.31 9.16
CA ILE D 252 3.03 10.53 10.17
C ILE D 252 1.71 11.22 10.49
N LEU D 253 0.81 11.35 9.52
CA LEU D 253 -0.51 12.00 9.75
C LEU D 253 -1.53 11.50 8.72
N PRO D 254 -2.85 11.67 8.96
CA PRO D 254 -3.89 11.22 8.04
C PRO D 254 -4.23 12.34 7.03
N ARG D 255 -4.30 12.02 5.74
CA ARG D 255 -4.62 13.01 4.73
C ARG D 255 -6.02 13.56 4.91
N LEU D 256 -6.18 14.84 4.63
CA LEU D 256 -7.51 15.51 4.74
C LEU D 256 -7.61 16.59 3.66
N PRO D 257 -8.82 17.02 3.24
CA PRO D 257 -8.96 18.08 2.24
C PRO D 257 -9.08 19.46 2.92
N TYR D 258 -9.10 19.48 4.26
CA TYR D 258 -9.18 20.73 5.07
C TYR D 258 -8.07 20.71 6.11
N THR D 259 -7.72 21.88 6.65
CA THR D 259 -6.63 21.99 7.66
C THR D 259 -7.09 21.58 9.05
N THR D 260 -6.20 20.90 9.79
CA THR D 260 -6.33 20.46 11.16
C THR D 260 -5.92 21.57 12.11
N VAL D 261 -5.80 21.25 13.40
CA VAL D 261 -5.26 22.18 14.38
C VAL D 261 -3.75 22.30 14.20
N ILE D 262 -3.10 21.16 13.99
CA ILE D 262 -1.65 21.15 13.81
C ILE D 262 -1.25 21.88 12.53
N ASP D 263 -2.10 21.84 11.51
CA ASP D 263 -1.81 22.62 10.32
C ASP D 263 -2.14 24.10 10.49
N GLN D 264 -2.85 24.50 11.54
CA GLN D 264 -2.85 25.90 11.89
C GLN D 264 -1.58 26.28 12.63
N MET D 265 -1.07 25.36 13.45
CA MET D 265 0.13 25.66 14.22
C MET D 265 1.36 25.76 13.32
N ILE D 266 1.41 24.98 12.25
CA ILE D 266 2.54 25.08 11.32
C ILE D 266 2.54 26.42 10.60
N ILE D 267 1.36 26.88 10.18
CA ILE D 267 1.26 28.18 9.54
C ILE D 267 1.52 29.30 10.55
N ALA D 268 1.20 29.07 11.82
CA ALA D 268 1.59 30.03 12.86
C ALA D 268 3.10 30.09 13.01
N GLY D 269 3.78 28.95 12.87
CA GLY D 269 5.23 28.95 12.90
C GLY D 269 5.83 29.70 11.72
N TYR D 270 5.27 29.50 10.53
CA TYR D 270 5.70 30.25 9.36
C TYR D 270 5.48 31.75 9.55
N GLY D 271 4.34 32.11 10.14
CA GLY D 271 4.06 33.52 10.37
C GLY D 271 5.00 34.14 11.39
N SER D 272 5.36 33.37 12.41
CA SER D 272 6.32 33.88 13.39
C SER D 272 7.69 34.08 12.78
N ILE D 273 8.14 33.13 11.94
CA ILE D 273 9.44 33.26 11.28
C ILE D 273 9.44 34.47 10.35
N PHE D 274 8.37 34.64 9.56
CA PHE D 274 8.37 35.74 8.61
C PHE D 274 8.18 37.09 9.30
N ALA D 275 7.44 37.14 10.40
CA ALA D 275 7.35 38.39 11.15
C ALA D 275 8.68 38.72 11.82
N ALA D 276 9.45 37.71 12.23
CA ALA D 276 10.78 37.97 12.76
C ALA D 276 11.70 38.52 11.68
N ILE D 277 11.62 37.98 10.46
CA ILE D 277 12.46 38.49 9.38
C ILE D 277 12.06 39.92 9.01
N LEU D 278 10.75 40.20 8.98
CA LEU D 278 10.29 41.55 8.69
C LEU D 278 10.74 42.53 9.75
N LEU D 279 10.64 42.15 11.03
CA LEU D 279 11.07 43.03 12.10
C LEU D 279 12.57 43.25 12.08
N ILE D 280 13.33 42.22 11.68
CA ILE D 280 14.78 42.37 11.60
C ILE D 280 15.17 43.35 10.50
N ILE D 281 14.54 43.23 9.32
CA ILE D 281 14.84 44.13 8.23
C ILE D 281 14.40 45.56 8.55
N PHE D 282 13.26 45.69 9.23
CA PHE D 282 12.81 47.03 9.58
C PHE D 282 13.67 47.67 10.66
N ALA D 283 14.11 46.88 11.65
CA ALA D 283 14.91 47.44 12.73
C ALA D 283 16.33 47.75 12.27
N HIS D 284 16.86 47.00 11.30
CA HIS D 284 18.12 47.41 10.71
C HIS D 284 17.95 48.63 9.81
N HIS D 285 16.84 48.67 9.06
CA HIS D 285 16.67 49.65 8.01
C HIS D 285 16.31 51.03 8.54
N ARG D 286 16.20 51.23 9.84
CA ARG D 286 16.02 52.56 10.40
C ARG D 286 17.39 53.21 10.46
N GLN D 287 17.83 53.79 9.33
CA GLN D 287 19.08 54.51 9.22
C GLN D 287 18.84 55.82 8.47
N ALA D 288 19.64 56.84 8.79
CA ALA D 288 19.49 58.12 8.11
C ALA D 288 20.06 58.05 6.69
N ASN D 289 21.26 57.47 6.53
CA ASN D 289 21.81 57.19 5.23
C ASN D 289 22.41 55.79 5.09
N GLY D 290 22.63 55.07 6.19
CA GLY D 290 23.18 53.73 6.11
C GLY D 290 24.15 53.38 7.21
N VAL D 291 24.47 54.33 8.09
CA VAL D 291 25.43 54.11 9.15
C VAL D 291 24.80 54.15 10.55
N GLU D 292 23.59 54.67 10.69
CA GLU D 292 22.98 54.83 12.00
C GLU D 292 22.44 53.50 12.51
N ASP D 293 22.87 53.11 13.70
CA ASP D 293 22.41 51.88 14.34
C ASP D 293 21.04 52.12 14.96
N ASP D 294 20.46 51.07 15.56
CA ASP D 294 19.14 51.20 16.14
C ASP D 294 18.98 50.22 17.29
N LEU D 295 18.19 50.62 18.28
CA LEU D 295 17.81 49.76 19.40
C LEU D 295 16.32 49.83 19.73
N LEU D 296 15.60 50.84 19.23
CA LEU D 296 14.26 51.17 19.74
C LEU D 296 13.26 50.06 19.43
N ILE D 297 13.13 49.66 18.17
CA ILE D 297 12.20 48.60 17.81
C ILE D 297 12.68 47.23 18.28
N GLN D 298 13.93 47.14 18.76
CA GLN D 298 14.45 45.88 19.29
C GLN D 298 14.11 45.70 20.77
N ARG D 299 13.16 46.45 21.29
CA ARG D 299 12.53 46.15 22.57
C ARG D 299 11.47 45.05 22.45
N CYS D 300 11.30 44.48 21.26
CA CYS D 300 10.33 43.43 21.00
C CYS D 300 10.87 42.04 21.27
N ARG D 301 11.93 41.93 22.07
CA ARG D 301 12.38 40.62 22.55
C ARG D 301 11.48 40.09 23.67
N LEU D 302 10.67 40.95 24.28
CA LEU D 302 9.74 40.55 25.33
C LEU D 302 8.29 40.83 25.01
N ALA D 303 7.99 41.56 23.93
CA ALA D 303 6.62 41.95 23.59
C ALA D 303 6.09 41.27 22.34
N PHE D 304 6.89 41.17 21.29
CA PHE D 304 6.49 40.42 20.10
C PHE D 304 6.27 38.93 20.38
N PRO D 305 7.02 38.26 21.26
CA PRO D 305 6.53 36.98 21.81
C PRO D 305 5.13 37.07 22.39
N LEU D 306 4.87 38.05 23.25
CA LEU D 306 3.54 38.18 23.84
C LEU D 306 2.52 38.59 22.80
N GLY D 307 2.92 39.35 21.78
CA GLY D 307 2.01 39.72 20.71
C GLY D 307 1.54 38.52 19.90
N PHE D 308 2.48 37.70 19.42
CA PHE D 308 2.06 36.54 18.65
C PHE D 308 1.43 35.46 19.54
N LEU D 309 1.79 35.42 20.82
CA LEU D 309 1.09 34.52 21.73
C LEU D 309 -0.34 34.97 21.98
N ALA D 310 -0.58 36.28 22.01
CA ALA D 310 -1.95 36.78 22.10
C ALA D 310 -2.73 36.48 20.84
N ILE D 311 -2.09 36.58 19.67
CA ILE D 311 -2.74 36.22 18.42
C ILE D 311 -3.11 34.73 18.41
N GLY D 312 -2.19 33.88 18.90
CA GLY D 312 -2.48 32.45 18.96
C GLY D 312 -3.58 32.11 19.95
N CYS D 313 -3.55 32.74 21.12
CA CYS D 313 -4.57 32.48 22.14
C CYS D 313 -5.93 33.04 21.74
N VAL D 314 -5.96 34.09 20.93
CA VAL D 314 -7.21 34.56 20.35
C VAL D 314 -7.69 33.58 19.29
N LEU D 315 -6.78 33.05 18.48
CA LEU D 315 -7.16 32.07 17.46
C LEU D 315 -7.64 30.76 18.07
N VAL D 316 -7.22 30.45 19.31
CA VAL D 316 -7.80 29.32 20.03
C VAL D 316 -9.26 29.61 20.35
N ILE D 317 -9.53 30.77 20.93
CA ILE D 317 -10.90 31.15 21.30
C ILE D 317 -11.69 31.53 20.06
N PRO E 11 -38.23 -4.52 -30.52
CA PRO E 11 -37.33 -3.88 -29.57
C PRO E 11 -37.97 -3.64 -28.21
N VAL E 12 -37.28 -4.04 -27.16
CA VAL E 12 -37.77 -3.88 -25.80
C VAL E 12 -37.30 -2.54 -25.27
N ASP E 13 -38.20 -1.81 -24.63
CA ASP E 13 -37.91 -0.47 -24.12
C ASP E 13 -37.53 -0.58 -22.65
N VAL E 14 -36.25 -0.42 -22.37
CA VAL E 14 -35.73 -0.54 -21.00
C VAL E 14 -35.63 0.84 -20.39
N SER E 15 -36.10 1.01 -19.16
CA SER E 15 -36.12 2.30 -18.48
C SER E 15 -35.21 2.27 -17.27
N VAL E 16 -34.06 2.92 -17.37
CA VAL E 16 -33.03 2.83 -16.35
C VAL E 16 -33.19 3.98 -15.35
N SER E 17 -32.73 3.76 -14.12
CA SER E 17 -32.65 4.81 -13.11
C SER E 17 -31.43 4.51 -12.25
N ILE E 18 -30.54 5.48 -12.07
CA ILE E 18 -29.29 5.27 -11.36
C ILE E 18 -29.26 6.17 -10.13
N PHE E 19 -29.11 5.58 -8.96
CA PHE E 19 -28.95 6.31 -7.72
C PHE E 19 -27.49 6.31 -7.34
N ILE E 20 -26.85 7.48 -7.35
CA ILE E 20 -25.44 7.58 -7.00
C ILE E 20 -25.34 7.85 -5.51
N ASN E 21 -24.88 6.87 -4.75
CA ASN E 21 -24.73 7.08 -3.31
C ASN E 21 -23.48 7.91 -3.01
N LYS E 22 -22.31 7.47 -3.47
CA LYS E 22 -21.12 8.26 -3.18
C LYS E 22 -20.05 8.07 -4.25
N ILE E 23 -19.28 9.14 -4.45
CA ILE E 23 -18.18 9.19 -5.40
C ILE E 23 -16.92 9.56 -4.64
N TYR E 24 -15.88 8.76 -4.77
CA TYR E 24 -14.69 8.99 -3.97
C TYR E 24 -13.48 8.34 -4.63
N GLY E 25 -12.35 8.35 -3.93
CA GLY E 25 -11.19 7.57 -4.30
C GLY E 25 -10.56 7.91 -5.62
N VAL E 26 -10.47 9.20 -5.95
CA VAL E 26 -9.97 9.61 -7.26
C VAL E 26 -8.49 9.30 -7.35
N ASN E 27 -8.14 8.39 -8.25
CA ASN E 27 -6.76 8.00 -8.49
C ASN E 27 -6.26 8.81 -9.68
N THR E 28 -5.24 9.64 -9.45
CA THR E 28 -4.84 10.59 -10.48
C THR E 28 -3.93 9.96 -11.52
N LEU E 29 -3.25 8.87 -11.15
CA LEU E 29 -2.29 8.27 -12.08
C LEU E 29 -2.97 7.26 -13.00
N GLU E 30 -3.91 6.49 -12.48
CA GLU E 30 -4.68 5.56 -13.29
C GLU E 30 -5.90 6.21 -13.92
N GLN E 31 -6.22 7.45 -13.52
CA GLN E 31 -7.39 8.21 -13.99
C GLN E 31 -8.70 7.48 -13.71
N THR E 32 -8.78 6.81 -12.56
CA THR E 32 -9.99 6.12 -12.14
C THR E 32 -10.59 6.82 -10.93
N TYR E 33 -11.82 6.40 -10.59
CA TYR E 33 -12.53 6.92 -9.43
C TYR E 33 -13.61 5.91 -9.08
N LYS E 34 -13.91 5.77 -7.79
CA LYS E 34 -14.86 4.77 -7.36
C LYS E 34 -16.24 5.38 -7.17
N VAL E 35 -17.25 4.70 -7.72
CA VAL E 35 -18.65 5.09 -7.58
C VAL E 35 -19.40 3.97 -6.90
N ASP E 36 -20.28 4.33 -5.98
CA ASP E 36 -21.07 3.37 -5.24
C ASP E 36 -22.51 3.80 -5.33
N GLY E 37 -23.41 2.87 -5.68
CA GLY E 37 -24.80 3.24 -5.81
C GLY E 37 -25.64 2.07 -6.31
N TYR E 38 -26.87 2.40 -6.69
CA TYR E 38 -27.84 1.43 -7.18
C TYR E 38 -28.07 1.60 -8.68
N ILE E 39 -28.78 0.63 -9.26
CA ILE E 39 -29.22 0.73 -10.65
C ILE E 39 -30.49 -0.07 -10.84
N VAL E 40 -31.53 0.57 -11.39
CA VAL E 40 -32.86 0.00 -11.47
C VAL E 40 -33.29 0.02 -12.92
N ALA E 41 -33.31 -1.15 -13.57
CA ALA E 41 -33.84 -1.26 -14.92
C ALA E 41 -35.25 -1.80 -14.86
N GLN E 42 -36.04 -1.52 -15.90
CA GLN E 42 -37.45 -1.88 -15.86
C GLN E 42 -37.96 -2.04 -17.28
N TRP E 43 -38.62 -3.16 -17.56
CA TRP E 43 -39.18 -3.36 -18.89
C TRP E 43 -40.50 -4.11 -18.77
N THR E 44 -41.08 -4.43 -19.91
CA THR E 44 -42.39 -5.08 -19.98
C THR E 44 -42.28 -6.31 -20.86
N GLY E 45 -42.62 -7.48 -20.29
CA GLY E 45 -42.53 -8.71 -21.04
C GLY E 45 -43.87 -9.38 -21.28
N LYS E 46 -43.96 -10.66 -20.97
CA LYS E 46 -45.22 -11.38 -21.11
C LYS E 46 -45.96 -11.39 -19.78
N PRO E 47 -47.30 -11.42 -19.79
CA PRO E 47 -48.03 -11.57 -18.54
C PRO E 47 -47.80 -12.96 -17.96
N ARG E 48 -47.97 -13.06 -16.64
CA ARG E 48 -47.70 -14.32 -15.96
C ARG E 48 -48.62 -14.43 -14.75
N LYS E 49 -48.71 -15.64 -14.22
CA LYS E 49 -49.50 -15.93 -13.04
C LYS E 49 -48.57 -16.11 -11.85
N THR E 50 -48.71 -15.24 -10.87
CA THR E 50 -47.87 -15.28 -9.67
C THR E 50 -48.70 -15.82 -8.52
N PRO E 51 -48.09 -16.21 -7.38
CA PRO E 51 -48.89 -16.54 -6.19
C PRO E 51 -49.80 -15.41 -5.75
N GLY E 52 -51.11 -15.63 -5.87
CA GLY E 52 -52.06 -14.56 -5.62
C GLY E 52 -52.06 -13.55 -6.77
N ASP E 53 -52.33 -12.30 -6.43
CA ASP E 53 -52.24 -11.20 -7.37
C ASP E 53 -51.02 -10.33 -7.10
N LYS E 54 -50.44 -10.43 -5.91
CA LYS E 54 -49.34 -9.57 -5.52
C LYS E 54 -48.08 -9.88 -6.33
N PRO E 55 -47.21 -8.89 -6.52
CA PRO E 55 -45.98 -9.12 -7.28
C PRO E 55 -45.03 -10.07 -6.55
N LEU E 56 -44.43 -10.97 -7.32
CA LEU E 56 -43.47 -11.92 -6.77
C LEU E 56 -42.09 -11.29 -6.74
N ILE E 57 -41.38 -11.45 -5.61
CA ILE E 57 -40.02 -10.87 -5.45
C ILE E 57 -38.99 -12.00 -5.38
N VAL E 58 -38.00 -11.95 -6.28
CA VAL E 58 -36.91 -12.97 -6.34
C VAL E 58 -35.63 -12.26 -5.89
N GLU E 59 -34.91 -12.81 -4.91
CA GLU E 59 -33.72 -12.08 -4.40
C GLU E 59 -32.45 -12.93 -4.47
N ASN E 60 -31.36 -12.28 -4.92
CA ASN E 60 -30.02 -12.86 -5.01
C ASN E 60 -29.85 -14.11 -5.84
N THR E 61 -29.60 -15.23 -5.18
CA THR E 61 -29.35 -16.53 -5.82
C THR E 61 -30.56 -17.15 -6.45
N GLN E 62 -31.75 -16.65 -6.12
CA GLN E 62 -32.98 -17.17 -6.71
C GLN E 62 -33.01 -16.93 -8.20
N ILE E 63 -32.52 -15.77 -8.63
CA ILE E 63 -32.49 -15.41 -10.03
C ILE E 63 -31.89 -16.49 -10.92
N GLU E 64 -30.70 -16.98 -10.62
CA GLU E 64 -30.13 -18.02 -11.49
C GLU E 64 -30.99 -19.27 -11.57
N ARG E 65 -31.97 -19.44 -10.69
CA ARG E 65 -32.96 -20.48 -10.86
C ARG E 65 -34.09 -20.08 -11.78
N TRP E 66 -34.25 -18.79 -12.05
CA TRP E 66 -35.27 -18.32 -12.97
C TRP E 66 -34.76 -18.18 -14.39
N ILE E 67 -33.48 -17.86 -14.54
CA ILE E 67 -32.90 -17.72 -15.88
C ILE E 67 -32.73 -19.10 -16.53
N ASN E 68 -32.47 -20.13 -15.72
CA ASN E 68 -32.43 -21.49 -16.25
C ASN E 68 -33.79 -21.94 -16.75
N ASN E 69 -34.86 -21.41 -16.17
CA ASN E 69 -36.22 -21.69 -16.60
C ASN E 69 -36.68 -20.75 -17.70
N GLY E 70 -35.76 -20.06 -18.36
CA GLY E 70 -36.08 -19.31 -19.56
C GLY E 70 -36.49 -17.87 -19.37
N LEU E 71 -36.29 -17.30 -18.18
CA LEU E 71 -36.57 -15.89 -17.99
C LEU E 71 -35.53 -15.05 -18.74
N TRP E 72 -36.00 -13.98 -19.37
CA TRP E 72 -35.13 -13.11 -20.16
C TRP E 72 -34.72 -11.93 -19.30
N VAL E 73 -33.47 -11.93 -18.87
CA VAL E 73 -32.91 -10.81 -18.13
C VAL E 73 -31.65 -10.38 -18.86
N PRO E 74 -31.59 -9.16 -19.41
CA PRO E 74 -30.39 -8.73 -20.12
C PRO E 74 -29.28 -8.39 -19.14
N ALA E 75 -28.07 -8.34 -19.68
CA ALA E 75 -26.89 -7.99 -18.91
C ALA E 75 -26.45 -6.60 -19.36
N LEU E 76 -26.73 -5.60 -18.55
CA LEU E 76 -26.31 -4.23 -18.82
C LEU E 76 -24.93 -4.02 -18.21
N GLU E 77 -23.95 -3.74 -19.05
CA GLU E 77 -22.59 -3.56 -18.58
C GLU E 77 -22.22 -2.09 -18.59
N PHE E 78 -21.27 -1.73 -17.74
CA PHE E 78 -20.71 -0.39 -17.72
C PHE E 78 -19.53 -0.38 -18.68
N ILE E 79 -19.55 0.55 -19.63
CA ILE E 79 -18.55 0.54 -20.69
C ILE E 79 -17.19 0.92 -20.14
N ASN E 80 -17.14 1.93 -19.26
CA ASN E 80 -15.87 2.47 -18.80
C ASN E 80 -15.45 1.94 -17.45
N VAL E 81 -16.06 0.85 -16.98
CA VAL E 81 -15.61 0.27 -15.72
C VAL E 81 -14.26 -0.40 -15.93
N VAL E 82 -13.54 -0.58 -14.84
CA VAL E 82 -12.24 -1.25 -14.86
C VAL E 82 -12.39 -2.52 -14.03
N GLY E 83 -12.37 -3.67 -14.69
CA GLY E 83 -12.54 -4.92 -13.99
C GLY E 83 -13.98 -5.40 -14.02
N SER E 84 -14.57 -5.61 -12.84
CA SER E 84 -15.96 -5.98 -12.72
C SER E 84 -16.49 -5.37 -11.44
N PRO E 85 -17.70 -4.81 -11.45
CA PRO E 85 -18.24 -4.20 -10.23
C PRO E 85 -18.51 -5.25 -9.16
N ASP E 86 -18.33 -4.85 -7.91
CA ASP E 86 -18.61 -5.73 -6.77
C ASP E 86 -20.09 -5.68 -6.46
N THR E 87 -20.85 -6.44 -7.25
CA THR E 87 -22.30 -6.47 -7.12
C THR E 87 -22.70 -7.06 -5.78
N GLY E 88 -23.43 -6.28 -4.98
CA GLY E 88 -23.92 -6.75 -3.71
C GLY E 88 -25.24 -7.45 -3.88
N ASN E 89 -26.28 -6.96 -3.23
CA ASN E 89 -27.59 -7.57 -3.40
C ASN E 89 -28.15 -7.22 -4.77
N LYS E 90 -29.16 -7.98 -5.18
CA LYS E 90 -29.88 -7.73 -6.42
C LYS E 90 -31.20 -8.50 -6.35
N ARG E 91 -32.18 -8.05 -7.13
CA ARG E 91 -33.50 -8.65 -7.02
C ARG E 91 -34.31 -8.36 -8.27
N LEU E 92 -35.35 -9.17 -8.46
CA LEU E 92 -36.25 -9.06 -9.59
C LEU E 92 -37.67 -9.02 -9.07
N MET E 93 -38.43 -8.00 -9.44
CA MET E 93 -39.80 -7.96 -8.99
C MET E 93 -40.66 -8.17 -10.23
N LEU E 94 -41.51 -9.19 -10.19
CA LEU E 94 -42.35 -9.52 -11.34
C LEU E 94 -43.80 -9.24 -11.02
N PHE E 95 -44.47 -8.51 -11.90
CA PHE E 95 -45.87 -8.16 -11.71
C PHE E 95 -46.74 -8.99 -12.64
N PRO E 96 -47.91 -9.42 -12.15
CA PRO E 96 -48.88 -10.22 -12.92
C PRO E 96 -49.13 -9.59 -14.28
N ASP E 97 -49.17 -8.26 -14.31
CA ASP E 97 -49.36 -7.50 -15.57
C ASP E 97 -48.35 -7.99 -16.62
N GLY E 98 -47.08 -8.16 -16.22
CA GLY E 98 -46.03 -8.62 -17.15
C GLY E 98 -44.80 -7.73 -17.12
N ARG E 99 -44.81 -6.73 -16.24
CA ARG E 99 -43.66 -5.78 -16.11
C ARG E 99 -42.68 -6.30 -15.07
N VAL E 100 -41.38 -6.30 -15.42
CA VAL E 100 -40.30 -6.82 -14.53
C VAL E 100 -39.40 -5.65 -14.12
N ILE E 101 -38.92 -5.65 -12.88
CA ILE E 101 -38.01 -4.58 -12.36
C ILE E 101 -36.74 -5.24 -11.81
N TYR E 102 -35.57 -4.91 -12.37
CA TYR E 102 -34.32 -5.48 -11.92
C TYR E 102 -33.54 -4.40 -11.19
N ASN E 103 -33.38 -4.56 -9.88
CA ASN E 103 -32.75 -3.57 -9.03
C ASN E 103 -31.49 -4.19 -8.44
N ALA E 104 -30.34 -3.60 -8.73
CA ALA E 104 -29.07 -4.12 -8.26
C ALA E 104 -28.25 -3.02 -7.62
N ARG E 105 -27.20 -3.41 -6.91
CA ARG E 105 -26.33 -2.48 -6.20
C ARG E 105 -24.91 -2.72 -6.63
N PHE E 106 -24.20 -1.67 -7.03
CA PHE E 106 -22.87 -1.79 -7.58
C PHE E 106 -21.88 -0.89 -6.83
N LEU E 107 -20.63 -1.34 -6.84
CA LEU E 107 -19.48 -0.52 -6.45
C LEU E 107 -18.42 -0.72 -7.52
N GLY E 108 -18.14 0.32 -8.29
CA GLY E 108 -17.24 0.16 -9.42
C GLY E 108 -16.09 1.13 -9.46
N SER E 109 -14.99 0.72 -10.08
CA SER E 109 -13.80 1.55 -10.22
C SER E 109 -13.76 2.07 -11.65
N PHE E 110 -14.51 3.15 -11.89
CA PHE E 110 -14.73 3.65 -13.23
C PHE E 110 -13.53 4.44 -13.71
N SER E 111 -13.44 4.66 -15.02
CA SER E 111 -12.31 5.36 -15.60
C SER E 111 -12.78 6.41 -16.57
N ASN E 112 -12.05 7.53 -16.62
CA ASN E 112 -12.38 8.65 -17.49
C ASN E 112 -11.08 9.32 -17.93
N ASP E 113 -11.21 10.35 -18.74
CA ASP E 113 -10.06 11.11 -19.25
C ASP E 113 -9.98 12.43 -18.48
N MET E 114 -9.17 12.45 -17.43
CA MET E 114 -9.09 13.57 -16.53
C MET E 114 -7.86 14.42 -16.83
N ASP E 115 -7.94 15.70 -16.48
CA ASP E 115 -6.94 16.69 -16.84
C ASP E 115 -6.64 17.49 -15.57
N PHE E 116 -5.58 17.09 -14.86
CA PHE E 116 -5.20 17.73 -13.62
C PHE E 116 -4.20 18.87 -13.81
N ARG E 117 -4.22 19.54 -14.96
CA ARG E 117 -3.16 20.49 -15.27
C ARG E 117 -3.29 21.80 -14.51
N LEU E 118 -4.39 22.04 -13.79
CA LEU E 118 -4.50 23.15 -12.86
C LEU E 118 -4.92 22.51 -11.55
N PHE E 119 -3.96 22.00 -10.79
CA PHE E 119 -4.30 20.96 -9.83
C PHE E 119 -5.13 21.41 -8.64
N PRO E 120 -4.74 22.40 -7.82
CA PRO E 120 -5.59 22.70 -6.67
C PRO E 120 -6.89 23.36 -7.05
N PHE E 121 -6.93 24.03 -8.19
CA PHE E 121 -8.11 24.75 -8.67
C PHE E 121 -8.78 23.97 -9.80
N ASP E 122 -8.84 22.66 -9.61
CA ASP E 122 -9.25 21.70 -10.62
C ASP E 122 -10.75 21.82 -10.93
N ARG E 123 -11.16 21.15 -12.00
CA ARG E 123 -12.58 21.08 -12.35
C ARG E 123 -12.76 19.83 -13.21
N GLN E 124 -13.27 18.76 -12.61
CA GLN E 124 -13.42 17.49 -13.31
C GLN E 124 -14.88 17.19 -13.57
N GLN E 125 -15.11 16.17 -14.39
CA GLN E 125 -16.44 15.62 -14.53
C GLN E 125 -16.34 14.10 -14.51
N PHE E 126 -17.30 13.47 -13.85
CA PHE E 126 -17.33 12.04 -13.64
C PHE E 126 -18.37 11.43 -14.56
N VAL E 127 -17.97 10.44 -15.34
CA VAL E 127 -18.80 9.88 -16.40
C VAL E 127 -19.11 8.43 -16.08
N LEU E 128 -20.37 8.06 -16.20
CA LEU E 128 -20.82 6.67 -16.14
C LEU E 128 -21.48 6.34 -17.48
N GLU E 129 -20.96 5.34 -18.16
CA GLU E 129 -21.52 4.91 -19.44
C GLU E 129 -22.07 3.52 -19.26
N LEU E 130 -23.21 3.25 -19.89
CA LEU E 130 -23.96 2.02 -19.68
C LEU E 130 -24.49 1.53 -21.01
N GLU E 131 -24.46 0.22 -21.23
CA GLU E 131 -24.80 -0.30 -22.54
C GLU E 131 -25.16 -1.78 -22.43
N PRO E 132 -26.10 -2.29 -23.20
CA PRO E 132 -26.34 -3.73 -23.21
C PRO E 132 -25.12 -4.46 -23.75
N PHE E 133 -24.86 -5.64 -23.19
CA PHE E 133 -23.66 -6.35 -23.57
C PHE E 133 -23.82 -7.04 -24.91
N SER E 134 -25.03 -7.47 -25.27
CA SER E 134 -25.21 -8.30 -26.44
C SER E 134 -26.30 -7.85 -27.39
N TYR E 135 -27.34 -7.16 -26.93
CA TYR E 135 -28.50 -6.87 -27.75
C TYR E 135 -28.35 -5.48 -28.36
N ASN E 136 -28.45 -5.41 -29.68
CA ASN E 136 -28.34 -4.13 -30.36
C ASN E 136 -29.65 -3.37 -30.26
N ASN E 137 -29.71 -2.19 -30.86
CA ASN E 137 -30.85 -1.30 -30.67
C ASN E 137 -32.06 -1.70 -31.49
N GLN E 138 -32.01 -2.82 -32.21
CA GLN E 138 -33.19 -3.41 -32.80
C GLN E 138 -33.81 -4.48 -31.93
N GLN E 139 -33.14 -4.86 -30.82
CA GLN E 139 -33.69 -5.82 -29.88
C GLN E 139 -33.81 -5.27 -28.46
N LEU E 140 -33.14 -4.18 -28.14
CA LEU E 140 -33.20 -3.60 -26.79
C LEU E 140 -32.77 -2.14 -26.90
N ARG E 141 -33.68 -1.22 -26.69
CA ARG E 141 -33.33 0.20 -26.69
C ARG E 141 -33.75 0.82 -25.38
N PHE E 142 -32.97 1.81 -24.94
CA PHE E 142 -33.29 2.50 -23.71
C PHE E 142 -34.32 3.59 -23.99
N SER E 143 -35.23 3.80 -23.05
CA SER E 143 -36.32 4.75 -23.22
C SER E 143 -36.07 6.07 -22.51
N ASP E 144 -35.56 6.05 -21.28
CA ASP E 144 -35.19 7.26 -20.58
C ASP E 144 -34.16 6.90 -19.52
N ILE E 145 -33.76 7.89 -18.73
CA ILE E 145 -32.94 7.67 -17.56
C ILE E 145 -33.12 8.84 -16.60
N GLN E 146 -33.32 8.52 -15.32
CA GLN E 146 -33.29 9.50 -14.26
C GLN E 146 -32.11 9.20 -13.36
N VAL E 147 -31.37 10.25 -12.97
CA VAL E 147 -30.24 10.11 -12.07
C VAL E 147 -30.59 10.86 -10.78
N TYR E 148 -30.51 10.15 -9.66
CA TYR E 148 -30.81 10.76 -8.32
C TYR E 148 -29.51 10.87 -7.51
N THR E 149 -29.05 12.10 -7.27
CA THR E 149 -27.80 12.36 -6.52
C THR E 149 -28.09 13.17 -5.26
N GLU E 150 -29.23 12.93 -4.61
CA GLU E 150 -29.63 13.69 -3.40
C GLU E 150 -28.61 13.48 -2.28
N ASN E 151 -28.09 12.25 -2.14
CA ASN E 151 -27.17 11.92 -1.01
C ASN E 151 -25.87 12.75 -1.05
N ILE E 152 -25.24 12.92 -2.20
CA ILE E 152 -23.98 13.67 -2.29
C ILE E 152 -24.02 15.17 -1.96
N ASP E 153 -23.47 15.54 -0.79
CA ASP E 153 -23.42 16.93 -0.30
C ASP E 153 -22.30 17.86 -0.81
N ASN E 154 -22.55 19.17 -0.66
CA ASN E 154 -21.64 20.24 -1.10
C ASN E 154 -20.78 20.92 0.00
N GLU E 155 -20.83 20.44 1.24
CA GLU E 155 -20.08 21.06 2.36
C GLU E 155 -18.55 21.11 2.29
N GLU E 156 -17.95 21.89 3.19
CA GLU E 156 -16.48 22.05 3.33
C GLU E 156 -15.78 20.70 3.58
N ILE E 157 -16.43 19.80 4.33
CA ILE E 157 -15.81 18.49 4.69
C ILE E 157 -15.48 17.66 3.44
N ASP E 158 -16.39 17.61 2.47
CA ASP E 158 -16.17 16.79 1.23
C ASP E 158 -15.00 17.37 0.42
N GLU E 159 -14.21 16.51 -0.24
CA GLU E 159 -13.09 17.04 -1.08
C GLU E 159 -13.61 17.58 -2.41
N TRP E 160 -14.77 17.10 -2.89
CA TRP E 160 -15.30 17.54 -4.17
C TRP E 160 -16.67 18.17 -3.96
N TRP E 161 -16.86 19.35 -4.51
CA TRP E 161 -18.15 20.02 -4.53
C TRP E 161 -18.84 19.64 -5.83
N ILE E 162 -20.02 19.04 -5.72
CA ILE E 162 -20.81 18.68 -6.89
C ILE E 162 -21.64 19.88 -7.31
N ARG E 163 -21.47 20.34 -8.55
CA ARG E 163 -22.10 21.56 -9.03
C ARG E 163 -23.28 21.21 -9.93
N GLY E 164 -24.48 21.24 -9.37
CA GLY E 164 -25.68 20.99 -10.14
C GLY E 164 -25.96 19.51 -10.33
N LYS E 165 -27.11 19.24 -10.92
CA LYS E 165 -27.55 17.86 -11.11
C LYS E 165 -26.77 17.22 -12.27
N ALA E 166 -27.01 15.93 -12.46
CA ALA E 166 -26.32 15.18 -13.49
C ALA E 166 -26.91 15.47 -14.86
N SER E 167 -26.11 15.23 -15.89
CA SER E 167 -26.53 15.40 -17.27
C SER E 167 -26.54 14.03 -17.94
N THR E 168 -27.70 13.61 -18.42
CA THR E 168 -27.89 12.30 -19.01
C THR E 168 -28.04 12.42 -20.50
N HIS E 169 -27.83 11.29 -21.19
CA HIS E 169 -27.77 11.29 -22.64
C HIS E 169 -28.02 9.87 -23.14
N ILE E 170 -28.78 9.74 -24.22
CA ILE E 170 -29.07 8.44 -24.81
C ILE E 170 -28.71 8.50 -26.28
N SER E 171 -27.61 7.87 -26.66
CA SER E 171 -27.11 7.92 -28.03
C SER E 171 -27.08 6.51 -28.62
N ASP E 172 -26.63 6.41 -29.86
CA ASP E 172 -26.59 5.13 -30.58
C ASP E 172 -25.18 4.94 -31.15
N ILE E 173 -24.37 4.13 -30.45
CA ILE E 173 -23.01 3.89 -30.89
C ILE E 173 -23.01 2.90 -32.05
N ARG E 174 -22.08 3.08 -32.98
CA ARG E 174 -21.95 2.19 -34.12
C ARG E 174 -20.61 1.47 -34.05
N TYR E 175 -20.64 0.16 -34.23
CA TYR E 175 -19.44 -0.69 -34.25
C TYR E 175 -19.29 -1.28 -35.64
N ASP E 176 -18.22 -0.91 -36.34
CA ASP E 176 -18.03 -1.40 -37.70
C ASP E 176 -17.51 -2.84 -37.74
N HIS E 177 -16.86 -3.31 -36.67
CA HIS E 177 -16.26 -4.63 -36.66
C HIS E 177 -17.29 -5.76 -36.67
N LEU E 178 -18.55 -5.48 -36.34
CA LEU E 178 -19.61 -6.47 -36.49
C LEU E 178 -20.23 -6.45 -37.87
N SER E 179 -19.63 -5.75 -38.82
CA SER E 179 -20.15 -5.72 -40.18
C SER E 179 -19.97 -7.05 -40.89
N SER E 180 -19.03 -7.88 -40.44
CA SER E 180 -18.75 -9.14 -41.09
C SER E 180 -19.71 -10.25 -40.65
N VAL E 181 -20.18 -10.20 -39.41
CA VAL E 181 -21.04 -11.25 -38.88
C VAL E 181 -22.49 -10.83 -38.72
N GLN E 182 -22.78 -9.53 -38.67
CA GLN E 182 -24.15 -9.03 -38.50
C GLN E 182 -24.30 -7.74 -39.29
N PRO E 183 -24.65 -7.83 -40.57
CA PRO E 183 -24.91 -6.61 -41.34
C PRO E 183 -26.24 -5.99 -40.95
N ASN E 184 -26.31 -4.66 -41.16
CA ASN E 184 -27.51 -3.82 -41.03
C ASN E 184 -28.00 -3.65 -39.59
N GLN E 185 -27.41 -4.37 -38.64
CA GLN E 185 -27.80 -4.29 -37.23
C GLN E 185 -26.52 -4.30 -36.39
N ASN E 186 -25.95 -3.12 -36.17
CA ASN E 186 -24.77 -3.03 -35.32
C ASN E 186 -24.82 -1.79 -34.41
N GLU E 187 -25.92 -1.07 -34.38
CA GLU E 187 -26.05 0.12 -33.53
C GLU E 187 -26.50 -0.31 -32.15
N PHE E 188 -25.78 0.11 -31.13
CA PHE E 188 -26.06 -0.24 -29.75
C PHE E 188 -26.51 0.99 -28.99
N SER E 189 -27.57 0.86 -28.21
CA SER E 189 -28.11 2.02 -27.50
C SER E 189 -27.35 2.24 -26.21
N ARG E 190 -26.72 3.42 -26.07
CA ARG E 190 -25.88 3.71 -24.88
C ARG E 190 -26.47 4.88 -24.07
N ILE E 191 -26.41 4.78 -22.74
CA ILE E 191 -26.89 5.84 -21.81
C ILE E 191 -25.67 6.45 -21.11
N THR E 192 -25.47 7.76 -21.19
CA THR E 192 -24.30 8.44 -20.58
C THR E 192 -24.73 9.31 -19.41
N VAL E 193 -23.87 9.46 -18.40
CA VAL E 193 -24.19 10.27 -17.23
C VAL E 193 -22.95 11.06 -16.85
N ARG E 194 -23.10 12.38 -16.75
CA ARG E 194 -21.99 13.26 -16.39
C ARG E 194 -22.33 14.02 -15.13
N ILE E 195 -21.39 14.04 -14.18
CA ILE E 195 -21.55 14.72 -12.91
C ILE E 195 -20.36 15.65 -12.73
N ASP E 196 -20.59 16.96 -12.74
CA ASP E 196 -19.49 17.90 -12.64
C ASP E 196 -19.04 18.04 -11.20
N ALA E 197 -17.76 18.36 -11.00
CA ALA E 197 -17.23 18.47 -9.66
C ALA E 197 -16.05 19.43 -9.66
N VAL E 198 -15.91 20.17 -8.57
CA VAL E 198 -14.81 21.11 -8.37
C VAL E 198 -14.05 20.69 -7.13
N ARG E 199 -12.72 20.76 -7.18
CA ARG E 199 -11.91 20.37 -6.04
C ARG E 199 -12.01 21.42 -4.94
N ASN E 200 -11.81 20.97 -3.70
CA ASN E 200 -11.75 21.85 -2.53
C ASN E 200 -10.33 22.37 -2.35
N PRO E 201 -10.06 23.63 -2.69
CA PRO E 201 -8.68 24.11 -2.72
C PRO E 201 -8.20 24.71 -1.43
N SER E 202 -8.87 24.47 -0.30
CA SER E 202 -8.52 25.15 0.94
C SER E 202 -7.21 24.63 1.51
N TYR E 203 -7.05 23.32 1.58
CA TYR E 203 -5.85 22.73 2.15
C TYR E 203 -4.64 23.04 1.28
N TYR E 204 -4.83 23.11 -0.03
CA TYR E 204 -3.72 23.39 -0.92
C TYR E 204 -3.48 24.88 -1.09
N LEU E 205 -4.34 25.73 -0.54
CA LEU E 205 -4.07 27.15 -0.52
C LEU E 205 -3.42 27.61 0.77
N TRP E 206 -3.77 26.98 1.89
CA TRP E 206 -3.19 27.45 3.15
C TRP E 206 -1.86 26.82 3.48
N SER E 207 -1.62 25.58 3.04
CA SER E 207 -0.42 24.88 3.44
C SER E 207 0.63 24.76 2.34
N PHE E 208 0.31 25.14 1.12
CA PHE E 208 1.31 24.97 0.07
C PHE E 208 1.61 26.25 -0.69
N ILE E 209 0.61 27.10 -0.92
CA ILE E 209 0.85 28.33 -1.67
C ILE E 209 1.39 29.43 -0.78
N LEU E 210 0.84 29.61 0.41
CA LEU E 210 1.21 30.70 1.30
C LEU E 210 2.63 30.56 1.87
N PRO E 211 3.05 29.41 2.43
CA PRO E 211 4.45 29.34 2.90
C PRO E 211 5.47 29.35 1.78
N LEU E 212 5.14 28.86 0.59
CA LEU E 212 6.06 28.97 -0.52
C LEU E 212 6.19 30.43 -0.96
N GLY E 213 5.08 31.16 -0.97
CA GLY E 213 5.17 32.58 -1.24
C GLY E 213 6.00 33.31 -0.22
N LEU E 214 5.87 32.94 1.06
CA LEU E 214 6.67 33.57 2.09
C LEU E 214 8.15 33.24 1.95
N ILE E 215 8.47 32.01 1.54
CA ILE E 215 9.87 31.63 1.37
C ILE E 215 10.49 32.38 0.20
N ILE E 216 9.76 32.48 -0.92
CA ILE E 216 10.28 33.22 -2.07
C ILE E 216 10.42 34.70 -1.74
N ALA E 217 9.47 35.25 -0.97
CA ALA E 217 9.53 36.66 -0.63
C ALA E 217 10.63 36.96 0.37
N ALA E 218 10.97 36.01 1.24
CA ALA E 218 12.05 36.24 2.20
C ALA E 218 13.41 35.91 1.60
N SER E 219 13.44 35.15 0.51
CA SER E 219 14.71 34.88 -0.16
C SER E 219 15.27 36.11 -0.84
N TRP E 220 14.42 37.11 -1.12
CA TRP E 220 14.88 38.30 -1.81
C TRP E 220 15.69 39.20 -0.90
N SER E 221 15.54 39.05 0.41
CA SER E 221 16.22 39.92 1.35
C SER E 221 17.56 39.37 1.76
N VAL E 222 18.37 38.97 0.78
CA VAL E 222 19.78 38.68 1.01
C VAL E 222 20.67 39.77 0.44
N PHE E 223 20.12 40.69 -0.34
CA PHE E 223 20.87 41.84 -0.80
C PHE E 223 20.95 42.95 0.24
N TRP E 224 20.39 42.74 1.42
CA TRP E 224 20.59 43.68 2.51
C TRP E 224 21.86 43.40 3.29
N LEU E 225 22.42 42.20 3.15
CA LEU E 225 23.67 41.89 3.83
C LEU E 225 24.81 42.69 3.21
N GLU E 226 25.84 42.97 4.03
CA GLU E 226 26.88 43.90 3.64
C GLU E 226 27.99 43.24 2.82
N SER E 227 28.56 42.15 3.31
CA SER E 227 29.71 41.54 2.66
C SER E 227 29.25 40.69 1.48
N PHE E 228 30.16 39.87 0.96
CA PHE E 228 29.86 38.99 -0.16
C PHE E 228 29.76 37.53 0.21
N SER E 229 30.59 37.06 1.16
CA SER E 229 30.53 35.66 1.54
C SER E 229 29.24 35.34 2.29
N GLU E 230 28.72 36.31 3.05
CA GLU E 230 27.47 36.10 3.76
C GLU E 230 26.31 35.93 2.80
N ARG E 231 26.31 36.71 1.70
CA ARG E 231 25.28 36.57 0.68
C ARG E 231 25.28 35.18 0.07
N LEU E 232 26.47 34.66 -0.25
CA LEU E 232 26.54 33.36 -0.89
C LEU E 232 26.13 32.24 0.07
N GLN E 233 26.64 32.26 1.30
CA GLN E 233 26.28 31.21 2.25
C GLN E 233 24.78 31.24 2.57
N THR E 234 24.21 32.44 2.67
CA THR E 234 22.78 32.54 2.90
C THR E 234 21.98 32.05 1.71
N SER E 235 22.47 32.29 0.49
CA SER E 235 21.77 31.80 -0.70
C SER E 235 21.80 30.28 -0.77
N PHE E 236 22.90 29.67 -0.34
CA PHE E 236 22.95 28.21 -0.36
C PHE E 236 22.03 27.61 0.70
N THR E 237 21.93 28.25 1.87
CA THR E 237 20.95 27.83 2.86
C THR E 237 19.52 27.94 2.32
N LEU E 238 19.24 29.00 1.56
CA LEU E 238 17.90 29.15 1.00
C LEU E 238 17.63 28.13 -0.09
N MET E 239 18.65 27.74 -0.85
CA MET E 239 18.45 26.72 -1.86
C MET E 239 18.16 25.36 -1.23
N LEU E 240 18.83 25.06 -0.10
CA LEU E 240 18.47 23.84 0.63
C LEU E 240 17.05 23.93 1.19
N THR E 241 16.62 25.12 1.60
CA THR E 241 15.24 25.29 2.04
C THR E 241 14.25 24.98 0.92
N VAL E 242 14.53 25.45 -0.29
CA VAL E 242 13.61 25.22 -1.40
C VAL E 242 13.60 23.74 -1.81
N VAL E 243 14.74 23.06 -1.69
CA VAL E 243 14.76 21.62 -1.97
C VAL E 243 13.93 20.85 -0.94
N ALA E 244 14.08 21.22 0.34
CA ALA E 244 13.27 20.57 1.37
C ALA E 244 11.79 20.86 1.20
N TYR E 245 11.45 22.04 0.69
CA TYR E 245 10.04 22.34 0.46
C TYR E 245 9.50 21.57 -0.73
N ALA E 246 10.30 21.40 -1.78
CA ALA E 246 9.88 20.61 -2.93
C ALA E 246 9.64 19.17 -2.51
N PHE E 247 10.46 18.66 -1.60
CA PHE E 247 10.22 17.34 -1.03
C PHE E 247 8.92 17.29 -0.22
N TYR E 248 8.69 18.28 0.64
CA TYR E 248 7.49 18.28 1.47
C TYR E 248 6.23 18.32 0.61
N THR E 249 6.27 19.03 -0.52
CA THR E 249 5.11 18.99 -1.41
C THR E 249 5.04 17.69 -2.20
N SER E 250 6.19 17.04 -2.42
CA SER E 250 6.18 15.82 -3.22
C SER E 250 5.67 14.63 -2.43
N ASN E 251 5.68 14.74 -1.11
CA ASN E 251 5.20 13.63 -0.24
C ASN E 251 3.66 13.67 -0.16
N ILE E 252 3.11 14.79 0.33
CA ILE E 252 1.63 14.95 0.49
C ILE E 252 1.02 15.50 -0.80
N LEU E 253 1.09 14.75 -1.91
CA LEU E 253 0.51 15.20 -3.20
C LEU E 253 0.20 13.99 -4.09
N PRO E 254 -0.66 14.14 -5.12
CA PRO E 254 -0.99 13.03 -6.03
C PRO E 254 -0.03 12.98 -7.22
N ARG E 255 0.50 11.81 -7.54
CA ARG E 255 1.43 11.68 -8.66
C ARG E 255 0.77 12.01 -9.97
N LEU E 256 1.52 12.63 -10.87
CA LEU E 256 1.01 13.00 -12.22
C LEU E 256 2.16 12.90 -13.22
N PRO E 257 1.89 12.74 -14.54
CA PRO E 257 2.95 12.69 -15.54
C PRO E 257 3.25 14.09 -16.11
N TYR E 258 2.48 15.08 -15.68
CA TYR E 258 2.64 16.49 -16.13
C TYR E 258 2.70 17.40 -14.88
N THR E 259 3.24 18.60 -15.03
CA THR E 259 3.40 19.55 -13.88
C THR E 259 2.09 20.26 -13.56
N THR E 260 1.85 20.46 -12.26
CA THR E 260 0.73 21.18 -11.66
C THR E 260 1.04 22.67 -11.60
N VAL E 261 0.20 23.42 -10.89
CA VAL E 261 0.47 24.83 -10.62
C VAL E 261 1.55 24.93 -9.55
N ILE E 262 1.46 24.10 -8.52
CA ILE E 262 2.45 24.13 -7.45
C ILE E 262 3.83 23.69 -7.94
N ASP E 263 3.87 22.82 -8.94
CA ASP E 263 5.16 22.50 -9.52
C ASP E 263 5.66 23.54 -10.49
N GLN E 264 4.83 24.51 -10.90
CA GLN E 264 5.40 25.70 -11.52
C GLN E 264 5.95 26.63 -10.46
N MET E 265 5.30 26.69 -9.30
CA MET E 265 5.76 27.61 -8.26
C MET E 265 7.07 27.14 -7.65
N ILE E 266 7.30 25.83 -7.58
CA ILE E 266 8.58 25.33 -7.06
C ILE E 266 9.72 25.68 -8.01
N ILE E 267 9.48 25.54 -9.32
CA ILE E 267 10.50 25.91 -10.28
C ILE E 267 10.69 27.43 -10.31
N ALA E 268 9.63 28.19 -10.01
CA ALA E 268 9.80 29.64 -9.85
C ALA E 268 10.67 29.96 -8.65
N GLY E 269 10.54 29.18 -7.57
CA GLY E 269 11.42 29.37 -6.43
C GLY E 269 12.87 29.06 -6.74
N TYR E 270 13.10 27.97 -7.48
CA TYR E 270 14.45 27.65 -7.94
C TYR E 270 15.01 28.75 -8.82
N GLY E 271 14.18 29.30 -9.71
CA GLY E 271 14.63 30.37 -10.57
C GLY E 271 14.96 31.63 -9.82
N SER E 272 14.19 31.94 -8.78
CA SER E 272 14.48 33.11 -7.96
C SER E 272 15.78 32.94 -7.20
N ILE E 273 16.01 31.74 -6.64
CA ILE E 273 17.27 31.48 -5.92
C ILE E 273 18.46 31.58 -6.86
N PHE E 274 18.36 30.99 -8.05
CA PHE E 274 19.49 31.01 -8.96
C PHE E 274 19.72 32.39 -9.56
N ALA E 275 18.65 33.16 -9.80
CA ALA E 275 18.85 34.53 -10.25
C ALA E 275 19.46 35.39 -9.17
N ALA E 276 19.14 35.12 -7.90
CA ALA E 276 19.80 35.84 -6.80
C ALA E 276 21.27 35.50 -6.73
N ILE E 277 21.63 34.23 -6.94
CA ILE E 277 23.05 33.86 -6.92
C ILE E 277 23.78 34.48 -8.10
N LEU E 278 23.16 34.49 -9.28
CA LEU E 278 23.77 35.12 -10.44
C LEU E 278 23.98 36.62 -10.23
N LEU E 279 22.98 37.29 -9.68
CA LEU E 279 23.10 38.72 -9.43
C LEU E 279 24.14 39.02 -8.37
N ILE E 280 24.29 38.13 -7.39
CA ILE E 280 25.30 38.32 -6.35
C ILE E 280 26.71 38.20 -6.94
N ILE E 281 26.92 37.17 -7.76
CA ILE E 281 28.23 36.99 -8.37
C ILE E 281 28.55 38.12 -9.34
N PHE E 282 27.54 38.60 -10.07
CA PHE E 282 27.78 39.68 -11.01
C PHE E 282 28.03 41.00 -10.29
N ALA E 283 27.31 41.27 -9.20
CA ALA E 283 27.48 42.52 -8.49
C ALA E 283 28.78 42.55 -7.70
N HIS E 284 29.26 41.41 -7.24
CA HIS E 284 30.60 41.36 -6.65
C HIS E 284 31.66 41.48 -7.74
N HIS E 285 31.43 40.83 -8.87
CA HIS E 285 32.48 40.68 -9.88
C HIS E 285 32.71 41.94 -10.70
N ARG E 286 32.00 43.03 -10.43
CA ARG E 286 32.29 44.29 -11.08
C ARG E 286 33.45 44.94 -10.32
N GLN E 287 34.67 44.52 -10.67
CA GLN E 287 35.90 45.06 -10.10
C GLN E 287 36.89 45.32 -11.23
N ALA E 288 37.75 46.33 -11.03
CA ALA E 288 38.75 46.65 -12.03
C ALA E 288 39.87 45.61 -12.04
N ASN E 289 40.38 45.25 -10.86
CA ASN E 289 41.31 44.15 -10.72
C ASN E 289 41.00 43.21 -9.57
N GLY E 290 40.11 43.57 -8.65
CA GLY E 290 39.76 42.69 -7.55
C GLY E 290 39.54 43.38 -6.22
N VAL E 291 39.74 44.70 -6.18
CA VAL E 291 39.60 45.46 -4.95
C VAL E 291 38.44 46.44 -4.98
N GLU E 292 37.89 46.76 -6.15
CA GLU E 292 36.85 47.76 -6.26
C GLU E 292 35.50 47.21 -5.83
N ASP E 293 34.87 47.89 -4.87
CA ASP E 293 33.56 47.49 -4.38
C ASP E 293 32.49 47.95 -5.35
N ASP E 294 31.23 47.65 -5.06
CA ASP E 294 30.15 48.02 -5.97
C ASP E 294 28.86 48.21 -5.19
N LEU E 295 28.02 49.12 -5.68
CA LEU E 295 26.69 49.34 -5.15
C LEU E 295 25.61 49.46 -6.24
N LEU E 296 26.01 49.68 -7.50
CA LEU E 296 25.08 50.12 -8.54
C LEU E 296 24.04 49.06 -8.86
N ILE E 297 24.48 47.83 -9.19
CA ILE E 297 23.53 46.76 -9.48
C ILE E 297 22.82 46.27 -8.24
N GLN E 298 23.24 46.69 -7.05
CA GLN E 298 22.59 46.33 -5.81
C GLN E 298 21.43 47.26 -5.46
N ARG E 299 20.95 48.04 -6.43
CA ARG E 299 19.67 48.71 -6.32
C ARG E 299 18.50 47.79 -6.62
N CYS E 300 18.76 46.50 -6.87
CA CYS E 300 17.75 45.51 -7.17
C CYS E 300 17.16 44.85 -5.93
N ARG E 301 17.29 45.50 -4.77
CA ARG E 301 16.58 45.06 -3.58
C ARG E 301 15.10 45.43 -3.63
N LEU E 302 14.72 46.35 -4.50
CA LEU E 302 13.34 46.76 -4.65
C LEU E 302 12.78 46.54 -6.06
N ALA E 303 13.62 46.19 -7.03
CA ALA E 303 13.18 46.05 -8.42
C ALA E 303 13.21 44.61 -8.92
N PHE E 304 14.26 43.85 -8.59
CA PHE E 304 14.28 42.43 -8.93
C PHE E 304 13.17 41.63 -8.23
N PRO E 305 12.77 41.93 -6.98
CA PRO E 305 11.45 41.44 -6.52
C PRO E 305 10.31 41.76 -7.46
N LEU E 306 10.19 43.02 -7.89
CA LEU E 306 9.11 43.41 -8.80
C LEU E 306 9.30 42.77 -10.17
N GLY E 307 10.56 42.56 -10.59
CA GLY E 307 10.80 41.92 -11.87
C GLY E 307 10.33 40.47 -11.89
N PHE E 308 10.74 39.68 -10.89
CA PHE E 308 10.29 38.30 -10.88
C PHE E 308 8.82 38.17 -10.50
N LEU E 309 8.27 39.15 -9.77
CA LEU E 309 6.83 39.13 -9.53
C LEU E 309 6.05 39.46 -10.80
N ALA E 310 6.61 40.31 -11.66
CA ALA E 310 5.99 40.57 -12.96
C ALA E 310 6.07 39.34 -13.85
N ILE E 311 7.19 38.61 -13.79
CA ILE E 311 7.32 37.37 -14.55
C ILE E 311 6.29 36.34 -14.07
N GLY E 312 6.11 36.23 -12.74
CA GLY E 312 5.12 35.31 -12.21
C GLY E 312 3.70 35.70 -12.54
N CYS E 313 3.38 36.99 -12.46
CA CYS E 313 2.02 37.45 -12.77
C CYS E 313 1.73 37.38 -14.26
N VAL E 314 2.76 37.47 -15.10
CA VAL E 314 2.57 37.21 -16.53
C VAL E 314 2.35 35.72 -16.77
N LEU E 315 3.09 34.86 -16.04
CA LEU E 315 2.92 33.42 -16.18
C LEU E 315 1.56 32.96 -15.66
N VAL E 316 0.94 33.71 -14.76
CA VAL E 316 -0.45 33.44 -14.39
C VAL E 316 -1.37 33.71 -15.57
N ILE E 317 -1.24 34.87 -16.18
CA ILE E 317 -2.08 35.25 -17.32
C ILE E 317 -1.64 34.48 -18.57
#